data_9HJ6
#
_entry.id   9HJ6
#
_cell.length_a   1.00
_cell.length_b   1.00
_cell.length_c   1.00
_cell.angle_alpha   90.00
_cell.angle_beta   90.00
_cell.angle_gamma   90.00
#
loop_
_entity.id
_entity.type
_entity.pdbx_description
1 polymer Mucolipin-1
2 branched 2-acetamido-2-deoxy-beta-D-glucopyranose-(1-4)-2-acetamido-2-deoxy-beta-D-glucopyranose
3 non-polymer '(2R)-3-{[(S)-hydroxy{[(1S,2R,3R,4S,5S,6R)-2,4,6-trihydroxy-3,5-bis(phosphonooxy)cyclohexyl]oxy}phosphoryl]oxy}propane-1,2-diyl dioctanoate'
4 non-polymer N4-(3-chloranyl-2-piperidin-1-yl-phenyl)-N1,N1-dimethyl-benzene-1,4-disulfonamide
5 non-polymer HEXANE
6 non-polymer HEXADECANE
7 non-polymer N-OCTANE
8 water water
#
_entity_poly.entity_id   1
_entity_poly.type   'polypeptide(L)'
_entity_poly.pdbx_seq_one_letter_code
;MHHHHHHHHGGSDYKDHDGDYKDHDIDYKDDDDKGGSGGSENLYFQGPGTAPAGPRGSETERLLTPNPGYGTQAGPSPAP
PTPPEEEDLRRRLKYFFMSPCDKFRAKGRKPCKLMLQVVKILVVTVQLILFGLSNQLAVTFREENTIAFRHLFLLGYSDG
ADDTFAAYTREQLYQAIFHAVDQYLALPDVSLGRYAYVRGGGDPWTNGSGLALCQRYYHRGHVDPANDTFDIDPMVVTDC
IQVDPPERPPPPPSDDLTLLESSSSYKNLTLKFHKLVNVTIHFRLKTINLQSLINNEIPDCYTFSVLITFDNKAHSGRIP
ISLETQAHIQECKHPSVFQHGDNSFRLLFDVVVILTCSLSFLLCARSLLRGFLLQNEFVGFMWRQRGRVISLWERLEFVN
GWYILLVTSDVLTISGTIMKIGIEAKNLASYDVCSILLGTSTLLVWVGVIRYLTFFHNYNILIATLRVALPSVMRFCCCV
AVIYLGYCFCGWIVLGPYHVKFRSLSMVSECLFSLINGDDMFVTFAAMQAQQGRSSLVWLFSQLYLYSFISLFIYMVLSL
FIALITGAYDTIKHPGGAGAEESELQAYIAQCQDSPTSGKFRRGSGSACSLLCCCGRDPSEEHSLLVN
;
_entity_poly.pdbx_strand_id   A,B,C,D
#
loop_
_chem_comp.id
_chem_comp.type
_chem_comp.name
_chem_comp.formula
A1IVC non-polymer N4-(3-chloranyl-2-piperidin-1-yl-phenyl)-N1,N1-dimethyl-benzene-1,4-disulfonamide 'C19 H24 Cl N3 O4 S2'
EUJ non-polymer '(2R)-3-{[(S)-hydroxy{[(1S,2R,3R,4S,5S,6R)-2,4,6-trihydroxy-3,5-bis(phosphonooxy)cyclohexyl]oxy}phosphoryl]oxy}propane-1,2-diyl dioctanoate' 'C25 H49 O19 P3'
HEX non-polymer HEXANE 'C6 H14'
NAG D-saccharide, beta linking 2-acetamido-2-deoxy-beta-D-glucopyranose 'C8 H15 N O6'
OCT non-polymer N-OCTANE 'C8 H18'
R16 non-polymer HEXADECANE 'C16 H34'
#
# COMPACT_ATOMS: atom_id res chain seq x y z
N LEU A 89 -28.95 -0.05 57.60
CA LEU A 89 -27.90 0.50 56.76
C LEU A 89 -27.50 -0.49 55.67
N ARG A 90 -27.39 -1.76 56.04
CA ARG A 90 -27.02 -2.77 55.06
C ARG A 90 -28.02 -2.82 53.90
N ARG A 91 -29.32 -2.67 54.21
CA ARG A 91 -30.31 -2.65 53.15
C ARG A 91 -30.10 -1.46 52.21
N ARG A 92 -29.82 -0.29 52.77
CA ARG A 92 -29.61 0.90 51.93
C ARG A 92 -28.34 0.76 51.10
N LEU A 93 -27.26 0.24 51.69
CA LEU A 93 -26.05 0.01 50.92
C LEU A 93 -26.28 -0.98 49.79
N LYS A 94 -27.03 -2.05 50.07
CA LYS A 94 -27.35 -3.02 49.03
C LYS A 94 -28.18 -2.38 47.92
N TYR A 95 -29.15 -1.54 48.30
CA TYR A 95 -29.98 -0.87 47.30
C TYR A 95 -29.14 0.05 46.43
N PHE A 96 -28.16 0.73 47.02
CA PHE A 96 -27.37 1.70 46.27
C PHE A 96 -26.68 1.05 45.07
N PHE A 97 -26.42 -0.26 45.13
CA PHE A 97 -25.67 -0.96 44.10
C PHE A 97 -26.56 -1.85 43.22
N MET A 98 -27.88 -1.76 43.36
CA MET A 98 -28.78 -2.56 42.56
C MET A 98 -28.91 -2.01 41.14
N SER A 99 -29.23 -2.89 40.21
CA SER A 99 -29.39 -2.50 38.82
C SER A 99 -30.70 -1.75 38.63
N PRO A 100 -30.85 -1.02 37.52
CA PRO A 100 -32.08 -0.25 37.31
C PRO A 100 -33.33 -1.10 37.36
N CYS A 101 -33.31 -2.29 36.76
CA CYS A 101 -34.46 -3.18 36.84
C CYS A 101 -34.70 -3.63 38.28
N ASP A 102 -33.62 -3.96 39.00
CA ASP A 102 -33.75 -4.36 40.40
C ASP A 102 -34.28 -3.20 41.24
N LYS A 103 -33.80 -1.98 40.99
CA LYS A 103 -34.30 -0.82 41.73
C LYS A 103 -35.77 -0.59 41.45
N PHE A 104 -36.19 -0.74 40.19
CA PHE A 104 -37.60 -0.60 39.86
C PHE A 104 -38.44 -1.67 40.55
N ARG A 105 -37.94 -2.90 40.60
CA ARG A 105 -38.66 -3.96 41.29
C ARG A 105 -38.79 -3.64 42.77
N ALA A 106 -37.74 -3.11 43.39
CA ALA A 106 -37.78 -2.86 44.82
C ALA A 106 -38.67 -1.67 45.16
N LYS A 107 -38.31 -0.48 44.66
CA LYS A 107 -39.00 0.75 45.02
C LYS A 107 -39.94 1.27 43.94
N GLY A 108 -40.01 0.61 42.79
CA GLY A 108 -40.81 1.14 41.70
C GLY A 108 -40.19 2.34 41.01
N ARG A 109 -38.92 2.61 41.25
CA ARG A 109 -38.27 3.78 40.66
C ARG A 109 -38.26 3.68 39.14
N LYS A 110 -38.60 4.78 38.48
CA LYS A 110 -38.57 4.81 37.03
C LYS A 110 -37.16 5.16 36.54
N PRO A 111 -36.68 4.55 35.44
CA PRO A 111 -35.30 4.81 34.99
C PRO A 111 -35.20 6.01 34.04
N CYS A 112 -35.33 7.22 34.61
CA CYS A 112 -35.27 8.42 33.79
C CYS A 112 -33.89 8.63 33.19
N LYS A 113 -32.84 8.26 33.91
CA LYS A 113 -31.49 8.46 33.39
C LYS A 113 -31.25 7.65 32.13
N LEU A 114 -31.78 6.43 32.06
CA LEU A 114 -31.59 5.60 30.87
C LEU A 114 -32.26 6.21 29.65
N MET A 115 -33.53 6.64 29.81
CA MET A 115 -34.22 7.29 28.70
C MET A 115 -33.52 8.57 28.30
N LEU A 116 -33.02 9.32 29.28
CA LEU A 116 -32.27 10.53 28.99
C LEU A 116 -31.02 10.21 28.18
N GLN A 117 -30.33 9.12 28.52
CA GLN A 117 -29.13 8.76 27.78
C GLN A 117 -29.46 8.41 26.33
N VAL A 118 -30.54 7.67 26.11
CA VAL A 118 -30.93 7.33 24.74
C VAL A 118 -31.28 8.59 23.95
N VAL A 119 -32.10 9.45 24.55
CA VAL A 119 -32.48 10.70 23.89
C VAL A 119 -31.25 11.54 23.59
N LYS A 120 -30.30 11.57 24.54
CA LYS A 120 -29.08 12.35 24.33
C LYS A 120 -28.27 11.79 23.17
N ILE A 121 -28.14 10.47 23.08
CA ILE A 121 -27.43 9.90 21.94
C ILE A 121 -28.04 10.41 20.65
N LEU A 122 -29.37 10.29 20.55
CA LEU A 122 -30.03 10.68 19.31
C LEU A 122 -29.80 12.15 18.99
N VAL A 123 -30.11 13.03 19.94
CA VAL A 123 -30.10 14.47 19.66
C VAL A 123 -28.69 14.98 19.45
N VAL A 124 -27.73 14.49 20.25
CA VAL A 124 -26.35 14.93 20.11
C VAL A 124 -25.78 14.51 18.76
N THR A 125 -26.08 13.28 18.32
CA THR A 125 -25.60 12.87 17.01
C THR A 125 -26.20 13.71 15.91
N VAL A 126 -27.51 13.99 15.99
CA VAL A 126 -28.15 14.80 14.97
C VAL A 126 -27.53 16.20 14.95
N GLN A 127 -27.30 16.78 16.12
CA GLN A 127 -26.69 18.10 16.19
C GLN A 127 -25.30 18.09 15.59
N LEU A 128 -24.52 17.05 15.85
CA LEU A 128 -23.19 16.97 15.27
C LEU A 128 -23.25 16.96 13.75
N ILE A 129 -24.18 16.19 13.17
CA ILE A 129 -24.29 16.14 11.72
C ILE A 129 -24.71 17.51 11.16
N LEU A 130 -25.69 18.15 11.80
CA LEU A 130 -26.16 19.45 11.32
C LEU A 130 -25.05 20.48 11.37
N PHE A 131 -24.22 20.46 12.42
CA PHE A 131 -23.07 21.36 12.45
C PHE A 131 -22.06 21.01 11.36
N GLY A 132 -21.83 19.72 11.14
CA GLY A 132 -20.89 19.30 10.12
C GLY A 132 -21.23 19.87 8.76
N LEU A 133 -22.51 20.08 8.48
CA LEU A 133 -22.88 20.73 7.22
C LEU A 133 -22.11 22.05 7.03
N SER A 134 -22.30 22.99 7.96
CA SER A 134 -21.67 24.31 7.81
C SER A 134 -20.16 24.24 7.97
N ASN A 135 -19.67 23.34 8.83
CA ASN A 135 -18.23 23.16 8.96
C ASN A 135 -17.61 22.77 7.63
N GLN A 136 -18.24 21.81 6.94
CA GLN A 136 -17.78 21.39 5.63
C GLN A 136 -17.83 22.56 4.64
N LEU A 137 -18.90 23.35 4.68
CA LEU A 137 -18.97 24.49 3.78
C LEU A 137 -17.76 25.41 3.95
N ALA A 138 -17.44 25.75 5.19
CA ALA A 138 -16.31 26.66 5.43
C ALA A 138 -14.99 26.05 4.95
N VAL A 139 -14.74 24.79 5.32
CA VAL A 139 -13.46 24.16 4.97
C VAL A 139 -13.32 24.07 3.46
N THR A 140 -14.40 23.68 2.78
CA THR A 140 -14.36 23.56 1.32
C THR A 140 -14.08 24.91 0.67
N PHE A 141 -14.73 25.97 1.15
CA PHE A 141 -14.46 27.28 0.58
C PHE A 141 -12.97 27.62 0.67
N ARG A 142 -12.39 27.44 1.87
CA ARG A 142 -10.98 27.77 2.03
C ARG A 142 -10.11 26.97 1.06
N GLU A 143 -10.28 25.64 1.06
CA GLU A 143 -9.38 24.81 0.26
C GLU A 143 -9.54 25.05 -1.24
N GLU A 144 -10.79 25.18 -1.70
CA GLU A 144 -11.01 25.40 -3.13
C GLU A 144 -10.41 26.73 -3.58
N ASN A 145 -10.56 27.77 -2.76
CA ASN A 145 -9.95 29.04 -3.12
C ASN A 145 -8.44 28.92 -3.18
N THR A 146 -7.84 28.18 -2.24
CA THR A 146 -6.38 28.03 -2.26
C THR A 146 -5.92 27.30 -3.52
N ILE A 147 -6.64 26.25 -3.92
CA ILE A 147 -6.26 25.52 -5.14
C ILE A 147 -6.39 26.43 -6.35
N ALA A 148 -7.47 27.22 -6.42
CA ALA A 148 -7.64 28.15 -7.53
C ALA A 148 -6.49 29.15 -7.57
N PHE A 149 -6.05 29.64 -6.41
CA PHE A 149 -4.93 30.57 -6.37
C PHE A 149 -3.66 29.92 -6.90
N ARG A 150 -3.41 28.66 -6.52
CA ARG A 150 -2.23 27.97 -7.02
C ARG A 150 -2.28 27.86 -8.55
N HIS A 151 -3.45 27.56 -9.10
CA HIS A 151 -3.54 27.47 -10.56
C HIS A 151 -3.46 28.83 -11.23
N LEU A 152 -3.85 29.90 -10.54
CA LEU A 152 -3.85 31.22 -11.17
C LEU A 152 -2.47 31.87 -11.14
N PHE A 153 -1.72 31.73 -10.04
CA PHE A 153 -0.55 32.55 -9.80
C PHE A 153 0.78 31.83 -9.99
N LEU A 154 0.81 30.50 -9.95
CA LEU A 154 2.05 29.74 -10.09
C LEU A 154 2.19 29.29 -11.54
N LEU A 155 3.24 29.77 -12.20
CA LEU A 155 3.43 29.51 -13.62
C LEU A 155 3.74 28.02 -13.86
N GLY A 156 2.94 27.39 -14.71
CA GLY A 156 3.16 26.00 -15.03
C GLY A 156 2.81 25.02 -13.94
N TYR A 157 1.98 25.43 -12.98
CA TYR A 157 1.60 24.55 -11.88
C TYR A 157 0.60 23.51 -12.36
N SER A 158 0.72 22.30 -11.78
CA SER A 158 -0.25 21.24 -12.03
C SER A 158 -0.53 20.53 -10.71
N ASP A 159 -1.69 19.90 -10.62
CA ASP A 159 -2.09 19.22 -9.39
C ASP A 159 -1.12 18.10 -9.06
N GLY A 160 -0.79 17.98 -7.78
CA GLY A 160 0.10 16.94 -7.30
C GLY A 160 1.57 17.30 -7.32
N ALA A 161 1.93 18.50 -7.77
CA ALA A 161 3.33 18.91 -7.88
C ALA A 161 3.77 19.82 -6.75
N ASP A 162 3.00 19.91 -5.67
CA ASP A 162 3.32 20.86 -4.61
C ASP A 162 4.69 20.59 -4.00
N ASP A 163 5.02 19.32 -3.78
CA ASP A 163 6.23 18.98 -3.05
C ASP A 163 7.50 19.12 -3.89
N THR A 164 7.39 19.16 -5.22
CA THR A 164 8.57 19.28 -6.08
C THR A 164 8.61 20.56 -6.89
N PHE A 165 7.56 21.37 -6.88
CA PHE A 165 7.51 22.60 -7.68
C PHE A 165 8.68 23.51 -7.33
N ALA A 166 9.52 23.81 -8.31
CA ALA A 166 10.73 24.59 -8.06
C ALA A 166 11.24 25.18 -9.35
N ALA A 167 12.07 26.21 -9.23
CA ALA A 167 12.77 26.82 -10.34
C ALA A 167 14.24 26.41 -10.31
N TYR A 168 14.86 26.39 -11.50
CA TYR A 168 16.23 25.94 -11.63
C TYR A 168 17.12 26.86 -12.45
N THR A 169 16.57 27.85 -13.14
CA THR A 169 17.36 28.84 -13.85
C THR A 169 16.88 30.23 -13.47
N ARG A 170 17.75 31.22 -13.69
CA ARG A 170 17.38 32.60 -13.41
C ARG A 170 16.16 33.02 -14.23
N GLU A 171 16.12 32.58 -15.49
CA GLU A 171 15.01 32.93 -16.36
C GLU A 171 13.71 32.34 -15.85
N GLN A 172 13.74 31.10 -15.36
CA GLN A 172 12.55 30.49 -14.79
C GLN A 172 12.04 31.29 -13.60
N LEU A 173 12.95 31.70 -12.71
CA LEU A 173 12.54 32.44 -11.52
C LEU A 173 11.94 33.79 -11.89
N TYR A 174 12.58 34.52 -12.80
CA TYR A 174 12.03 35.80 -13.23
C TYR A 174 10.65 35.62 -13.87
N GLN A 175 10.51 34.60 -14.72
CA GLN A 175 9.23 34.36 -15.36
C GLN A 175 8.15 34.04 -14.34
N ALA A 176 8.48 33.22 -13.33
CA ALA A 176 7.49 32.88 -12.32
C ALA A 176 7.05 34.11 -11.54
N ILE A 177 8.01 34.95 -11.12
CA ILE A 177 7.67 36.13 -10.34
C ILE A 177 6.80 37.09 -11.16
N PHE A 178 7.21 37.35 -12.40
CA PHE A 178 6.45 38.27 -13.23
C PHE A 178 5.07 37.69 -13.58
N HIS A 179 4.98 36.38 -13.76
CA HIS A 179 3.68 35.77 -14.00
C HIS A 179 2.75 35.97 -12.81
N ALA A 180 3.27 35.78 -11.61
CA ALA A 180 2.44 35.98 -10.42
C ALA A 180 1.93 37.42 -10.36
N VAL A 181 2.82 38.40 -10.55
CA VAL A 181 2.39 39.79 -10.46
C VAL A 181 1.40 40.12 -11.57
N ASP A 182 1.66 39.65 -12.79
CA ASP A 182 0.78 39.95 -13.91
C ASP A 182 -0.60 39.34 -13.70
N GLN A 183 -0.66 38.11 -13.19
CA GLN A 183 -1.95 37.50 -12.90
C GLN A 183 -2.69 38.26 -11.80
N TYR A 184 -1.96 38.72 -10.79
CA TYR A 184 -2.59 39.56 -9.78
C TYR A 184 -3.23 40.78 -10.40
N LEU A 185 -2.53 41.41 -11.35
CA LEU A 185 -3.07 42.63 -11.97
C LEU A 185 -4.19 42.31 -12.95
N ALA A 186 -4.23 41.11 -13.51
CA ALA A 186 -5.23 40.72 -14.49
C ALA A 186 -6.43 40.00 -13.87
N LEU A 187 -6.40 39.75 -12.57
CA LEU A 187 -7.43 38.93 -11.92
C LEU A 187 -8.86 39.30 -12.30
N PRO A 188 -9.27 40.56 -12.29
CA PRO A 188 -10.69 40.86 -12.55
C PRO A 188 -11.18 40.38 -13.91
N ASP A 189 -10.30 40.28 -14.90
CA ASP A 189 -10.71 39.95 -16.25
C ASP A 189 -10.65 38.46 -16.57
N VAL A 190 -9.91 37.67 -15.80
CA VAL A 190 -9.64 36.27 -16.18
C VAL A 190 -10.23 35.30 -15.17
N SER A 191 -10.34 35.72 -13.92
CA SER A 191 -10.70 34.79 -12.86
C SER A 191 -12.18 34.40 -12.94
N LEU A 192 -12.46 33.15 -12.57
CA LEU A 192 -13.84 32.68 -12.44
C LEU A 192 -14.48 33.13 -11.14
N GLY A 193 -13.69 33.44 -10.11
CA GLY A 193 -14.22 34.01 -8.89
C GLY A 193 -14.27 35.52 -8.95
N ARG A 194 -15.01 36.10 -8.01
CA ARG A 194 -15.12 37.55 -7.87
C ARG A 194 -14.35 37.96 -6.63
N TYR A 195 -13.28 38.72 -6.82
CA TYR A 195 -12.39 39.11 -5.75
C TYR A 195 -12.27 40.63 -5.71
N ALA A 196 -12.08 41.16 -4.51
CA ALA A 196 -11.82 42.57 -4.31
C ALA A 196 -10.42 42.74 -3.74
N TYR A 197 -9.78 43.84 -4.13
CA TYR A 197 -8.43 44.14 -3.66
C TYR A 197 -8.46 44.77 -2.27
N VAL A 198 -7.34 44.61 -1.56
CA VAL A 198 -7.14 45.22 -0.26
C VAL A 198 -5.86 46.07 -0.34
N ARG A 199 -5.94 47.29 0.19
CA ARG A 199 -4.83 48.23 0.11
C ARG A 199 -4.40 48.65 1.51
N GLY A 200 -3.11 48.96 1.65
CA GLY A 200 -2.58 49.45 2.91
C GLY A 200 -2.65 48.43 4.03
N GLY A 201 -2.93 48.92 5.23
CA GLY A 201 -3.08 48.06 6.38
C GLY A 201 -1.81 47.66 7.08
N GLY A 202 -0.73 48.41 6.90
CA GLY A 202 0.50 48.11 7.61
C GLY A 202 1.45 47.23 6.82
N ASP A 203 2.51 46.83 7.51
CA ASP A 203 3.56 46.06 6.86
C ASP A 203 3.01 44.73 6.36
N PRO A 204 3.48 44.23 5.21
CA PRO A 204 4.53 44.80 4.34
C PRO A 204 4.00 45.82 3.33
N TRP A 205 2.72 46.16 3.36
CA TRP A 205 2.14 47.04 2.37
C TRP A 205 2.20 48.49 2.84
N THR A 206 2.58 49.38 1.93
CA THR A 206 2.46 50.81 2.17
C THR A 206 1.05 51.26 1.84
N ASN A 207 0.74 52.51 2.21
CA ASN A 207 -0.59 53.04 1.96
C ASN A 207 -0.87 53.05 0.46
N GLY A 208 -2.03 52.52 0.08
CA GLY A 208 -2.42 52.46 -1.31
C GLY A 208 -1.86 51.28 -2.07
N SER A 209 -1.05 50.45 -1.45
CA SER A 209 -0.42 49.32 -2.12
C SER A 209 -1.20 48.04 -1.84
N GLY A 210 -1.38 47.23 -2.89
CA GLY A 210 -2.09 45.98 -2.76
C GLY A 210 -1.19 44.77 -2.76
N LEU A 211 -0.07 44.84 -3.45
CA LEU A 211 0.86 43.72 -3.56
C LEU A 211 2.25 44.17 -3.13
N ALA A 212 2.91 43.34 -2.32
CA ALA A 212 4.27 43.59 -1.88
C ALA A 212 5.17 42.50 -2.43
N LEU A 213 6.21 42.89 -3.16
CA LEU A 213 7.16 41.97 -3.77
C LEU A 213 8.52 42.26 -3.15
N CYS A 214 8.95 41.43 -2.20
CA CYS A 214 10.11 41.73 -1.38
C CYS A 214 11.17 40.66 -1.54
N GLN A 215 12.42 41.08 -1.73
CA GLN A 215 13.56 40.17 -1.77
C GLN A 215 14.45 40.41 -0.56
N ARG A 216 14.92 39.31 0.04
CA ARG A 216 15.74 39.34 1.24
C ARG A 216 17.07 38.69 0.95
N TYR A 217 18.15 39.39 1.30
CA TYR A 217 19.51 38.96 0.99
C TYR A 217 20.47 39.40 2.09
N TYR A 218 21.65 38.78 2.11
CA TYR A 218 22.65 39.11 3.12
C TYR A 218 23.15 40.54 2.96
N HIS A 219 23.43 41.18 4.09
CA HIS A 219 23.91 42.56 4.06
C HIS A 219 25.23 42.67 3.31
N ARG A 220 26.17 41.77 3.59
CA ARG A 220 27.40 41.69 2.80
C ARG A 220 27.56 40.26 2.31
N GLY A 221 27.73 40.09 1.00
CA GLY A 221 27.66 38.77 0.41
C GLY A 221 28.76 38.38 -0.57
N HIS A 222 30.02 38.73 -0.32
CA HIS A 222 31.06 38.37 -1.28
C HIS A 222 31.34 36.87 -1.21
N VAL A 223 31.10 36.16 -2.31
CA VAL A 223 31.24 34.71 -2.37
C VAL A 223 32.10 34.36 -3.57
N ASP A 224 33.23 33.68 -3.33
CA ASP A 224 34.22 33.39 -4.38
C ASP A 224 34.62 31.93 -4.24
N PRO A 225 33.80 31.00 -4.74
CA PRO A 225 34.18 29.58 -4.67
C PRO A 225 35.44 29.26 -5.47
N ALA A 226 35.76 30.04 -6.50
CA ALA A 226 36.95 29.78 -7.29
C ALA A 226 38.21 29.90 -6.42
N ASN A 227 38.24 30.89 -5.53
CA ASN A 227 39.34 31.08 -4.60
C ASN A 227 39.05 30.49 -3.23
N ASP A 228 37.95 29.77 -3.07
CA ASP A 228 37.57 29.17 -1.80
C ASP A 228 37.52 30.22 -0.70
N THR A 229 36.89 31.35 -1.00
CA THR A 229 36.84 32.47 -0.07
C THR A 229 35.42 33.01 0.01
N PHE A 230 35.11 33.65 1.14
CA PHE A 230 33.89 34.42 1.23
C PHE A 230 34.01 35.43 2.36
N ASP A 231 33.27 36.52 2.21
CA ASP A 231 33.17 37.59 3.20
C ASP A 231 31.69 37.90 3.35
N ILE A 232 31.13 37.48 4.49
CA ILE A 232 29.69 37.52 4.71
C ILE A 232 29.40 38.36 5.94
N ASP A 233 28.54 39.35 5.78
CA ASP A 233 27.79 39.96 6.88
C ASP A 233 26.38 39.41 6.75
N PRO A 234 25.96 38.46 7.58
CA PRO A 234 24.72 37.72 7.34
C PRO A 234 23.45 38.40 7.85
N MET A 235 23.54 39.64 8.34
CA MET A 235 22.33 40.38 8.64
C MET A 235 21.48 40.49 7.38
N VAL A 236 20.19 40.21 7.52
CA VAL A 236 19.29 40.13 6.37
C VAL A 236 18.74 41.52 6.06
N VAL A 237 18.79 41.89 4.79
CA VAL A 237 18.26 43.15 4.29
C VAL A 237 17.08 42.83 3.37
N THR A 238 15.98 43.55 3.57
CA THR A 238 14.75 43.37 2.81
C THR A 238 14.54 44.59 1.92
N ASP A 239 14.47 44.37 0.61
CA ASP A 239 14.15 45.42 -0.35
C ASP A 239 12.85 45.02 -1.03
N CYS A 240 11.82 45.85 -0.92
CA CYS A 240 10.48 45.44 -1.28
C CYS A 240 9.82 46.49 -2.15
N ILE A 241 9.29 46.05 -3.30
CA ILE A 241 8.60 46.89 -4.26
C ILE A 241 7.10 46.81 -4.01
N GLN A 242 6.42 47.94 -4.15
CA GLN A 242 4.99 48.03 -3.90
C GLN A 242 4.25 48.17 -5.23
N VAL A 243 3.19 47.38 -5.41
CA VAL A 243 2.37 47.40 -6.62
C VAL A 243 0.95 47.74 -6.19
N ASP A 244 0.39 48.78 -6.78
CA ASP A 244 -1.01 49.09 -6.55
C ASP A 244 -1.90 48.30 -7.49
N PRO A 245 -3.05 47.84 -7.05
CA PRO A 245 -3.96 47.11 -7.93
C PRO A 245 -4.51 48.04 -9.01
N PRO A 246 -4.95 47.49 -10.15
CA PRO A 246 -5.42 48.30 -11.27
C PRO A 246 -6.70 49.07 -10.95
N SER A 265 7.12 49.01 -12.83
CA SER A 265 8.28 49.26 -11.98
C SER A 265 8.74 47.97 -11.33
N TYR A 266 7.82 47.02 -11.15
CA TYR A 266 8.21 45.70 -10.66
C TYR A 266 8.95 44.91 -11.72
N LYS A 267 8.79 45.28 -13.00
CA LYS A 267 9.53 44.64 -14.07
C LYS A 267 11.02 44.96 -14.03
N ASN A 268 11.43 45.96 -13.27
CA ASN A 268 12.83 46.31 -13.10
C ASN A 268 13.49 45.55 -11.95
N LEU A 269 12.83 44.54 -11.42
CA LEU A 269 13.40 43.74 -10.34
C LEU A 269 14.74 43.17 -10.76
N THR A 270 15.75 43.32 -9.91
CA THR A 270 17.08 42.78 -10.14
C THR A 270 17.46 41.97 -8.92
N LEU A 271 17.50 40.65 -9.06
CA LEU A 271 17.77 39.76 -7.94
C LEU A 271 19.27 39.66 -7.70
N LYS A 272 19.65 39.62 -6.42
CA LYS A 272 21.05 39.45 -6.02
C LYS A 272 21.25 37.96 -5.73
N PHE A 273 21.43 37.21 -6.81
CA PHE A 273 21.32 35.75 -6.75
C PHE A 273 22.34 35.15 -5.78
N HIS A 274 23.57 35.65 -5.79
CA HIS A 274 24.64 34.99 -5.04
C HIS A 274 24.44 35.11 -3.53
N LYS A 275 23.73 36.13 -3.06
CA LYS A 275 23.45 36.29 -1.64
C LYS A 275 21.95 36.37 -1.35
N LEU A 276 21.13 35.83 -2.24
CA LEU A 276 19.68 35.91 -2.08
C LEU A 276 19.21 34.91 -1.03
N VAL A 277 18.46 35.39 -0.05
CA VAL A 277 17.87 34.52 0.96
C VAL A 277 16.51 34.02 0.53
N ASN A 278 15.61 34.91 0.15
CA ASN A 278 14.36 34.45 -0.47
C ASN A 278 13.65 35.62 -1.13
N VAL A 279 12.56 35.30 -1.83
CA VAL A 279 11.67 36.28 -2.43
C VAL A 279 10.25 35.94 -2.00
N THR A 280 9.47 36.95 -1.66
CA THR A 280 8.10 36.75 -1.24
C THR A 280 7.18 37.74 -1.94
N ILE A 281 5.96 37.27 -2.21
CA ILE A 281 4.88 38.10 -2.73
C ILE A 281 3.72 37.99 -1.75
N HIS A 282 3.25 39.13 -1.26
CA HIS A 282 2.16 39.20 -0.30
C HIS A 282 1.02 40.01 -0.89
N PHE A 283 -0.20 39.47 -0.82
CA PHE A 283 -1.36 40.29 -1.17
C PHE A 283 -2.61 39.68 -0.55
N ARG A 284 -3.66 40.48 -0.45
CA ARG A 284 -4.92 40.06 0.15
C ARG A 284 -6.07 40.23 -0.84
N LEU A 285 -7.01 39.29 -0.79
CA LEU A 285 -8.19 39.30 -1.64
C LEU A 285 -9.43 39.10 -0.80
N LYS A 286 -10.50 39.82 -1.13
CA LYS A 286 -11.77 39.67 -0.44
C LYS A 286 -12.78 38.96 -1.34
N THR A 287 -13.53 38.03 -0.77
CA THR A 287 -14.55 37.30 -1.51
C THR A 287 -15.69 36.95 -0.56
N ILE A 288 -16.77 36.42 -1.12
CA ILE A 288 -17.98 36.10 -0.36
C ILE A 288 -18.32 34.64 -0.58
N ASN A 289 -18.61 33.92 0.50
CA ASN A 289 -18.91 32.49 0.45
C ASN A 289 -20.41 32.31 0.19
N LEU A 290 -20.77 32.41 -1.09
CA LEU A 290 -22.17 32.36 -1.48
C LEU A 290 -22.80 30.99 -1.24
N GLN A 291 -22.01 29.92 -1.27
CA GLN A 291 -22.59 28.59 -1.16
C GLN A 291 -23.35 28.39 0.14
N SER A 292 -23.09 29.21 1.16
CA SER A 292 -23.83 29.11 2.41
C SER A 292 -25.33 29.23 2.17
N LEU A 293 -25.75 29.92 1.10
CA LEU A 293 -27.17 30.05 0.82
C LEU A 293 -27.86 28.68 0.71
N ILE A 294 -27.14 27.66 0.25
CA ILE A 294 -27.75 26.34 0.09
C ILE A 294 -28.15 25.76 1.43
N ASN A 295 -27.49 26.18 2.51
CA ASN A 295 -27.79 25.73 3.86
C ASN A 295 -28.69 26.70 4.62
N ASN A 296 -29.33 27.64 3.91
CA ASN A 296 -30.19 28.64 4.54
C ASN A 296 -29.42 29.49 5.55
N GLU A 297 -28.20 29.86 5.20
CA GLU A 297 -27.37 30.70 6.04
C GLU A 297 -26.93 31.94 5.26
N ILE A 298 -26.65 33.01 5.98
CA ILE A 298 -26.20 34.24 5.36
C ILE A 298 -24.72 34.11 4.99
N PRO A 299 -24.32 34.37 3.75
CA PRO A 299 -22.90 34.25 3.39
C PRO A 299 -22.02 35.16 4.24
N ASP A 300 -20.81 34.68 4.54
CA ASP A 300 -19.80 35.43 5.25
C ASP A 300 -18.85 36.11 4.27
N CYS A 301 -18.08 37.05 4.79
CA CYS A 301 -17.07 37.77 4.01
C CYS A 301 -15.69 37.25 4.38
N TYR A 302 -15.00 36.66 3.41
CA TYR A 302 -13.67 36.11 3.63
C TYR A 302 -12.60 37.05 3.10
N THR A 303 -11.52 37.21 3.87
CA THR A 303 -10.29 37.84 3.41
C THR A 303 -9.21 36.78 3.40
N PHE A 304 -8.64 36.54 2.22
CA PHE A 304 -7.53 35.62 2.05
C PHE A 304 -6.24 36.41 1.99
N SER A 305 -5.31 36.07 2.87
CA SER A 305 -3.96 36.61 2.85
C SER A 305 -3.08 35.58 2.15
N VAL A 306 -2.58 35.93 0.97
CA VAL A 306 -1.84 35.03 0.10
C VAL A 306 -0.36 35.38 0.18
N LEU A 307 0.45 34.36 0.44
CA LEU A 307 1.90 34.48 0.48
C LEU A 307 2.51 33.48 -0.50
N ILE A 308 3.28 33.99 -1.45
CA ILE A 308 4.02 33.16 -2.39
C ILE A 308 5.50 33.27 -2.04
N THR A 309 6.15 32.13 -1.81
CA THR A 309 7.54 32.07 -1.39
C THR A 309 8.38 31.40 -2.45
N PHE A 310 9.48 32.06 -2.82
CA PHE A 310 10.56 31.48 -3.61
C PHE A 310 11.75 31.36 -2.67
N ASP A 311 12.05 30.14 -2.23
CA ASP A 311 12.95 29.92 -1.10
C ASP A 311 14.33 29.52 -1.59
N ASN A 312 15.35 30.30 -1.21
CA ASN A 312 16.73 30.04 -1.58
C ASN A 312 17.64 29.86 -0.36
N LYS A 313 17.07 29.48 0.79
CA LYS A 313 17.87 29.39 2.00
C LYS A 313 18.91 28.27 1.93
N ALA A 314 18.72 27.28 1.06
CA ALA A 314 19.71 26.22 0.89
C ALA A 314 20.86 26.63 -0.01
N HIS A 315 20.68 27.62 -0.87
CA HIS A 315 21.72 28.08 -1.81
C HIS A 315 22.26 26.90 -2.63
N SER A 316 21.35 26.03 -3.06
CA SER A 316 21.71 24.76 -3.69
C SER A 316 21.49 24.75 -5.20
N GLY A 317 21.10 25.88 -5.79
CA GLY A 317 20.74 25.91 -7.19
C GLY A 317 19.32 25.49 -7.50
N ARG A 318 18.56 25.06 -6.50
CA ARG A 318 17.16 24.71 -6.64
C ARG A 318 16.36 25.58 -5.70
N ILE A 319 15.42 26.35 -6.24
CA ILE A 319 14.60 27.26 -5.44
C ILE A 319 13.16 26.76 -5.44
N PRO A 320 12.70 26.10 -4.38
CA PRO A 320 11.30 25.69 -4.34
C PRO A 320 10.36 26.87 -4.22
N ILE A 321 9.16 26.70 -4.78
CA ILE A 321 8.13 27.73 -4.86
C ILE A 321 6.88 27.19 -4.20
N SER A 322 6.28 27.99 -3.31
CA SER A 322 5.07 27.56 -2.61
C SER A 322 4.10 28.72 -2.48
N LEU A 323 2.83 28.38 -2.29
CA LEU A 323 1.76 29.34 -2.07
C LEU A 323 0.96 28.91 -0.84
N GLU A 324 0.76 29.84 0.09
CA GLU A 324 -0.03 29.58 1.29
C GLU A 324 -1.05 30.69 1.49
N THR A 325 -2.14 30.36 2.19
CA THR A 325 -3.21 31.30 2.44
C THR A 325 -3.60 31.25 3.92
N GLN A 326 -4.02 32.41 4.42
CA GLN A 326 -4.68 32.53 5.72
C GLN A 326 -6.04 33.17 5.49
N ALA A 327 -7.10 32.53 6.01
CA ALA A 327 -8.46 33.00 5.80
C ALA A 327 -8.99 33.64 7.08
N HIS A 328 -9.48 34.87 6.95
CA HIS A 328 -10.14 35.57 8.05
C HIS A 328 -11.59 35.80 7.67
N ILE A 329 -12.50 35.36 8.52
CA ILE A 329 -13.93 35.44 8.28
C ILE A 329 -14.49 36.60 9.09
N GLN A 330 -15.25 37.47 8.42
CA GLN A 330 -15.95 38.55 9.10
C GLN A 330 -17.37 38.62 8.57
N GLU A 331 -18.26 39.17 9.39
CA GLU A 331 -19.63 39.40 8.95
C GLU A 331 -19.67 40.55 7.96
N CYS A 332 -20.56 40.44 6.97
CA CYS A 332 -20.69 41.46 5.96
C CYS A 332 -21.63 42.57 6.44
N LYS A 333 -21.54 43.73 5.80
CA LYS A 333 -22.31 44.90 6.22
C LYS A 333 -23.64 44.95 5.48
N HIS A 334 -24.73 44.83 6.24
CA HIS A 334 -26.09 44.94 5.71
C HIS A 334 -26.28 44.11 4.45
N PRO A 335 -26.14 42.79 4.53
CA PRO A 335 -26.45 41.94 3.38
C PRO A 335 -27.95 41.74 3.23
N SER A 336 -28.35 41.37 2.02
CA SER A 336 -29.75 41.14 1.71
C SER A 336 -29.89 39.77 1.05
N VAL A 337 -30.78 38.95 1.61
CA VAL A 337 -31.16 37.67 1.01
C VAL A 337 -32.68 37.63 0.97
N PHE A 338 -33.23 37.53 -0.23
CA PHE A 338 -34.67 37.47 -0.41
C PHE A 338 -35.25 36.20 0.20
N PHE A 345 -36.03 24.10 12.97
CA PHE A 345 -35.25 25.28 13.31
C PHE A 345 -34.08 24.89 14.21
N ARG A 346 -32.86 25.15 13.74
CA ARG A 346 -31.68 24.67 14.44
C ARG A 346 -31.58 25.22 15.85
N LEU A 347 -32.02 26.47 16.08
CA LEU A 347 -31.89 27.06 17.40
C LEU A 347 -32.71 26.30 18.43
N LEU A 348 -33.93 25.90 18.06
CA LEU A 348 -34.75 25.10 18.97
C LEU A 348 -34.10 23.76 19.26
N PHE A 349 -33.50 23.14 18.24
CA PHE A 349 -32.82 21.87 18.45
C PHE A 349 -31.64 22.03 19.41
N ASP A 350 -30.88 23.12 19.26
CA ASP A 350 -29.79 23.39 20.19
C ASP A 350 -30.31 23.59 21.60
N VAL A 351 -31.43 24.30 21.74
CA VAL A 351 -32.03 24.49 23.06
C VAL A 351 -32.45 23.15 23.65
N VAL A 352 -33.00 22.26 22.82
CA VAL A 352 -33.40 20.94 23.30
C VAL A 352 -32.18 20.17 23.79
N VAL A 353 -31.08 20.22 23.04
CA VAL A 353 -29.84 19.57 23.50
C VAL A 353 -29.41 20.15 24.83
N ILE A 354 -29.49 21.48 24.96
CA ILE A 354 -29.10 22.14 26.21
C ILE A 354 -29.95 21.62 27.38
N LEU A 355 -31.26 21.55 27.18
CA LEU A 355 -32.14 21.10 28.27
C LEU A 355 -31.86 19.65 28.64
N THR A 356 -31.70 18.78 27.64
CA THR A 356 -31.43 17.38 27.92
C THR A 356 -30.14 17.22 28.70
N CYS A 357 -29.09 17.91 28.28
CA CYS A 357 -27.80 17.77 28.96
C CYS A 357 -27.85 18.39 30.35
N SER A 358 -28.58 19.48 30.53
CA SER A 358 -28.71 20.07 31.86
C SER A 358 -29.44 19.14 32.81
N LEU A 359 -30.52 18.51 32.35
CA LEU A 359 -31.24 17.57 33.21
C LEU A 359 -30.38 16.36 33.55
N SER A 360 -29.65 15.84 32.55
CA SER A 360 -28.75 14.72 32.83
C SER A 360 -27.68 15.11 33.83
N PHE A 361 -27.12 16.32 33.70
CA PHE A 361 -26.13 16.81 34.64
C PHE A 361 -26.70 16.89 36.05
N LEU A 362 -27.93 17.41 36.17
CA LEU A 362 -28.54 17.53 37.49
C LEU A 362 -28.74 16.16 38.13
N LEU A 363 -29.25 15.20 37.36
CA LEU A 363 -29.48 13.87 37.92
C LEU A 363 -28.16 13.20 38.32
N CYS A 364 -27.12 13.34 37.48
CA CYS A 364 -25.84 12.74 37.80
C CYS A 364 -25.24 13.38 39.06
N ALA A 365 -25.36 14.70 39.19
CA ALA A 365 -24.85 15.36 40.39
C ALA A 365 -25.61 14.90 41.63
N ARG A 366 -26.93 14.73 41.52
CA ARG A 366 -27.70 14.23 42.65
C ARG A 366 -27.23 12.83 43.04
N SER A 367 -27.02 11.95 42.05
CA SER A 367 -26.53 10.61 42.35
C SER A 367 -25.16 10.64 43.01
N LEU A 368 -24.27 11.50 42.52
CA LEU A 368 -22.93 11.59 43.09
C LEU A 368 -23.00 12.07 44.54
N LEU A 369 -23.84 13.06 44.82
CA LEU A 369 -23.98 13.55 46.19
C LEU A 369 -24.53 12.45 47.10
N ARG A 370 -25.53 11.71 46.62
CA ARG A 370 -26.06 10.61 47.43
C ARG A 370 -24.99 9.58 47.72
N GLY A 371 -24.19 9.23 46.72
CA GLY A 371 -23.10 8.30 46.95
C GLY A 371 -22.09 8.82 47.95
N PHE A 372 -21.78 10.11 47.89
CA PHE A 372 -20.85 10.69 48.85
C PHE A 372 -21.40 10.61 50.27
N LEU A 373 -22.68 10.91 50.45
CA LEU A 373 -23.29 10.80 51.77
C LEU A 373 -23.26 9.37 52.27
N LEU A 374 -23.58 8.41 51.40
CA LEU A 374 -23.53 7.01 51.81
C LEU A 374 -22.11 6.59 52.20
N GLN A 375 -21.11 7.09 51.46
CA GLN A 375 -19.73 6.80 51.81
C GLN A 375 -19.39 7.33 53.19
N ASN A 376 -19.81 8.57 53.48
CA ASN A 376 -19.55 9.12 54.81
C ASN A 376 -20.23 8.29 55.89
N GLU A 377 -21.48 7.89 55.64
CA GLU A 377 -22.19 7.08 56.63
C GLU A 377 -21.49 5.76 56.88
N PHE A 378 -21.03 5.09 55.81
CA PHE A 378 -20.33 3.82 55.97
C PHE A 378 -19.03 4.01 56.75
N VAL A 379 -18.28 5.07 56.42
CA VAL A 379 -17.02 5.31 57.12
C VAL A 379 -17.28 5.55 58.60
N GLY A 380 -18.31 6.33 58.92
CA GLY A 380 -18.68 6.51 60.31
C GLY A 380 -19.07 5.21 60.99
N PHE A 381 -19.79 4.35 60.26
CA PHE A 381 -20.20 3.07 60.84
C PHE A 381 -18.99 2.21 61.18
N MET A 382 -17.99 2.18 60.31
CA MET A 382 -16.80 1.37 60.59
C MET A 382 -15.91 1.98 61.68
N TRP A 383 -16.21 3.18 62.14
CA TRP A 383 -15.47 3.82 63.23
C TRP A 383 -14.02 4.09 62.84
N SER A 391 -8.54 4.49 54.12
CA SER A 391 -8.70 3.50 53.06
C SER A 391 -9.29 4.14 51.82
N LEU A 392 -8.51 4.99 51.14
CA LEU A 392 -9.01 5.71 49.98
C LEU A 392 -9.47 4.75 48.89
N TRP A 393 -8.78 3.61 48.74
CA TRP A 393 -9.18 2.64 47.73
C TRP A 393 -10.58 2.10 48.01
N GLU A 394 -10.87 1.79 49.28
CA GLU A 394 -12.22 1.39 49.64
C GLU A 394 -13.17 2.58 49.58
N ARG A 395 -12.67 3.79 49.79
CA ARG A 395 -13.51 4.98 49.70
C ARG A 395 -14.06 5.14 48.30
N LEU A 396 -13.22 4.94 47.28
CA LEU A 396 -13.62 5.17 45.91
C LEU A 396 -14.65 4.16 45.41
N GLU A 397 -14.94 3.11 46.17
CA GLU A 397 -15.98 2.17 45.77
C GLU A 397 -17.35 2.82 45.73
N PHE A 398 -17.52 3.98 46.35
CA PHE A 398 -18.76 4.72 46.32
C PHE A 398 -18.82 5.77 45.22
N VAL A 399 -17.76 5.92 44.43
CA VAL A 399 -17.69 6.91 43.37
C VAL A 399 -18.10 6.22 42.07
N ASN A 400 -19.16 6.73 41.44
CA ASN A 400 -19.62 6.23 40.15
C ASN A 400 -18.82 6.95 39.06
N GLY A 401 -17.79 6.29 38.55
CA GLY A 401 -16.99 6.89 37.50
C GLY A 401 -17.78 7.16 36.24
N TRP A 402 -18.79 6.32 35.96
CA TRP A 402 -19.64 6.55 34.80
C TRP A 402 -20.36 7.89 34.92
N TYR A 403 -20.78 8.26 36.12
CA TYR A 403 -21.47 9.53 36.30
C TYR A 403 -20.53 10.70 36.20
N ILE A 404 -19.27 10.55 36.62
CA ILE A 404 -18.28 11.59 36.37
C ILE A 404 -18.08 11.77 34.87
N LEU A 405 -17.99 10.67 34.13
CA LEU A 405 -17.87 10.76 32.68
C LEU A 405 -19.10 11.44 32.09
N LEU A 406 -20.28 11.11 32.58
CA LEU A 406 -21.50 11.72 32.06
C LEU A 406 -21.51 13.23 32.31
N VAL A 407 -21.11 13.65 33.51
CA VAL A 407 -21.07 15.07 33.82
C VAL A 407 -20.06 15.79 32.92
N THR A 408 -18.90 15.19 32.72
CA THR A 408 -17.90 15.77 31.83
C THR A 408 -18.45 15.92 30.42
N SER A 409 -19.12 14.87 29.92
CA SER A 409 -19.67 14.92 28.58
C SER A 409 -20.76 15.97 28.46
N ASP A 410 -21.57 16.13 29.51
CA ASP A 410 -22.62 17.15 29.49
C ASP A 410 -22.02 18.55 29.45
N VAL A 411 -20.97 18.78 30.23
CA VAL A 411 -20.29 20.08 30.19
C VAL A 411 -19.73 20.34 28.80
N LEU A 412 -19.08 19.33 28.22
CA LEU A 412 -18.53 19.49 26.87
C LEU A 412 -19.62 19.79 25.86
N THR A 413 -20.75 19.08 25.95
CA THR A 413 -21.83 19.29 24.99
C THR A 413 -22.42 20.68 25.12
N ILE A 414 -22.64 21.15 26.35
CA ILE A 414 -23.21 22.49 26.52
C ILE A 414 -22.24 23.55 26.01
N SER A 415 -20.94 23.39 26.30
CA SER A 415 -19.97 24.35 25.79
C SER A 415 -19.95 24.35 24.27
N GLY A 416 -19.97 23.18 23.66
CA GLY A 416 -19.97 23.10 22.21
C GLY A 416 -21.23 23.70 21.60
N THR A 417 -22.38 23.48 22.24
CA THR A 417 -23.63 24.04 21.74
C THR A 417 -23.63 25.56 21.83
N ILE A 418 -23.12 26.11 22.93
CA ILE A 418 -23.04 27.57 23.05
C ILE A 418 -22.09 28.13 21.99
N MET A 419 -20.95 27.47 21.78
CA MET A 419 -20.01 27.93 20.76
C MET A 419 -20.65 27.86 19.37
N LYS A 420 -21.42 26.80 19.11
CA LYS A 420 -22.09 26.66 17.82
C LYS A 420 -23.12 27.76 17.61
N ILE A 421 -23.90 28.07 18.64
CA ILE A 421 -24.87 29.15 18.52
C ILE A 421 -24.15 30.47 18.27
N GLY A 422 -23.05 30.72 18.98
CA GLY A 422 -22.29 31.93 18.75
C GLY A 422 -21.75 32.02 17.33
N ILE A 423 -21.29 30.90 16.78
CA ILE A 423 -20.82 30.88 15.40
C ILE A 423 -21.96 31.18 14.44
N GLU A 424 -23.12 30.58 14.67
CA GLU A 424 -24.27 30.81 13.79
C GLU A 424 -24.71 32.27 13.84
N ALA A 425 -24.61 32.90 15.01
CA ALA A 425 -24.94 34.31 15.16
C ALA A 425 -23.86 35.24 14.62
N LYS A 426 -22.77 34.69 14.10
CA LYS A 426 -21.66 35.45 13.52
C LYS A 426 -20.81 36.14 14.58
N ASN A 427 -20.93 35.72 15.84
CA ASN A 427 -20.08 36.24 16.89
C ASN A 427 -18.72 35.54 16.95
N LEU A 428 -18.63 34.33 16.44
CA LEU A 428 -17.40 33.56 16.47
C LEU A 428 -17.19 32.91 15.11
N ALA A 429 -15.96 32.44 14.89
CA ALA A 429 -15.64 31.70 13.66
C ALA A 429 -14.72 30.51 13.93
N SER A 430 -14.64 30.05 15.18
CA SER A 430 -13.73 28.95 15.54
C SER A 430 -14.43 27.62 15.24
N TYR A 431 -14.49 27.29 13.95
CA TYR A 431 -15.16 26.06 13.53
C TYR A 431 -14.45 24.83 14.07
N ASP A 432 -13.12 24.82 14.05
CA ASP A 432 -12.38 23.63 14.47
C ASP A 432 -12.59 23.32 15.95
N VAL A 433 -12.54 24.34 16.81
CA VAL A 433 -12.75 24.12 18.23
C VAL A 433 -14.15 23.58 18.49
N CYS A 434 -15.16 24.16 17.84
CA CYS A 434 -16.53 23.69 17.99
C CYS A 434 -16.67 22.25 17.54
N SER A 435 -16.06 21.92 16.39
CA SER A 435 -16.16 20.56 15.87
C SER A 435 -15.50 19.57 16.83
N ILE A 436 -14.36 19.92 17.39
CA ILE A 436 -13.68 19.03 18.32
C ILE A 436 -14.54 18.83 19.57
N LEU A 437 -15.09 19.91 20.12
CA LEU A 437 -15.94 19.79 21.29
C LEU A 437 -17.13 18.88 21.02
N LEU A 438 -17.83 19.12 19.91
CA LEU A 438 -19.06 18.36 19.65
C LEU A 438 -18.76 16.91 19.30
N GLY A 439 -17.69 16.65 18.55
CA GLY A 439 -17.33 15.28 18.24
C GLY A 439 -16.91 14.48 19.45
N THR A 440 -16.08 15.10 20.32
CA THR A 440 -15.69 14.42 21.54
C THR A 440 -16.90 14.15 22.42
N SER A 441 -17.81 15.12 22.52
CA SER A 441 -19.00 14.92 23.32
C SER A 441 -19.88 13.82 22.74
N THR A 442 -19.98 13.73 21.41
CA THR A 442 -20.77 12.68 20.79
C THR A 442 -20.18 11.31 21.10
N LEU A 443 -18.86 11.17 20.97
CA LEU A 443 -18.22 9.90 21.28
C LEU A 443 -18.44 9.53 22.74
N LEU A 444 -18.29 10.49 23.65
CA LEU A 444 -18.49 10.20 25.06
C LEU A 444 -19.94 9.83 25.36
N VAL A 445 -20.90 10.48 24.68
CA VAL A 445 -22.30 10.16 24.89
C VAL A 445 -22.60 8.74 24.43
N TRP A 446 -22.05 8.34 23.30
CA TRP A 446 -22.23 6.96 22.85
C TRP A 446 -21.59 5.98 23.83
N VAL A 447 -20.40 6.32 24.35
CA VAL A 447 -19.71 5.41 25.26
C VAL A 447 -20.45 5.28 26.59
N GLY A 448 -21.04 6.38 27.06
CA GLY A 448 -21.61 6.39 28.40
C GLY A 448 -22.77 5.45 28.61
N VAL A 449 -23.38 4.95 27.54
CA VAL A 449 -24.49 4.02 27.68
C VAL A 449 -24.05 2.64 28.13
N ILE A 450 -22.74 2.36 28.09
CA ILE A 450 -22.22 1.09 28.59
C ILE A 450 -22.37 0.95 30.09
N ARG A 451 -22.65 2.04 30.80
CA ARG A 451 -22.87 1.97 32.24
C ARG A 451 -23.92 0.94 32.60
N TYR A 452 -24.92 0.76 31.74
CA TYR A 452 -26.06 -0.10 32.04
C TYR A 452 -25.87 -1.53 31.61
N LEU A 453 -24.80 -1.85 30.89
CA LEU A 453 -24.44 -3.23 30.62
C LEU A 453 -23.49 -3.80 31.67
N THR A 454 -23.00 -2.97 32.59
CA THR A 454 -22.05 -3.44 33.60
C THR A 454 -22.70 -4.36 34.62
N PHE A 455 -24.03 -4.33 34.74
CA PHE A 455 -24.71 -5.15 35.74
C PHE A 455 -24.82 -6.61 35.33
N PHE A 456 -24.63 -6.91 34.06
CA PHE A 456 -24.84 -8.26 33.52
C PHE A 456 -23.50 -8.81 33.04
N HIS A 457 -23.09 -9.95 33.60
CA HIS A 457 -21.74 -10.44 33.40
C HIS A 457 -21.45 -10.73 31.94
N ASN A 458 -22.40 -11.36 31.23
CA ASN A 458 -22.16 -11.76 29.85
C ASN A 458 -22.05 -10.56 28.91
N TYR A 459 -22.48 -9.38 29.34
CA TYR A 459 -22.39 -8.17 28.54
C TYR A 459 -21.28 -7.24 29.01
N ASN A 460 -20.47 -7.67 29.99
CA ASN A 460 -19.50 -6.79 30.64
C ASN A 460 -18.08 -7.35 30.55
N ILE A 461 -17.80 -8.19 29.56
CA ILE A 461 -16.48 -8.80 29.44
C ILE A 461 -15.42 -7.74 29.22
N LEU A 462 -15.69 -6.78 28.32
CA LEU A 462 -14.67 -5.80 27.96
C LEU A 462 -14.26 -4.95 29.15
N ILE A 463 -15.23 -4.40 29.88
CA ILE A 463 -14.93 -3.51 30.99
C ILE A 463 -14.28 -4.28 32.13
N ALA A 464 -14.77 -5.49 32.42
CA ALA A 464 -14.16 -6.29 33.48
C ALA A 464 -12.71 -6.60 33.16
N THR A 465 -12.43 -7.00 31.92
CA THR A 465 -11.06 -7.29 31.54
C THR A 465 -10.19 -6.03 31.61
N LEU A 466 -10.73 -4.89 31.16
CA LEU A 466 -9.99 -3.63 31.29
C LEU A 466 -9.63 -3.37 32.74
N ARG A 467 -10.60 -3.52 33.64
CA ARG A 467 -10.37 -3.24 35.05
C ARG A 467 -9.31 -4.15 35.63
N VAL A 468 -9.33 -5.43 35.26
CA VAL A 468 -8.34 -6.34 35.83
C VAL A 468 -6.97 -6.18 35.18
N ALA A 469 -6.91 -5.72 33.93
CA ALA A 469 -5.68 -5.75 33.15
C ALA A 469 -4.90 -4.44 33.19
N LEU A 470 -5.55 -3.30 33.39
CA LEU A 470 -4.88 -2.01 33.25
C LEU A 470 -3.61 -1.88 34.09
N PRO A 471 -3.59 -2.26 35.36
CA PRO A 471 -2.36 -2.03 36.17
C PRO A 471 -1.14 -2.77 35.62
N SER A 472 -1.27 -4.06 35.33
CA SER A 472 -0.14 -4.82 34.82
C SER A 472 0.30 -4.29 33.46
N VAL A 473 -0.66 -3.84 32.64
CA VAL A 473 -0.32 -3.27 31.34
C VAL A 473 0.50 -1.99 31.52
N MET A 474 0.11 -1.15 32.48
CA MET A 474 0.88 0.06 32.73
C MET A 474 2.28 -0.26 33.22
N ARG A 475 2.41 -1.25 34.10
CA ARG A 475 3.73 -1.63 34.58
C ARG A 475 4.60 -2.15 33.44
N PHE A 476 4.01 -2.92 32.52
CA PHE A 476 4.73 -3.38 31.33
C PHE A 476 5.15 -2.21 30.45
N CYS A 477 4.25 -1.24 30.26
CA CYS A 477 4.56 -0.08 29.43
C CYS A 477 5.71 0.72 30.03
N CYS A 478 5.84 0.72 31.34
CA CYS A 478 6.97 1.43 31.96
C CYS A 478 8.29 0.98 31.34
N CYS A 479 8.48 -0.33 31.20
CA CYS A 479 9.70 -0.85 30.58
C CYS A 479 9.71 -0.65 29.08
N VAL A 480 8.57 -0.87 28.42
CA VAL A 480 8.58 -0.81 26.95
C VAL A 480 8.86 0.61 26.45
N ALA A 481 8.45 1.63 27.21
CA ALA A 481 8.49 3.00 26.72
C ALA A 481 9.92 3.48 26.49
N VAL A 482 10.86 3.12 27.37
CA VAL A 482 12.23 3.61 27.21
C VAL A 482 12.83 3.05 25.93
N ILE A 483 12.59 1.76 25.66
CA ILE A 483 13.08 1.17 24.42
C ILE A 483 12.46 1.85 23.21
N TYR A 484 11.15 2.07 23.27
CA TYR A 484 10.46 2.72 22.15
C TYR A 484 11.02 4.11 21.89
N LEU A 485 11.26 4.88 22.96
CA LEU A 485 11.78 6.24 22.79
C LEU A 485 13.21 6.25 22.30
N GLY A 486 14.03 5.32 22.78
CA GLY A 486 15.38 5.21 22.25
C GLY A 486 15.38 4.95 20.76
N TYR A 487 14.54 4.01 20.31
CA TYR A 487 14.44 3.74 18.88
C TYR A 487 13.93 4.97 18.13
N CYS A 488 12.94 5.68 18.70
CA CYS A 488 12.40 6.86 18.04
C CYS A 488 13.48 7.90 17.80
N PHE A 489 14.25 8.23 18.84
CA PHE A 489 15.28 9.24 18.70
C PHE A 489 16.38 8.81 17.74
N CYS A 490 16.85 7.56 17.88
CA CYS A 490 17.89 7.07 17.00
C CYS A 490 17.45 7.14 15.54
N GLY A 491 16.26 6.64 15.24
CA GLY A 491 15.79 6.67 13.87
C GLY A 491 15.60 8.08 13.35
N TRP A 492 14.99 8.94 14.17
CA TRP A 492 14.75 10.32 13.75
C TRP A 492 16.04 11.00 13.33
N ILE A 493 17.10 10.84 14.13
CA ILE A 493 18.30 11.62 13.83
C ILE A 493 19.16 10.92 12.78
N VAL A 494 19.25 9.60 12.81
CA VAL A 494 20.19 8.92 11.89
C VAL A 494 19.57 8.73 10.52
N LEU A 495 18.30 8.32 10.45
CA LEU A 495 17.67 7.99 9.18
C LEU A 495 16.83 9.12 8.61
N GLY A 496 16.50 10.14 9.41
CA GLY A 496 15.63 11.19 8.98
C GLY A 496 16.07 11.90 7.72
N PRO A 497 17.37 12.24 7.64
CA PRO A 497 17.87 12.89 6.42
C PRO A 497 17.77 12.02 5.17
N TYR A 498 17.66 10.70 5.31
CA TYR A 498 17.64 9.80 4.17
C TYR A 498 16.28 9.16 3.92
N HIS A 499 15.41 9.09 4.92
CA HIS A 499 14.16 8.36 4.83
C HIS A 499 13.00 9.34 4.96
N VAL A 500 12.08 9.29 3.98
CA VAL A 500 10.94 10.20 3.98
C VAL A 500 10.01 9.96 5.16
N LYS A 501 10.02 8.76 5.74
CA LYS A 501 9.15 8.43 6.86
C LYS A 501 9.76 8.78 8.21
N PHE A 502 10.99 9.29 8.24
CA PHE A 502 11.68 9.61 9.49
C PHE A 502 12.00 11.09 9.60
N ARG A 503 11.27 11.95 8.89
CA ARG A 503 11.64 13.36 8.82
C ARG A 503 11.45 14.06 10.16
N SER A 504 10.34 13.79 10.86
CA SER A 504 10.05 14.43 12.13
C SER A 504 9.80 13.36 13.19
N LEU A 505 9.80 13.79 14.44
CA LEU A 505 9.64 12.86 15.56
C LEU A 505 8.25 12.23 15.55
N SER A 506 7.21 13.03 15.30
CA SER A 506 5.86 12.47 15.22
C SER A 506 5.73 11.51 14.05
N MET A 507 6.35 11.85 12.92
CA MET A 507 6.37 10.94 11.79
C MET A 507 7.10 9.64 12.12
N VAL A 508 8.20 9.73 12.86
CA VAL A 508 8.93 8.53 13.27
C VAL A 508 8.07 7.66 14.16
N SER A 509 7.36 8.29 15.11
CA SER A 509 6.49 7.51 15.98
C SER A 509 5.39 6.84 15.18
N GLU A 510 4.79 7.54 14.22
CA GLU A 510 3.76 6.92 13.39
C GLU A 510 4.33 5.75 12.61
N CYS A 511 5.53 5.91 12.04
CA CYS A 511 6.12 4.84 11.25
C CYS A 511 6.40 3.61 12.11
N LEU A 512 6.98 3.80 13.29
CA LEU A 512 7.30 2.67 14.16
C LEU A 512 6.03 1.99 14.67
N PHE A 513 5.03 2.78 15.04
CA PHE A 513 3.76 2.21 15.50
C PHE A 513 3.09 1.40 14.40
N SER A 514 3.13 1.90 13.16
CA SER A 514 2.57 1.14 12.05
C SER A 514 3.37 -0.13 11.80
N LEU A 515 4.70 -0.06 11.94
CA LEU A 515 5.52 -1.26 11.75
C LEU A 515 5.17 -2.33 12.78
N ILE A 516 4.97 -1.94 14.04
CA ILE A 516 4.60 -2.91 15.06
C ILE A 516 3.33 -3.66 14.65
N ASN A 517 2.41 -2.97 13.98
CA ASN A 517 1.19 -3.59 13.50
C ASN A 517 1.35 -4.22 12.12
N GLY A 518 2.58 -4.34 11.63
CA GLY A 518 2.84 -5.02 10.38
C GLY A 518 2.48 -4.23 9.14
N ASP A 519 2.36 -2.92 9.23
CA ASP A 519 1.87 -2.10 8.13
C ASP A 519 3.03 -1.37 7.45
N ASP A 520 3.05 -1.42 6.13
CA ASP A 520 3.96 -0.60 5.32
C ASP A 520 5.42 -1.03 5.49
N MET A 521 5.65 -2.31 5.76
CA MET A 521 7.01 -2.79 6.05
C MET A 521 7.91 -2.71 4.83
N PHE A 522 7.45 -3.25 3.69
CA PHE A 522 8.34 -3.36 2.55
C PHE A 522 8.72 -2.01 1.98
N VAL A 523 7.77 -1.06 1.93
CA VAL A 523 8.14 0.26 1.42
C VAL A 523 9.12 0.94 2.37
N THR A 524 8.99 0.70 3.67
CA THR A 524 9.97 1.21 4.61
C THR A 524 11.36 0.65 4.31
N PHE A 525 11.45 -0.64 4.01
CA PHE A 525 12.73 -1.21 3.62
C PHE A 525 13.21 -0.64 2.29
N ALA A 526 12.29 -0.42 1.34
CA ALA A 526 12.67 -0.07 -0.02
C ALA A 526 13.15 1.37 -0.12
N ALA A 527 12.64 2.26 0.74
CA ALA A 527 13.09 3.63 0.71
C ALA A 527 14.59 3.75 0.91
N MET A 528 15.19 2.78 1.62
CA MET A 528 16.63 2.80 1.88
C MET A 528 17.44 2.10 0.80
N GLN A 529 16.80 1.37 -0.12
CA GLN A 529 17.56 0.69 -1.16
C GLN A 529 18.29 1.66 -2.06
N ALA A 530 17.84 2.91 -2.16
CA ALA A 530 18.53 3.90 -2.96
C ALA A 530 19.87 4.31 -2.33
N GLN A 531 20.06 4.09 -1.04
CA GLN A 531 21.29 4.43 -0.36
C GLN A 531 22.32 3.31 -0.38
N GLN A 532 21.95 2.11 -0.82
CA GLN A 532 22.89 1.00 -0.80
C GLN A 532 24.12 1.27 -1.67
N GLY A 533 24.01 2.16 -2.65
CA GLY A 533 25.14 2.52 -3.48
C GLY A 533 25.80 3.80 -3.02
N ARG A 534 25.00 4.78 -2.61
CA ARG A 534 25.53 6.07 -2.19
C ARG A 534 26.17 5.98 -0.81
N SER A 535 25.38 5.63 0.20
CA SER A 535 25.83 5.57 1.59
C SER A 535 25.69 4.14 2.08
N SER A 536 26.72 3.33 1.87
CA SER A 536 26.64 1.91 2.21
C SER A 536 26.51 1.70 3.72
N LEU A 537 27.26 2.48 4.51
CA LEU A 537 27.24 2.30 5.96
C LEU A 537 25.87 2.64 6.54
N VAL A 538 25.25 3.71 6.05
CA VAL A 538 23.93 4.09 6.53
C VAL A 538 22.91 3.02 6.14
N TRP A 539 23.08 2.43 4.95
CA TRP A 539 22.19 1.36 4.54
C TRP A 539 22.30 0.14 5.46
N LEU A 540 23.53 -0.24 5.80
CA LEU A 540 23.71 -1.39 6.70
C LEU A 540 23.12 -1.09 8.07
N PHE A 541 23.34 0.13 8.57
CA PHE A 541 22.75 0.50 9.85
C PHE A 541 21.23 0.44 9.79
N SER A 542 20.64 0.91 8.69
CA SER A 542 19.19 0.85 8.56
C SER A 542 18.69 -0.59 8.54
N GLN A 543 19.43 -1.48 7.88
CA GLN A 543 19.08 -2.89 7.91
C GLN A 543 19.01 -3.40 9.35
N LEU A 544 20.09 -3.18 10.11
CA LEU A 544 20.11 -3.66 11.49
C LEU A 544 18.99 -3.03 12.30
N TYR A 545 18.82 -1.72 12.18
CA TYR A 545 17.80 -0.99 12.93
C TYR A 545 16.42 -1.57 12.69
N LEU A 546 16.03 -1.68 11.41
CA LEU A 546 14.68 -2.13 11.08
C LEU A 546 14.47 -3.58 11.49
N TYR A 547 15.40 -4.46 11.15
CA TYR A 547 15.21 -5.88 11.48
C TYR A 547 15.10 -6.06 12.98
N SER A 548 16.00 -5.45 13.76
CA SER A 548 15.96 -5.63 15.20
C SER A 548 14.67 -5.05 15.79
N PHE A 549 14.26 -3.85 15.36
CA PHE A 549 13.04 -3.28 15.90
C PHE A 549 11.84 -4.16 15.60
N ILE A 550 11.68 -4.57 14.35
CA ILE A 550 10.51 -5.36 13.97
C ILE A 550 10.48 -6.65 14.76
N SER A 551 11.61 -7.37 14.81
CA SER A 551 11.61 -8.65 15.53
C SER A 551 11.25 -8.44 16.99
N LEU A 552 11.97 -7.54 17.67
CA LEU A 552 11.76 -7.35 19.10
C LEU A 552 10.33 -6.95 19.41
N PHE A 553 9.76 -6.01 18.65
CA PHE A 553 8.49 -5.46 19.07
C PHE A 553 7.32 -6.31 18.60
N ILE A 554 7.36 -6.88 17.39
CA ILE A 554 6.25 -7.69 16.94
C ILE A 554 6.23 -9.03 17.69
N TYR A 555 7.37 -9.72 17.76
CA TYR A 555 7.33 -11.10 18.21
C TYR A 555 7.47 -11.25 19.72
N MET A 556 7.97 -10.24 20.43
CA MET A 556 8.21 -10.39 21.86
C MET A 556 7.42 -9.39 22.70
N VAL A 557 7.47 -8.10 22.37
CA VAL A 557 6.76 -7.11 23.19
C VAL A 557 5.25 -7.25 23.01
N LEU A 558 4.79 -7.27 21.76
CA LEU A 558 3.36 -7.33 21.50
C LEU A 558 2.78 -8.67 21.96
N SER A 559 3.54 -9.75 21.81
CA SER A 559 3.10 -11.05 22.30
C SER A 559 2.79 -10.99 23.78
N LEU A 560 3.69 -10.38 24.57
CA LEU A 560 3.47 -10.29 26.01
C LEU A 560 2.33 -9.35 26.35
N PHE A 561 2.17 -8.26 25.59
CA PHE A 561 1.04 -7.37 25.78
C PHE A 561 -0.28 -8.13 25.65
N ILE A 562 -0.44 -8.85 24.54
CA ILE A 562 -1.66 -9.63 24.30
C ILE A 562 -1.81 -10.71 25.36
N ALA A 563 -0.69 -11.32 25.78
CA ALA A 563 -0.75 -12.35 26.80
C ALA A 563 -1.28 -11.78 28.12
N LEU A 564 -0.84 -10.58 28.49
CA LEU A 564 -1.35 -9.95 29.71
C LEU A 564 -2.86 -9.73 29.59
N ILE A 565 -3.31 -9.22 28.45
CA ILE A 565 -4.74 -8.93 28.30
C ILE A 565 -5.55 -10.21 28.37
N THR A 566 -5.11 -11.27 27.67
CA THR A 566 -5.90 -12.50 27.66
C THR A 566 -5.82 -13.24 28.99
N GLY A 567 -4.71 -13.11 29.73
CA GLY A 567 -4.65 -13.67 31.07
C GLY A 567 -5.61 -12.97 32.01
N ALA A 568 -5.69 -11.64 31.90
CA ALA A 568 -6.69 -10.91 32.68
C ALA A 568 -8.09 -11.39 32.33
N TYR A 569 -8.35 -11.62 31.05
CA TYR A 569 -9.65 -12.18 30.65
C TYR A 569 -9.88 -13.55 31.30
N ASP A 570 -8.86 -14.40 31.29
CA ASP A 570 -8.99 -15.72 31.91
C ASP A 570 -9.30 -15.60 33.39
N THR A 571 -8.82 -14.54 34.04
CA THR A 571 -9.08 -14.36 35.47
C THR A 571 -10.56 -14.08 35.75
N ILE A 572 -11.22 -13.33 34.87
CA ILE A 572 -12.61 -12.94 35.08
C ILE A 572 -13.57 -13.77 34.25
N LYS A 573 -13.08 -14.85 33.63
CA LYS A 573 -13.90 -15.60 32.68
C LYS A 573 -15.16 -16.16 33.32
N HIS A 574 -15.02 -16.72 34.53
CA HIS A 574 -16.15 -17.32 35.22
C HIS A 574 -16.56 -16.49 36.43
N LEU B 89 30.62 -13.99 54.98
CA LEU B 89 30.64 -14.02 53.53
C LEU B 89 29.23 -14.03 52.96
N ARG B 90 28.36 -14.84 53.57
CA ARG B 90 26.98 -14.91 53.10
C ARG B 90 26.32 -13.54 53.13
N ARG B 91 26.59 -12.75 54.18
CA ARG B 91 26.02 -11.41 54.26
C ARG B 91 26.52 -10.54 53.10
N ARG B 92 27.82 -10.60 52.80
CA ARG B 92 28.35 -9.79 51.71
C ARG B 92 27.81 -10.23 50.37
N LEU B 93 27.70 -11.55 50.14
CA LEU B 93 27.12 -12.03 48.90
C LEU B 93 25.67 -11.58 48.77
N LYS B 94 24.92 -11.64 49.87
CA LYS B 94 23.52 -11.18 49.83
C LYS B 94 23.46 -9.69 49.52
N TYR B 95 24.35 -8.90 50.13
CA TYR B 95 24.37 -7.46 49.87
C TYR B 95 24.68 -7.17 48.42
N PHE B 96 25.59 -7.94 47.83
CA PHE B 96 26.01 -7.68 46.45
C PHE B 96 24.83 -7.71 45.49
N PHE B 97 23.77 -8.44 45.82
CA PHE B 97 22.63 -8.62 44.92
C PHE B 97 21.40 -7.83 45.37
N MET B 98 21.55 -6.93 46.34
CA MET B 98 20.41 -6.15 46.81
C MET B 98 20.12 -5.00 45.85
N SER B 99 18.86 -4.56 45.85
CA SER B 99 18.44 -3.47 45.00
C SER B 99 18.95 -2.14 45.54
N PRO B 100 18.96 -1.10 44.71
CA PRO B 100 19.49 0.20 45.20
C PRO B 100 18.79 0.71 46.43
N CYS B 101 17.46 0.59 46.49
CA CYS B 101 16.74 1.00 47.69
C CYS B 101 17.12 0.13 48.88
N ASP B 102 17.25 -1.18 48.67
CA ASP B 102 17.67 -2.06 49.75
C ASP B 102 19.08 -1.75 50.20
N LYS B 103 19.98 -1.47 49.26
CA LYS B 103 21.35 -1.11 49.62
C LYS B 103 21.39 0.19 50.41
N PHE B 104 20.57 1.17 50.00
CA PHE B 104 20.49 2.42 50.76
C PHE B 104 19.95 2.18 52.17
N ARG B 105 18.95 1.32 52.30
CA ARG B 105 18.42 1.00 53.62
C ARG B 105 19.49 0.34 54.48
N ALA B 106 20.27 -0.56 53.90
CA ALA B 106 21.26 -1.29 54.69
C ALA B 106 22.43 -0.41 55.08
N LYS B 107 23.17 0.11 54.09
CA LYS B 107 24.39 0.86 54.35
C LYS B 107 24.23 2.36 54.17
N GLY B 108 23.05 2.85 53.80
CA GLY B 108 22.91 4.26 53.51
C GLY B 108 23.57 4.71 52.22
N ARG B 109 23.91 3.78 51.33
CA ARG B 109 24.59 4.13 50.10
C ARG B 109 23.70 4.99 49.21
N LYS B 110 24.27 6.05 48.65
CA LYS B 110 23.51 6.91 47.75
C LYS B 110 23.56 6.35 46.33
N PRO B 111 22.47 6.42 45.57
CA PRO B 111 22.45 5.83 44.21
C PRO B 111 22.96 6.80 43.15
N CYS B 112 24.27 7.02 43.13
CA CYS B 112 24.84 7.94 42.15
C CYS B 112 24.72 7.41 40.73
N LYS B 113 24.81 6.08 40.55
CA LYS B 113 24.72 5.52 39.20
C LYS B 113 23.37 5.80 38.57
N LEU B 114 22.29 5.73 39.36
CA LEU B 114 20.96 5.98 38.83
C LEU B 114 20.81 7.43 38.35
N MET B 115 21.22 8.38 39.19
CA MET B 115 21.17 9.78 38.79
C MET B 115 22.04 10.03 37.57
N LEU B 116 23.21 9.38 37.52
CA LEU B 116 24.07 9.50 36.36
C LEU B 116 23.39 8.98 35.11
N GLN B 117 22.66 7.87 35.22
CA GLN B 117 21.96 7.33 34.06
C GLN B 117 20.89 8.29 33.56
N VAL B 118 20.14 8.90 34.48
CA VAL B 118 19.10 9.85 34.06
C VAL B 118 19.74 11.06 33.38
N VAL B 119 20.78 11.61 34.00
CA VAL B 119 21.48 12.76 33.41
C VAL B 119 22.03 12.39 32.04
N LYS B 120 22.58 11.18 31.91
CA LYS B 120 23.13 10.74 30.63
C LYS B 120 22.05 10.66 29.58
N ILE B 121 20.89 10.11 29.92
CA ILE B 121 19.80 10.06 28.95
C ILE B 121 19.53 11.46 28.42
N LEU B 122 19.35 12.40 29.36
CA LEU B 122 19.02 13.77 28.95
C LEU B 122 20.09 14.36 28.05
N VAL B 123 21.35 14.35 28.51
CA VAL B 123 22.40 15.08 27.80
C VAL B 123 22.74 14.41 26.48
N VAL B 124 22.77 13.08 26.46
CA VAL B 124 23.09 12.36 25.23
C VAL B 124 22.01 12.60 24.18
N THR B 125 20.73 12.59 24.58
CA THR B 125 19.68 12.87 23.60
C THR B 125 19.79 14.28 23.07
N VAL B 126 20.05 15.25 23.94
CA VAL B 126 20.18 16.64 23.49
C VAL B 126 21.35 16.76 22.52
N GLN B 127 22.47 16.13 22.84
CA GLN B 127 23.63 16.18 21.96
C GLN B 127 23.32 15.56 20.61
N LEU B 128 22.59 14.44 20.60
CA LEU B 128 22.22 13.82 19.33
C LEU B 128 21.40 14.77 18.48
N ILE B 129 20.43 15.46 19.08
CA ILE B 129 19.60 16.39 18.31
C ILE B 129 20.45 17.54 17.76
N LEU B 130 21.32 18.10 18.61
CA LEU B 130 22.15 19.22 18.18
C LEU B 130 23.06 18.82 17.03
N PHE B 131 23.62 17.61 17.07
CA PHE B 131 24.41 17.12 15.94
C PHE B 131 23.54 16.94 14.70
N GLY B 132 22.33 16.41 14.89
CA GLY B 132 21.44 16.19 13.77
C GLY B 132 21.19 17.46 12.98
N LEU B 133 21.20 18.60 13.65
CA LEU B 133 21.07 19.86 12.92
C LEU B 133 22.08 19.96 11.77
N SER B 134 23.38 19.91 12.11
CA SER B 134 24.41 20.07 11.09
C SER B 134 24.45 18.89 10.13
N ASN B 135 24.17 17.68 10.63
CA ASN B 135 24.11 16.52 9.75
C ASN B 135 23.06 16.72 8.66
N GLN B 136 21.88 17.21 9.06
CA GLN B 136 20.83 17.51 8.10
C GLN B 136 21.28 18.58 7.11
N LEU B 137 21.96 19.62 7.60
CA LEU B 137 22.43 20.65 6.68
C LEU B 137 23.30 20.06 5.59
N ALA B 138 24.27 19.22 5.97
CA ALA B 138 25.17 18.63 4.98
C ALA B 138 24.42 17.76 3.98
N VAL B 139 23.57 16.85 4.48
CA VAL B 139 22.86 15.93 3.60
C VAL B 139 21.97 16.71 2.63
N THR B 140 21.26 17.72 3.14
CA THR B 140 20.38 18.50 2.29
C THR B 140 21.17 19.23 1.21
N PHE B 141 22.32 19.81 1.56
CA PHE B 141 23.12 20.47 0.54
C PHE B 141 23.46 19.50 -0.59
N ARG B 142 23.97 18.32 -0.23
CA ARG B 142 24.35 17.35 -1.26
C ARG B 142 23.16 17.01 -2.16
N GLU B 143 22.04 16.61 -1.55
CA GLU B 143 20.92 16.13 -2.35
C GLU B 143 20.31 17.23 -3.22
N GLU B 144 20.16 18.43 -2.66
CA GLU B 144 19.57 19.53 -3.43
C GLU B 144 20.46 19.89 -4.62
N ASN B 145 21.77 19.93 -4.41
CA ASN B 145 22.66 20.20 -5.54
C ASN B 145 22.54 19.13 -6.60
N THR B 146 22.44 17.86 -6.20
CA THR B 146 22.31 16.79 -7.18
C THR B 146 21.02 16.93 -8.00
N ILE B 147 19.91 17.26 -7.33
CA ILE B 147 18.65 17.44 -8.06
C ILE B 147 18.76 18.61 -9.02
N ALA B 148 19.38 19.71 -8.59
CA ALA B 148 19.56 20.85 -9.48
C ALA B 148 20.40 20.47 -10.69
N PHE B 149 21.44 19.67 -10.48
CA PHE B 149 22.26 19.22 -11.62
C PHE B 149 21.44 18.38 -12.59
N ARG B 150 20.59 17.50 -12.07
CA ARG B 150 19.75 16.69 -12.95
C ARG B 150 18.83 17.58 -13.79
N HIS B 151 18.28 18.63 -13.18
CA HIS B 151 17.40 19.52 -13.95
C HIS B 151 18.19 20.40 -14.91
N LEU B 152 19.47 20.67 -14.62
CA LEU B 152 20.25 21.56 -15.49
C LEU B 152 20.83 20.83 -16.69
N PHE B 153 21.31 19.60 -16.51
CA PHE B 153 22.13 18.96 -17.52
C PHE B 153 21.44 17.85 -18.30
N LEU B 154 20.35 17.29 -17.81
CA LEU B 154 19.64 16.21 -18.49
C LEU B 154 18.48 16.79 -19.30
N LEU B 155 18.55 16.65 -20.62
CA LEU B 155 17.56 17.24 -21.50
C LEU B 155 16.20 16.59 -21.31
N GLY B 156 15.19 17.40 -21.00
CA GLY B 156 13.84 16.90 -20.85
C GLY B 156 13.60 16.12 -19.58
N TYR B 157 14.46 16.28 -18.57
CA TYR B 157 14.30 15.55 -17.32
C TYR B 157 13.16 16.14 -16.50
N SER B 158 12.45 15.25 -15.80
CA SER B 158 11.42 15.66 -14.86
C SER B 158 11.52 14.78 -13.61
N ASP B 159 11.02 15.30 -12.50
CA ASP B 159 11.10 14.59 -11.24
C ASP B 159 10.34 13.26 -11.32
N GLY B 160 10.93 12.22 -10.75
CA GLY B 160 10.32 10.91 -10.72
C GLY B 160 10.64 10.02 -11.91
N ALA B 161 11.40 10.51 -12.89
CA ALA B 161 11.72 9.77 -14.09
C ALA B 161 13.10 9.13 -14.06
N ASP B 162 13.73 9.06 -12.89
CA ASP B 162 15.11 8.59 -12.82
C ASP B 162 15.25 7.17 -13.34
N ASP B 163 14.30 6.30 -13.01
CA ASP B 163 14.45 4.87 -13.31
C ASP B 163 14.10 4.53 -14.74
N THR B 164 13.45 5.42 -15.49
CA THR B 164 13.08 5.16 -16.88
C THR B 164 13.73 6.11 -17.87
N PHE B 165 14.38 7.18 -17.41
CA PHE B 165 15.00 8.15 -18.31
C PHE B 165 15.97 7.47 -19.27
N ALA B 166 15.69 7.58 -20.56
CA ALA B 166 16.51 6.88 -21.56
C ALA B 166 16.31 7.54 -22.92
N ALA B 167 17.26 7.28 -23.81
CA ALA B 167 17.20 7.68 -25.20
C ALA B 167 16.87 6.49 -26.08
N TYR B 168 16.22 6.74 -27.21
CA TYR B 168 15.78 5.68 -28.11
C TYR B 168 16.13 5.90 -29.56
N THR B 169 16.60 7.09 -29.94
CA THR B 169 17.05 7.35 -31.30
C THR B 169 18.43 8.00 -31.24
N ARG B 170 19.15 7.92 -32.37
CA ARG B 170 20.46 8.55 -32.46
C ARG B 170 20.35 10.06 -32.24
N GLU B 171 19.30 10.66 -32.79
CA GLU B 171 19.11 12.10 -32.65
C GLU B 171 18.88 12.47 -31.19
N GLN B 172 18.09 11.66 -30.48
CA GLN B 172 17.88 11.92 -29.05
C GLN B 172 19.18 11.88 -28.29
N LEU B 173 20.03 10.89 -28.55
CA LEU B 173 21.27 10.75 -27.82
C LEU B 173 22.21 11.93 -28.11
N TYR B 174 22.34 12.30 -29.38
CA TYR B 174 23.18 13.44 -29.72
C TYR B 174 22.67 14.72 -29.05
N GLN B 175 21.35 14.93 -29.08
CA GLN B 175 20.78 16.12 -28.46
C GLN B 175 21.05 16.13 -26.96
N ALA B 176 20.90 14.99 -26.30
CA ALA B 176 21.15 14.93 -24.86
C ALA B 176 22.61 15.27 -24.54
N ILE B 177 23.55 14.68 -25.28
CA ILE B 177 24.96 14.91 -25.01
C ILE B 177 25.31 16.38 -25.23
N PHE B 178 24.88 16.94 -26.37
CA PHE B 178 25.19 18.33 -26.66
C PHE B 178 24.50 19.27 -25.67
N HIS B 179 23.29 18.94 -25.22
CA HIS B 179 22.64 19.75 -24.22
C HIS B 179 23.43 19.77 -22.92
N ALA B 180 23.93 18.61 -22.50
CA ALA B 180 24.73 18.57 -21.29
C ALA B 180 25.96 19.45 -21.41
N VAL B 181 26.70 19.33 -22.52
CA VAL B 181 27.91 20.12 -22.67
C VAL B 181 27.58 21.61 -22.76
N ASP B 182 26.54 21.97 -23.50
CA ASP B 182 26.17 23.37 -23.65
C ASP B 182 25.75 23.98 -22.31
N GLN B 183 24.99 23.23 -21.51
CA GLN B 183 24.61 23.72 -20.19
C GLN B 183 25.83 23.88 -19.30
N TYR B 184 26.78 22.95 -19.39
CA TYR B 184 28.02 23.12 -18.64
C TYR B 184 28.71 24.41 -19.01
N LEU B 185 28.75 24.74 -20.30
CA LEU B 185 29.42 25.95 -20.73
C LEU B 185 28.62 27.21 -20.40
N ALA B 186 27.30 27.09 -20.27
CA ALA B 186 26.44 28.23 -19.99
C ALA B 186 26.14 28.42 -18.51
N LEU B 187 26.64 27.52 -17.65
CA LEU B 187 26.28 27.54 -16.24
C LEU B 187 26.37 28.91 -15.57
N PRO B 188 27.43 29.70 -15.73
CA PRO B 188 27.52 30.95 -14.98
C PRO B 188 26.40 31.92 -15.28
N ASP B 189 25.77 31.83 -16.45
CA ASP B 189 24.76 32.79 -16.87
C ASP B 189 23.34 32.36 -16.54
N VAL B 190 23.08 31.08 -16.31
CA VAL B 190 21.72 30.58 -16.22
C VAL B 190 21.43 30.01 -14.84
N SER B 191 22.45 29.51 -14.16
CA SER B 191 22.23 28.78 -12.93
C SER B 191 21.85 29.71 -11.79
N LEU B 192 20.99 29.19 -10.89
CA LEU B 192 20.65 29.90 -9.67
C LEU B 192 21.72 29.75 -8.59
N GLY B 193 22.55 28.71 -8.67
CA GLY B 193 23.68 28.58 -7.77
C GLY B 193 24.92 29.25 -8.33
N ARG B 194 25.92 29.42 -7.46
CA ARG B 194 27.20 29.99 -7.83
C ARG B 194 28.24 28.87 -7.79
N TYR B 195 28.77 28.52 -8.96
CA TYR B 195 29.71 27.41 -9.09
C TYR B 195 30.99 27.90 -9.72
N ALA B 196 32.10 27.28 -9.32
CA ALA B 196 33.40 27.52 -9.92
C ALA B 196 33.85 26.27 -10.64
N TYR B 197 34.59 26.48 -11.73
CA TYR B 197 35.10 25.37 -12.53
C TYR B 197 36.39 24.81 -11.92
N VAL B 198 36.64 23.54 -12.23
CA VAL B 198 37.87 22.86 -11.83
C VAL B 198 38.55 22.34 -13.09
N ARG B 199 39.86 22.56 -13.18
CA ARG B 199 40.63 22.20 -14.36
C ARG B 199 41.74 21.21 -13.99
N GLY B 200 42.09 20.36 -14.94
CA GLY B 200 43.20 19.44 -14.76
C GLY B 200 42.94 18.42 -13.66
N GLY B 201 43.99 18.09 -12.93
CA GLY B 201 43.89 17.18 -11.80
C GLY B 201 43.94 15.71 -12.16
N GLY B 202 44.49 15.35 -13.30
CA GLY B 202 44.64 13.95 -13.65
C GLY B 202 43.48 13.40 -14.46
N ASP B 203 43.53 12.09 -14.67
CA ASP B 203 42.54 11.44 -15.51
C ASP B 203 41.14 11.61 -14.92
N PRO B 204 40.11 11.76 -15.76
CA PRO B 204 40.13 11.77 -17.24
C PRO B 204 40.45 13.13 -17.83
N TRP B 205 40.73 14.15 -17.03
CA TRP B 205 40.93 15.49 -17.54
C TRP B 205 42.40 15.74 -17.84
N THR B 206 42.67 16.37 -18.98
CA THR B 206 44.00 16.87 -19.27
C THR B 206 44.20 18.23 -18.63
N ASN B 207 45.44 18.71 -18.65
CA ASN B 207 45.74 20.01 -18.05
C ASN B 207 44.94 21.10 -18.75
N GLY B 208 44.26 21.92 -17.96
CA GLY B 208 43.46 22.99 -18.51
C GLY B 208 42.06 22.60 -18.91
N SER B 209 41.69 21.33 -18.83
CA SER B 209 40.39 20.85 -19.25
C SER B 209 39.46 20.73 -18.06
N GLY B 210 38.22 21.17 -18.24
CA GLY B 210 37.22 21.11 -17.19
C GLY B 210 36.22 20.00 -17.38
N LEU B 211 35.91 19.65 -18.62
CA LEU B 211 34.93 18.62 -18.93
C LEU B 211 35.55 17.57 -19.83
N ALA B 212 35.30 16.30 -19.51
CA ALA B 212 35.77 15.18 -20.31
C ALA B 212 34.56 14.45 -20.87
N LEU B 213 34.51 14.31 -22.20
CA LEU B 213 33.41 13.63 -22.89
C LEU B 213 34.01 12.43 -23.60
N CYS B 214 33.83 11.24 -23.04
CA CYS B 214 34.54 10.05 -23.49
C CYS B 214 33.55 8.99 -23.96
N GLN B 215 33.83 8.38 -25.11
CA GLN B 215 33.06 7.24 -25.59
C GLN B 215 33.92 5.99 -25.59
N ARG B 216 33.33 4.89 -25.16
CA ARG B 216 34.01 3.60 -25.04
C ARG B 216 33.31 2.59 -25.93
N TYR B 217 34.11 1.90 -26.75
CA TYR B 217 33.60 0.96 -27.74
C TYR B 217 34.57 -0.20 -27.93
N TYR B 218 34.08 -1.28 -28.53
CA TYR B 218 34.92 -2.45 -28.78
C TYR B 218 36.04 -2.15 -29.75
N HIS B 219 37.19 -2.76 -29.51
CA HIS B 219 38.34 -2.54 -30.38
C HIS B 219 38.05 -2.98 -31.81
N ARG B 220 37.44 -4.15 -31.99
CA ARG B 220 36.97 -4.57 -33.30
C ARG B 220 35.50 -4.96 -33.17
N GLY B 221 34.66 -4.37 -34.01
CA GLY B 221 33.23 -4.48 -33.83
C GLY B 221 32.39 -4.83 -35.04
N HIS B 222 32.83 -5.72 -35.93
CA HIS B 222 32.03 -6.02 -37.10
C HIS B 222 30.81 -6.84 -36.70
N VAL B 223 29.61 -6.30 -36.94
CA VAL B 223 28.37 -6.94 -36.52
C VAL B 223 27.43 -6.96 -37.73
N ASP B 224 27.01 -8.16 -38.14
CA ASP B 224 26.21 -8.35 -39.35
C ASP B 224 25.05 -9.28 -39.02
N PRO B 225 23.99 -8.77 -38.39
CA PRO B 225 22.84 -9.64 -38.10
C PRO B 225 22.15 -10.16 -39.34
N ALA B 226 22.26 -9.46 -40.48
CA ALA B 226 21.64 -9.94 -41.70
C ALA B 226 22.22 -11.28 -42.13
N ASN B 227 23.53 -11.43 -41.98
CA ASN B 227 24.21 -12.68 -42.30
C ASN B 227 24.45 -13.55 -41.06
N ASP B 228 23.91 -13.15 -39.91
CA ASP B 228 24.08 -13.89 -38.67
C ASP B 228 25.56 -14.09 -38.35
N THR B 229 26.34 -13.02 -38.48
CA THR B 229 27.79 -13.10 -38.30
C THR B 229 28.27 -11.94 -37.46
N PHE B 230 29.40 -12.15 -36.79
CA PHE B 230 30.09 -11.04 -36.15
C PHE B 230 31.55 -11.41 -35.94
N ASP B 231 32.37 -10.37 -35.91
CA ASP B 231 33.81 -10.47 -35.65
C ASP B 231 34.13 -9.41 -34.62
N ILE B 232 34.39 -9.85 -33.38
CA ILE B 232 34.52 -8.96 -32.24
C ILE B 232 35.89 -9.16 -31.61
N ASP B 233 36.63 -8.07 -31.47
CA ASP B 233 37.72 -7.96 -30.50
C ASP B 233 37.17 -7.10 -29.38
N PRO B 234 36.81 -7.68 -28.23
CA PRO B 234 36.04 -6.95 -27.22
C PRO B 234 36.87 -6.12 -26.25
N MET B 235 38.17 -5.97 -26.48
CA MET B 235 38.95 -5.01 -25.71
C MET B 235 38.35 -3.62 -25.90
N VAL B 236 38.18 -2.90 -24.79
CA VAL B 236 37.48 -1.62 -24.80
C VAL B 236 38.47 -0.51 -25.12
N VAL B 237 38.11 0.36 -26.05
CA VAL B 237 38.89 1.52 -26.44
C VAL B 237 38.12 2.76 -26.03
N THR B 238 38.81 3.70 -25.39
CA THR B 238 38.23 4.95 -24.90
C THR B 238 38.78 6.10 -25.73
N ASP B 239 37.89 6.84 -26.38
CA ASP B 239 38.24 8.05 -27.11
C ASP B 239 37.53 9.21 -26.44
N CYS B 240 38.28 10.19 -25.96
CA CYS B 240 37.72 11.19 -25.06
C CYS B 240 38.13 12.58 -25.50
N ILE B 241 37.13 13.47 -25.65
CA ILE B 241 37.31 14.86 -26.05
C ILE B 241 37.36 15.72 -24.78
N GLN B 242 38.23 16.72 -24.80
CA GLN B 242 38.43 17.63 -23.68
C GLN B 242 37.81 18.98 -24.00
N VAL B 243 37.04 19.51 -23.06
CA VAL B 243 36.40 20.82 -23.20
C VAL B 243 36.89 21.69 -22.05
N ASP B 244 37.45 22.85 -22.39
CA ASP B 244 37.82 23.81 -21.37
C ASP B 244 36.62 24.69 -21.01
N PRO B 245 36.46 25.05 -19.74
CA PRO B 245 35.36 25.93 -19.36
C PRO B 245 35.56 27.32 -19.96
N PRO B 246 34.47 28.09 -20.12
CA PRO B 246 34.55 29.42 -20.75
C PRO B 246 35.34 30.42 -19.93
N SER B 265 34.47 21.82 -30.89
CA SER B 265 35.15 20.59 -31.29
C SER B 265 34.42 19.38 -30.75
N TYR B 266 33.71 19.55 -29.63
CA TYR B 266 32.86 18.47 -29.13
C TYR B 266 31.62 18.27 -30.00
N LYS B 267 31.25 19.29 -30.79
CA LYS B 267 30.15 19.15 -31.72
C LYS B 267 30.46 18.22 -32.87
N ASN B 268 31.72 17.87 -33.07
CA ASN B 268 32.12 16.92 -34.10
C ASN B 268 32.10 15.48 -33.62
N LEU B 269 31.53 15.22 -32.45
CA LEU B 269 31.45 13.87 -31.92
C LEU B 269 30.75 12.95 -32.91
N THR B 270 31.35 11.80 -33.18
CA THR B 270 30.79 10.79 -34.06
C THR B 270 30.77 9.48 -33.30
N LEU B 271 29.57 9.04 -32.93
CA LEU B 271 29.44 7.82 -32.13
C LEU B 271 29.48 6.59 -33.02
N LYS B 272 30.15 5.55 -32.52
CA LYS B 272 30.24 4.27 -33.22
C LYS B 272 29.16 3.37 -32.63
N PHE B 273 27.94 3.56 -33.12
CA PHE B 273 26.75 3.02 -32.46
C PHE B 273 26.79 1.50 -32.37
N HIS B 274 27.21 0.84 -33.45
CA HIS B 274 27.08 -0.61 -33.52
C HIS B 274 27.97 -1.32 -32.51
N LYS B 275 29.09 -0.70 -32.12
CA LYS B 275 30.00 -1.29 -31.13
C LYS B 275 30.19 -0.38 -29.92
N LEU B 276 29.25 0.52 -29.65
CA LEU B 276 29.38 1.47 -28.57
C LEU B 276 29.10 0.79 -27.23
N VAL B 277 30.02 0.92 -26.29
CA VAL B 277 29.83 0.38 -24.95
C VAL B 277 29.15 1.41 -24.05
N ASN B 278 29.69 2.62 -23.97
CA ASN B 278 28.95 3.68 -23.28
C ASN B 278 29.57 5.04 -23.59
N VAL B 279 28.91 6.09 -23.12
CA VAL B 279 29.40 7.45 -23.20
C VAL B 279 29.33 8.05 -21.82
N THR B 280 30.35 8.80 -21.43
CA THR B 280 30.39 9.44 -20.13
C THR B 280 30.83 10.88 -20.25
N ILE B 281 30.28 11.72 -19.37
CA ILE B 281 30.68 13.11 -19.22
C ILE B 281 31.10 13.30 -17.76
N HIS B 282 32.33 13.78 -17.57
CA HIS B 282 32.89 14.00 -16.24
C HIS B 282 33.25 15.47 -16.08
N PHE B 283 32.81 16.07 -14.97
CA PHE B 283 33.30 17.41 -14.65
C PHE B 283 33.09 17.67 -13.17
N ARG B 284 33.82 18.67 -12.65
CA ARG B 284 33.75 19.02 -11.25
C ARG B 284 33.36 20.49 -11.08
N LEU B 285 32.58 20.76 -10.04
CA LEU B 285 32.13 22.11 -9.71
C LEU B 285 32.39 22.40 -8.23
N LYS B 286 32.80 23.62 -7.93
CA LYS B 286 33.03 24.05 -6.57
C LYS B 286 31.94 25.01 -6.13
N THR B 287 31.45 24.83 -4.90
CA THR B 287 30.42 25.69 -4.35
C THR B 287 30.63 25.79 -2.84
N ILE B 288 29.86 26.68 -2.20
CA ILE B 288 29.99 26.96 -0.78
C ILE B 288 28.63 26.77 -0.12
N ASN B 289 28.61 26.02 0.99
CA ASN B 289 27.38 25.71 1.71
C ASN B 289 27.06 26.85 2.68
N LEU B 290 26.44 27.89 2.14
CA LEU B 290 26.19 29.10 2.93
C LEU B 290 25.15 28.87 4.02
N GLN B 291 24.25 27.91 3.84
CA GLN B 291 23.17 27.72 4.81
C GLN B 291 23.69 27.41 6.21
N SER B 292 24.94 26.95 6.32
CA SER B 292 25.52 26.69 7.63
C SER B 292 25.48 27.93 8.52
N LEU B 293 25.47 29.13 7.92
CA LEU B 293 25.41 30.35 8.72
C LEU B 293 24.20 30.35 9.64
N ILE B 294 23.10 29.72 9.23
CA ILE B 294 21.90 29.72 10.06
C ILE B 294 22.12 28.97 11.36
N ASN B 295 23.07 28.04 11.38
CA ASN B 295 23.40 27.27 12.56
C ASN B 295 24.61 27.84 13.30
N ASN B 296 25.03 29.06 12.98
CA ASN B 296 26.20 29.69 13.60
C ASN B 296 27.46 28.88 13.35
N GLU B 297 27.61 28.38 12.12
CA GLU B 297 28.78 27.62 11.71
C GLU B 297 29.40 28.26 10.48
N ILE B 298 30.70 28.07 10.32
CA ILE B 298 31.41 28.60 9.16
C ILE B 298 31.11 27.72 7.95
N PRO B 299 30.66 28.28 6.83
CA PRO B 299 30.39 27.45 5.65
C PRO B 299 31.62 26.69 5.18
N ASP B 300 31.39 25.48 4.69
CA ASP B 300 32.42 24.64 4.12
C ASP B 300 32.48 24.81 2.60
N CYS B 301 33.56 24.33 2.00
CA CYS B 301 33.76 24.37 0.56
C CYS B 301 33.54 22.97 -0.01
N TYR B 302 32.53 22.84 -0.86
CA TYR B 302 32.21 21.55 -1.48
C TYR B 302 32.73 21.49 -2.91
N THR B 303 33.28 20.34 -3.27
CA THR B 303 33.58 20.00 -4.65
C THR B 303 32.70 18.83 -5.04
N PHE B 304 31.86 19.04 -6.06
CA PHE B 304 31.00 18.01 -6.60
C PHE B 304 31.66 17.45 -7.86
N SER B 305 31.87 16.13 -7.87
CA SER B 305 32.33 15.41 -9.05
C SER B 305 31.08 14.81 -9.70
N VAL B 306 30.76 15.29 -10.90
CA VAL B 306 29.54 14.94 -11.61
C VAL B 306 29.90 13.99 -12.74
N LEU B 307 29.19 12.87 -12.79
CA LEU B 307 29.33 11.87 -13.84
C LEU B 307 27.97 11.64 -14.49
N ILE B 308 27.90 11.86 -15.80
CA ILE B 308 26.69 11.57 -16.58
C ILE B 308 27.00 10.37 -17.47
N THR B 309 26.18 9.34 -17.36
CA THR B 309 26.38 8.08 -18.08
C THR B 309 25.24 7.85 -19.06
N PHE B 310 25.60 7.57 -20.31
CA PHE B 310 24.70 7.06 -21.33
C PHE B 310 25.13 5.61 -21.58
N ASP B 311 24.34 4.66 -21.08
CA ASP B 311 24.77 3.27 -20.97
C ASP B 311 24.19 2.44 -22.10
N ASN B 312 25.07 1.80 -22.88
CA ASN B 312 24.66 0.95 -23.99
C ASN B 312 25.19 -0.48 -23.84
N LYS B 313 25.46 -0.92 -22.61
CA LYS B 313 26.06 -2.24 -22.42
C LYS B 313 25.09 -3.36 -22.80
N ALA B 314 23.79 -3.10 -22.81
CA ALA B 314 22.82 -4.10 -23.22
C ALA B 314 22.69 -4.22 -24.74
N HIS B 315 23.06 -3.18 -25.49
CA HIS B 315 22.95 -3.18 -26.95
C HIS B 315 21.53 -3.53 -27.39
N SER B 316 20.54 -2.98 -26.67
CA SER B 316 19.15 -3.36 -26.84
C SER B 316 18.32 -2.30 -27.58
N GLY B 317 18.95 -1.23 -28.07
CA GLY B 317 18.21 -0.14 -28.67
C GLY B 317 17.68 0.87 -27.69
N ARG B 318 17.85 0.64 -26.39
CA ARG B 318 17.46 1.58 -25.35
C ARG B 318 18.69 1.92 -24.54
N ILE B 319 19.02 3.21 -24.47
CA ILE B 319 20.22 3.66 -23.75
C ILE B 319 19.78 4.48 -22.54
N PRO B 320 19.78 3.91 -21.33
CA PRO B 320 19.45 4.71 -20.15
C PRO B 320 20.50 5.76 -19.85
N ILE B 321 20.03 6.86 -19.27
CA ILE B 321 20.85 8.03 -18.97
C ILE B 321 20.73 8.31 -17.47
N SER B 322 21.87 8.52 -16.81
CA SER B 322 21.87 8.77 -15.38
C SER B 322 22.91 9.83 -15.04
N LEU B 323 22.71 10.48 -13.89
CA LEU B 323 23.63 11.47 -13.36
C LEU B 323 23.91 11.13 -11.90
N GLU B 324 25.19 11.08 -11.54
CA GLU B 324 25.62 10.82 -10.17
C GLU B 324 26.64 11.86 -9.74
N THR B 325 26.71 12.07 -8.42
CA THR B 325 27.64 13.04 -7.85
C THR B 325 28.39 12.42 -6.68
N GLN B 326 29.64 12.87 -6.51
CA GLN B 326 30.43 12.61 -5.31
C GLN B 326 30.83 13.95 -4.71
N ALA B 327 30.55 14.13 -3.41
CA ALA B 327 30.82 15.39 -2.74
C ALA B 327 32.04 15.26 -1.84
N HIS B 328 33.00 16.16 -2.02
CA HIS B 328 34.17 16.24 -1.16
C HIS B 328 34.15 17.57 -0.44
N ILE B 329 34.20 17.53 0.89
CA ILE B 329 34.13 18.72 1.73
C ILE B 329 35.54 19.08 2.18
N GLN B 330 35.91 20.35 2.00
CA GLN B 330 37.17 20.86 2.51
C GLN B 330 36.93 22.20 3.17
N GLU B 331 37.82 22.54 4.09
CA GLU B 331 37.77 23.86 4.72
C GLU B 331 38.20 24.93 3.73
N CYS B 332 37.55 26.09 3.81
CA CYS B 332 37.87 27.19 2.93
C CYS B 332 39.06 27.98 3.48
N LYS B 333 39.68 28.77 2.60
CA LYS B 333 40.88 29.52 2.96
C LYS B 333 40.50 30.91 3.46
N HIS B 334 40.83 31.19 4.71
CA HIS B 334 40.61 32.50 5.33
C HIS B 334 39.22 33.06 5.03
N PRO B 335 38.15 32.38 5.46
CA PRO B 335 36.82 32.96 5.32
C PRO B 335 36.54 34.01 6.37
N SER B 336 35.58 34.88 6.07
CA SER B 336 35.19 35.96 6.97
C SER B 336 33.69 35.91 7.19
N VAL B 337 33.29 35.88 8.45
CA VAL B 337 31.89 36.00 8.84
C VAL B 337 31.81 37.07 9.92
N PHE B 338 31.07 38.14 9.63
CA PHE B 338 30.91 39.24 10.57
C PHE B 338 30.17 38.77 11.82
N PHE B 345 26.84 27.00 24.46
CA PHE B 345 28.02 26.72 23.67
C PHE B 345 28.19 25.21 23.53
N ARG B 346 28.17 24.73 22.29
CA ARG B 346 28.15 23.29 22.04
C ARG B 346 29.39 22.60 22.60
N LEU B 347 30.54 23.27 22.59
CA LEU B 347 31.77 22.61 23.06
C LEU B 347 31.67 22.28 24.54
N LEU B 348 31.12 23.19 25.34
CA LEU B 348 30.94 22.92 26.76
C LEU B 348 29.96 21.76 26.97
N PHE B 349 28.90 21.70 26.16
CA PHE B 349 27.95 20.60 26.26
C PHE B 349 28.62 19.26 25.94
N ASP B 350 29.46 19.24 24.91
CA ASP B 350 30.20 18.03 24.59
C ASP B 350 31.13 17.64 25.73
N VAL B 351 31.78 18.62 26.35
CA VAL B 351 32.65 18.33 27.49
C VAL B 351 31.83 17.75 28.64
N VAL B 352 30.63 18.28 28.86
CA VAL B 352 29.77 17.75 29.91
C VAL B 352 29.40 16.31 29.63
N VAL B 353 29.06 15.99 28.38
CA VAL B 353 28.77 14.61 28.01
C VAL B 353 29.98 13.73 28.28
N ILE B 354 31.17 14.23 27.92
CA ILE B 354 32.40 13.48 28.15
C ILE B 354 32.57 13.17 29.63
N LEU B 355 32.40 14.18 30.49
CA LEU B 355 32.59 13.97 31.92
C LEU B 355 31.57 12.99 32.48
N THR B 356 30.31 13.13 32.08
CA THR B 356 29.28 12.23 32.57
C THR B 356 29.57 10.78 32.18
N CYS B 357 29.95 10.57 30.91
CA CYS B 357 30.22 9.22 30.46
C CYS B 357 31.49 8.66 31.11
N SER B 358 32.48 9.50 31.34
CA SER B 358 33.70 9.03 32.00
C SER B 358 33.42 8.61 33.44
N LEU B 359 32.62 9.40 34.17
CA LEU B 359 32.28 9.02 35.53
C LEU B 359 31.46 7.74 35.57
N SER B 360 30.49 7.61 34.65
CA SER B 360 29.71 6.39 34.58
C SER B 360 30.61 5.19 34.28
N PHE B 361 31.56 5.36 33.35
CA PHE B 361 32.49 4.28 33.03
C PHE B 361 33.31 3.88 34.25
N LEU B 362 33.80 4.87 35.01
CA LEU B 362 34.61 4.57 36.18
C LEU B 362 33.79 3.79 37.21
N LEU B 363 32.56 4.23 37.47
CA LEU B 363 31.74 3.53 38.45
C LEU B 363 31.41 2.12 38.00
N CYS B 364 31.09 1.94 36.72
CA CYS B 364 30.78 0.60 36.21
C CYS B 364 31.99 -0.31 36.30
N ALA B 365 33.18 0.22 35.98
CA ALA B 365 34.40 -0.60 36.09
C ALA B 365 34.65 -0.98 37.54
N ARG B 366 34.44 -0.06 38.47
CA ARG B 366 34.59 -0.38 39.88
C ARG B 366 33.64 -1.50 40.29
N SER B 367 32.38 -1.40 39.87
CA SER B 367 31.42 -2.45 40.21
C SER B 367 31.82 -3.79 39.61
N LEU B 368 32.27 -3.78 38.36
CA LEU B 368 32.68 -5.03 37.72
C LEU B 368 33.86 -5.67 38.43
N LEU B 369 34.85 -4.85 38.82
CA LEU B 369 35.99 -5.40 39.55
C LEU B 369 35.57 -5.96 40.90
N ARG B 370 34.68 -5.27 41.60
CA ARG B 370 34.18 -5.78 42.87
C ARG B 370 33.47 -7.12 42.68
N GLY B 371 32.66 -7.23 41.64
CA GLY B 371 32.00 -8.49 41.37
C GLY B 371 32.98 -9.60 41.05
N PHE B 372 34.05 -9.28 40.32
CA PHE B 372 35.07 -10.27 40.01
C PHE B 372 35.76 -10.76 41.28
N LEU B 373 36.08 -9.84 42.19
CA LEU B 373 36.69 -10.24 43.45
C LEU B 373 35.76 -11.12 44.27
N LEU B 374 34.47 -10.76 44.32
CA LEU B 374 33.52 -11.58 45.05
C LEU B 374 33.40 -12.97 44.43
N GLN B 375 33.43 -13.04 43.10
CA GLN B 375 33.39 -14.33 42.42
C GLN B 375 34.58 -15.19 42.81
N ASN B 376 35.78 -14.59 42.82
CA ASN B 376 36.97 -15.34 43.22
C ASN B 376 36.84 -15.83 44.66
N GLU B 377 36.35 -14.96 45.55
CA GLU B 377 36.20 -15.36 46.94
C GLU B 377 35.23 -16.52 47.09
N PHE B 378 34.10 -16.47 46.37
CA PHE B 378 33.12 -17.55 46.45
C PHE B 378 33.71 -18.85 45.90
N VAL B 379 34.42 -18.77 44.79
CA VAL B 379 35.01 -19.98 44.21
C VAL B 379 36.02 -20.59 45.18
N GLY B 380 36.84 -19.75 45.81
CA GLY B 380 37.75 -20.25 46.84
C GLY B 380 37.01 -20.88 48.00
N PHE B 381 35.89 -20.28 48.42
CA PHE B 381 35.12 -20.83 49.53
C PHE B 381 34.59 -22.22 49.21
N MET B 382 34.10 -22.42 47.98
CA MET B 382 33.59 -23.74 47.61
C MET B 382 34.70 -24.76 47.38
N TRP B 383 35.96 -24.35 47.42
CA TRP B 383 37.08 -25.29 47.30
C TRP B 383 37.12 -25.96 45.93
N SER B 391 32.81 -24.51 36.63
CA SER B 391 31.40 -24.13 36.51
C SER B 391 31.28 -22.71 35.98
N LEU B 392 31.65 -22.53 34.69
CA LEU B 392 31.62 -21.21 34.09
C LEU B 392 30.21 -20.61 34.13
N TRP B 393 29.19 -21.44 33.97
CA TRP B 393 27.82 -20.93 34.02
C TRP B 393 27.51 -20.33 35.38
N GLU B 394 27.92 -21.02 36.46
CA GLU B 394 27.77 -20.45 37.79
C GLU B 394 28.72 -19.27 37.99
N ARG B 395 29.86 -19.28 37.31
CA ARG B 395 30.80 -18.17 37.42
C ARG B 395 30.18 -16.87 36.90
N LEU B 396 29.47 -16.94 35.78
CA LEU B 396 28.91 -15.75 35.15
C LEU B 396 27.78 -15.12 35.96
N GLU B 397 27.31 -15.80 37.02
CA GLU B 397 26.28 -15.19 37.87
C GLU B 397 26.79 -13.94 38.57
N PHE B 398 28.10 -13.75 38.62
CA PHE B 398 28.70 -12.56 39.23
C PHE B 398 28.99 -11.46 38.22
N VAL B 399 28.70 -11.68 36.94
CA VAL B 399 28.95 -10.70 35.89
C VAL B 399 27.67 -9.91 35.66
N ASN B 400 27.74 -8.60 35.87
CA ASN B 400 26.62 -7.70 35.60
C ASN B 400 26.66 -7.34 34.13
N GLY B 401 25.84 -8.01 33.32
CA GLY B 401 25.79 -7.70 31.90
C GLY B 401 25.33 -6.29 31.62
N TRP B 402 24.45 -5.76 32.47
CA TRP B 402 24.02 -4.38 32.30
C TRP B 402 25.20 -3.42 32.39
N TYR B 403 26.16 -3.70 33.27
CA TYR B 403 27.31 -2.82 33.40
C TYR B 403 28.27 -2.97 32.23
N ILE B 404 28.37 -4.16 31.64
CA ILE B 404 29.12 -4.29 30.40
C ILE B 404 28.46 -3.47 29.30
N LEU B 405 27.14 -3.52 29.21
CA LEU B 405 26.43 -2.70 28.24
C LEU B 405 26.67 -1.22 28.49
N LEU B 406 26.65 -0.81 29.76
CA LEU B 406 26.87 0.59 30.09
C LEU B 406 28.28 1.04 29.69
N VAL B 407 29.28 0.20 29.96
CA VAL B 407 30.66 0.55 29.58
C VAL B 407 30.78 0.66 28.08
N THR B 408 30.18 -0.28 27.34
CA THR B 408 30.22 -0.21 25.89
C THR B 408 29.56 1.07 25.37
N SER B 409 28.40 1.42 25.94
CA SER B 409 27.70 2.63 25.52
C SER B 409 28.52 3.88 25.84
N ASP B 410 29.21 3.88 26.98
CA ASP B 410 30.05 5.03 27.33
C ASP B 410 31.21 5.17 26.37
N VAL B 411 31.85 4.06 26.00
CA VAL B 411 32.92 4.12 25.01
C VAL B 411 32.39 4.66 23.69
N LEU B 412 31.23 4.16 23.26
CA LEU B 412 30.65 4.64 22.00
C LEU B 412 30.35 6.12 22.08
N THR B 413 29.79 6.58 23.19
CA THR B 413 29.44 7.99 23.33
C THR B 413 30.67 8.88 23.31
N ILE B 414 31.73 8.48 24.00
CA ILE B 414 32.95 9.29 24.01
C ILE B 414 33.58 9.33 22.62
N SER B 415 33.61 8.19 21.93
CA SER B 415 34.15 8.18 20.58
C SER B 415 33.34 9.08 19.66
N GLY B 416 32.02 9.00 19.74
CA GLY B 416 31.18 9.83 18.91
C GLY B 416 31.33 11.31 19.22
N THR B 417 31.49 11.64 20.50
CA THR B 417 31.67 13.04 20.88
C THR B 417 32.99 13.58 20.37
N ILE B 418 34.06 12.78 20.46
CA ILE B 418 35.35 13.23 19.92
C ILE B 418 35.26 13.41 18.41
N MET B 419 34.61 12.47 17.72
CA MET B 419 34.44 12.61 16.29
C MET B 419 33.63 13.87 15.94
N LYS B 420 32.59 14.14 16.72
CA LYS B 420 31.77 15.32 16.48
C LYS B 420 32.57 16.60 16.68
N ILE B 421 33.38 16.66 17.74
CA ILE B 421 34.22 17.83 17.96
C ILE B 421 35.20 18.00 16.81
N GLY B 422 35.80 16.89 16.35
CA GLY B 422 36.70 16.97 15.22
C GLY B 422 36.02 17.47 13.96
N ILE B 423 34.79 17.04 13.72
CA ILE B 423 34.05 17.52 12.56
C ILE B 423 33.77 19.02 12.70
N GLU B 424 33.36 19.46 13.89
CA GLU B 424 33.09 20.88 14.09
C GLU B 424 34.34 21.72 13.90
N ALA B 425 35.50 21.20 14.28
CA ALA B 425 36.76 21.91 14.08
C ALA B 425 37.27 21.81 12.65
N LYS B 426 36.53 21.16 11.75
CA LYS B 426 36.87 21.02 10.34
C LYS B 426 38.04 20.06 10.13
N ASN B 427 38.35 19.24 11.11
CA ASN B 427 39.38 18.22 10.94
C ASN B 427 38.84 16.96 10.26
N LEU B 428 37.53 16.71 10.36
CA LEU B 428 36.92 15.53 9.78
C LEU B 428 35.65 15.94 9.06
N ALA B 429 35.14 15.03 8.23
CA ALA B 429 33.86 15.25 7.55
C ALA B 429 33.02 13.98 7.48
N SER B 430 33.30 12.99 8.34
CA SER B 430 32.59 11.71 8.32
C SER B 430 31.30 11.86 9.13
N TYR B 431 30.32 12.53 8.52
CA TYR B 431 29.06 12.78 9.21
C TYR B 431 28.31 11.48 9.49
N ASP B 432 28.32 10.54 8.54
CA ASP B 432 27.55 9.32 8.69
C ASP B 432 28.08 8.46 9.83
N VAL B 433 29.40 8.33 9.94
CA VAL B 433 29.98 7.53 11.02
C VAL B 433 29.64 8.15 12.37
N CYS B 434 29.78 9.47 12.48
CA CYS B 434 29.44 10.16 13.72
C CYS B 434 27.97 9.95 14.08
N SER B 435 27.08 10.09 13.09
CA SER B 435 25.66 9.93 13.35
C SER B 435 25.35 8.52 13.82
N ILE B 436 25.97 7.51 13.21
CA ILE B 436 25.72 6.14 13.62
C ILE B 436 26.21 5.91 15.05
N LEU B 437 27.41 6.41 15.36
CA LEU B 437 27.94 6.25 16.71
C LEU B 437 27.01 6.88 17.74
N LEU B 438 26.61 8.14 17.49
CA LEU B 438 25.82 8.85 18.48
C LEU B 438 24.41 8.29 18.60
N GLY B 439 23.79 7.87 17.49
CA GLY B 439 22.48 7.28 17.56
C GLY B 439 22.47 5.95 18.27
N THR B 440 23.46 5.09 17.97
CA THR B 440 23.55 3.82 18.68
C THR B 440 23.78 4.05 20.17
N SER B 441 24.64 5.01 20.51
CA SER B 441 24.89 5.29 21.91
C SER B 441 23.64 5.82 22.60
N THR B 442 22.85 6.65 21.91
CA THR B 442 21.62 7.16 22.50
C THR B 442 20.64 6.03 22.76
N LEU B 443 20.47 5.13 21.79
CA LEU B 443 19.56 4.00 22.00
C LEU B 443 20.03 3.13 23.16
N LEU B 444 21.34 2.87 23.24
CA LEU B 444 21.84 2.04 24.33
C LEU B 444 21.69 2.73 25.68
N VAL B 445 21.86 4.06 25.72
CA VAL B 445 21.69 4.80 26.96
C VAL B 445 20.24 4.73 27.42
N TRP B 446 19.29 4.86 26.50
CA TRP B 446 17.89 4.71 26.87
C TRP B 446 17.60 3.29 27.36
N VAL B 447 18.18 2.28 26.71
CA VAL B 447 17.92 0.91 27.10
C VAL B 447 18.52 0.60 28.46
N GLY B 448 19.69 1.17 28.77
CA GLY B 448 20.42 0.77 29.96
C GLY B 448 19.73 1.09 31.27
N VAL B 449 18.71 1.95 31.24
CA VAL B 449 17.99 2.27 32.47
C VAL B 449 17.08 1.16 32.92
N ILE B 450 16.85 0.15 32.08
CA ILE B 450 16.04 -1.01 32.48
C ILE B 450 16.74 -1.85 33.52
N ARG B 451 18.03 -1.65 33.75
CA ARG B 451 18.74 -2.38 34.79
C ARG B 451 18.05 -2.25 36.14
N TYR B 452 17.42 -1.10 36.40
CA TYR B 452 16.85 -0.82 37.71
C TYR B 452 15.40 -1.25 37.85
N LEU B 453 14.77 -1.71 36.76
CA LEU B 453 13.47 -2.34 36.86
C LEU B 453 13.56 -3.86 37.02
N THR B 454 14.76 -4.42 36.91
CA THR B 454 14.93 -5.86 37.01
C THR B 454 14.70 -6.38 38.42
N PHE B 455 14.77 -5.52 39.43
CA PHE B 455 14.61 -5.95 40.81
C PHE B 455 13.16 -6.20 41.19
N PHE B 456 12.21 -5.69 40.41
CA PHE B 456 10.79 -5.76 40.74
C PHE B 456 10.09 -6.63 39.70
N HIS B 457 9.42 -7.68 40.17
CA HIS B 457 8.93 -8.71 39.26
C HIS B 457 7.89 -8.16 38.29
N ASN B 458 6.98 -7.33 38.78
CA ASN B 458 5.89 -6.83 37.93
C ASN B 458 6.40 -5.88 36.86
N TYR B 459 7.62 -5.36 36.98
CA TYR B 459 8.20 -4.48 35.99
C TYR B 459 9.26 -5.17 35.14
N ASN B 460 9.44 -6.48 35.29
CA ASN B 460 10.53 -7.20 34.66
C ASN B 460 10.03 -8.38 33.82
N ILE B 461 8.80 -8.31 33.33
CA ILE B 461 8.25 -9.41 32.56
C ILE B 461 9.04 -9.60 31.27
N LEU B 462 9.35 -8.50 30.57
CA LEU B 462 9.99 -8.61 29.27
C LEU B 462 11.35 -9.28 29.37
N ILE B 463 12.20 -8.82 30.29
CA ILE B 463 13.55 -9.35 30.41
C ILE B 463 13.52 -10.78 30.91
N ALA B 464 12.66 -11.08 31.88
CA ALA B 464 12.56 -12.45 32.37
C ALA B 464 12.14 -13.41 31.27
N THR B 465 11.13 -13.02 30.47
CA THR B 465 10.71 -13.87 29.38
C THR B 465 11.82 -14.02 28.34
N LEU B 466 12.53 -12.93 28.03
CA LEU B 466 13.67 -13.03 27.11
C LEU B 466 14.68 -14.06 27.63
N ARG B 467 15.02 -13.97 28.91
CA ARG B 467 16.02 -14.86 29.49
C ARG B 467 15.58 -16.32 29.41
N VAL B 468 14.30 -16.58 29.69
CA VAL B 468 13.84 -17.96 29.65
C VAL B 468 13.66 -18.47 28.22
N ALA B 469 13.36 -17.59 27.27
CA ALA B 469 12.94 -18.00 25.94
C ALA B 469 14.07 -18.07 24.91
N LEU B 470 15.13 -17.28 25.07
CA LEU B 470 16.14 -17.16 24.02
C LEU B 470 16.73 -18.49 23.58
N PRO B 471 17.10 -19.41 24.46
CA PRO B 471 17.74 -20.66 23.98
C PRO B 471 16.86 -21.49 23.06
N SER B 472 15.60 -21.72 23.47
CA SER B 472 14.70 -22.51 22.63
C SER B 472 14.42 -21.81 21.32
N VAL B 473 14.35 -20.48 21.34
CA VAL B 473 14.13 -19.72 20.11
C VAL B 473 15.31 -19.90 19.16
N MET B 474 16.53 -19.87 19.70
CA MET B 474 17.71 -20.09 18.85
C MET B 474 17.70 -21.49 18.26
N ARG B 475 17.36 -22.49 19.07
CA ARG B 475 17.30 -23.85 18.55
C ARG B 475 16.26 -23.99 17.45
N PHE B 476 15.11 -23.32 17.61
CA PHE B 476 14.09 -23.30 16.57
C PHE B 476 14.61 -22.60 15.30
N CYS B 477 15.31 -21.48 15.47
CA CYS B 477 15.84 -20.76 14.32
C CYS B 477 16.85 -21.59 13.56
N CYS B 478 17.56 -22.48 14.25
CA CYS B 478 18.51 -23.36 13.56
C CYS B 478 17.81 -24.09 12.41
N CYS B 479 16.64 -24.66 12.67
CA CYS B 479 15.88 -25.35 11.63
C CYS B 479 15.23 -24.38 10.66
N VAL B 480 14.68 -23.28 11.15
CA VAL B 480 13.95 -22.39 10.25
C VAL B 480 14.87 -21.72 9.23
N ALA B 481 16.13 -21.51 9.60
CA ALA B 481 17.03 -20.70 8.76
C ALA B 481 17.33 -21.37 7.44
N VAL B 482 17.52 -22.69 7.42
CA VAL B 482 17.85 -23.37 6.17
C VAL B 482 16.70 -23.26 5.18
N ILE B 483 15.46 -23.42 5.67
CA ILE B 483 14.30 -23.27 4.80
C ILE B 483 14.22 -21.84 4.28
N TYR B 484 14.42 -20.86 5.16
CA TYR B 484 14.35 -19.47 4.74
C TYR B 484 15.39 -19.16 3.68
N LEU B 485 16.61 -19.66 3.85
CA LEU B 485 17.68 -19.39 2.89
C LEU B 485 17.43 -20.10 1.57
N GLY B 486 16.92 -21.33 1.61
CA GLY B 486 16.56 -22.00 0.38
C GLY B 486 15.54 -21.21 -0.42
N TYR B 487 14.50 -20.73 0.27
CA TYR B 487 13.51 -19.90 -0.42
C TYR B 487 14.13 -18.63 -0.96
N CYS B 488 15.01 -17.99 -0.18
CA CYS B 488 15.65 -16.76 -0.61
C CYS B 488 16.41 -16.97 -1.92
N PHE B 489 17.26 -18.01 -1.97
CA PHE B 489 18.06 -18.25 -3.17
C PHE B 489 17.17 -18.60 -4.36
N CYS B 490 16.22 -19.51 -4.15
CA CYS B 490 15.33 -19.91 -5.23
C CYS B 490 14.61 -18.71 -5.81
N GLY B 491 14.00 -17.88 -4.96
CA GLY B 491 13.29 -16.73 -5.45
C GLY B 491 14.20 -15.73 -6.14
N TRP B 492 15.36 -15.46 -5.54
CA TRP B 492 16.27 -14.50 -6.12
C TRP B 492 16.65 -14.88 -7.55
N ILE B 493 16.96 -16.17 -7.78
CA ILE B 493 17.47 -16.53 -9.09
C ILE B 493 16.33 -16.78 -10.08
N VAL B 494 15.23 -17.38 -9.64
CA VAL B 494 14.18 -17.75 -10.59
C VAL B 494 13.27 -16.58 -10.90
N LEU B 495 12.86 -15.81 -9.89
CA LEU B 495 11.90 -14.74 -10.08
C LEU B 495 12.54 -13.37 -10.24
N GLY B 496 13.82 -13.22 -9.90
CA GLY B 496 14.47 -11.94 -9.92
C GLY B 496 14.39 -11.22 -11.26
N PRO B 497 14.64 -11.95 -12.35
CA PRO B 497 14.54 -11.31 -13.67
C PRO B 497 13.13 -10.85 -14.03
N TYR B 498 12.10 -11.37 -13.38
CA TYR B 498 10.72 -11.02 -13.70
C TYR B 498 10.04 -10.17 -12.65
N HIS B 499 10.50 -10.19 -11.41
CA HIS B 499 9.83 -9.53 -10.31
C HIS B 499 10.70 -8.41 -9.76
N VAL B 500 10.13 -7.21 -9.67
CA VAL B 500 10.89 -6.05 -9.20
C VAL B 500 11.29 -6.20 -7.74
N LYS B 501 10.60 -7.01 -6.96
CA LYS B 501 10.90 -7.22 -5.55
C LYS B 501 11.93 -8.31 -5.30
N PHE B 502 12.41 -8.98 -6.36
CA PHE B 502 13.35 -10.08 -6.22
C PHE B 502 14.68 -9.80 -6.94
N ARG B 503 15.00 -8.52 -7.15
CA ARG B 503 16.15 -8.18 -7.98
C ARG B 503 17.47 -8.57 -7.31
N SER B 504 17.59 -8.34 -6.01
CA SER B 504 18.82 -8.64 -5.28
C SER B 504 18.48 -9.50 -4.07
N LEU B 505 19.53 -10.09 -3.47
CA LEU B 505 19.34 -10.99 -2.36
C LEU B 505 18.79 -10.26 -1.13
N SER B 506 19.31 -9.07 -0.84
CA SER B 506 18.78 -8.29 0.28
C SER B 506 17.34 -7.88 0.02
N MET B 507 17.02 -7.52 -1.22
CA MET B 507 15.65 -7.22 -1.57
C MET B 507 14.74 -8.42 -1.40
N VAL B 508 15.22 -9.61 -1.79
CA VAL B 508 14.44 -10.83 -1.62
C VAL B 508 14.18 -11.10 -0.14
N SER B 509 15.21 -10.92 0.69
CA SER B 509 15.03 -11.13 2.13
C SER B 509 14.01 -10.14 2.68
N GLU B 510 14.08 -8.87 2.27
CA GLU B 510 13.09 -7.90 2.73
C GLU B 510 11.69 -8.29 2.30
N CYS B 511 11.53 -8.74 1.05
CA CYS B 511 10.22 -9.11 0.55
C CYS B 511 9.64 -10.29 1.32
N LEU B 512 10.45 -11.32 1.54
CA LEU B 512 9.96 -12.50 2.25
C LEU B 512 9.65 -12.19 3.70
N PHE B 513 10.51 -11.40 4.36
CA PHE B 513 10.26 -11.02 5.74
C PHE B 513 8.99 -10.20 5.86
N SER B 514 8.74 -9.29 4.91
CA SER B 514 7.49 -8.53 4.93
C SER B 514 6.29 -9.44 4.68
N LEU B 515 6.44 -10.43 3.80
CA LEU B 515 5.34 -11.35 3.55
C LEU B 515 4.99 -12.14 4.80
N ILE B 516 5.99 -12.60 5.55
CA ILE B 516 5.72 -13.33 6.78
C ILE B 516 4.86 -12.49 7.71
N ASN B 517 5.06 -11.18 7.73
CA ASN B 517 4.27 -10.27 8.53
C ASN B 517 2.99 -9.81 7.82
N GLY B 518 2.64 -10.43 6.70
CA GLY B 518 1.40 -10.14 6.02
C GLY B 518 1.39 -8.85 5.25
N ASP B 519 2.55 -8.30 4.91
CA ASP B 519 2.63 -6.98 4.29
C ASP B 519 2.90 -7.10 2.79
N ASP B 520 2.15 -6.34 2.00
CA ASP B 520 2.40 -6.18 0.57
C ASP B 520 2.15 -7.47 -0.20
N MET B 521 1.23 -8.29 0.26
CA MET B 521 1.00 -9.60 -0.34
C MET B 521 0.42 -9.48 -1.75
N PHE B 522 -0.65 -8.69 -1.90
CA PHE B 522 -1.36 -8.68 -3.17
C PHE B 522 -0.52 -8.08 -4.29
N VAL B 523 0.24 -7.02 -4.01
CA VAL B 523 1.09 -6.45 -5.05
C VAL B 523 2.18 -7.43 -5.44
N THR B 524 2.68 -8.21 -4.48
CA THR B 524 3.63 -9.27 -4.80
C THR B 524 3.02 -10.27 -5.76
N PHE B 525 1.76 -10.66 -5.52
CA PHE B 525 1.08 -11.56 -6.46
C PHE B 525 0.85 -10.88 -7.81
N ALA B 526 0.52 -9.59 -7.79
CA ALA B 526 0.09 -8.90 -9.01
C ALA B 526 1.26 -8.62 -9.94
N ALA B 527 2.46 -8.44 -9.40
CA ALA B 527 3.61 -8.18 -10.26
C ALA B 527 3.83 -9.33 -11.24
N MET B 528 3.41 -10.54 -10.89
CA MET B 528 3.59 -11.69 -11.76
C MET B 528 2.43 -11.90 -12.72
N GLN B 529 1.31 -11.20 -12.56
CA GLN B 529 0.19 -11.37 -13.47
C GLN B 529 0.53 -10.97 -14.90
N ALA B 530 1.51 -10.07 -15.08
CA ALA B 530 1.94 -9.71 -16.42
C ALA B 530 2.62 -10.86 -17.15
N GLN B 531 3.13 -11.84 -16.42
CA GLN B 531 3.81 -12.99 -17.03
C GLN B 531 2.86 -14.14 -17.34
N GLN B 532 1.60 -14.09 -16.90
CA GLN B 532 0.70 -15.19 -17.15
C GLN B 532 0.48 -15.43 -18.64
N GLY B 533 0.69 -14.41 -19.47
CA GLY B 533 0.56 -14.56 -20.91
C GLY B 533 1.90 -14.80 -21.58
N ARG B 534 2.94 -14.10 -21.14
CA ARG B 534 4.25 -14.22 -21.74
C ARG B 534 4.94 -15.53 -21.34
N SER B 535 5.18 -15.72 -20.05
CA SER B 535 5.88 -16.88 -19.52
C SER B 535 4.93 -17.62 -18.58
N SER B 536 4.15 -18.55 -19.15
CA SER B 536 3.14 -19.25 -18.37
C SER B 536 3.77 -20.14 -17.29
N LEU B 537 4.85 -20.84 -17.64
CA LEU B 537 5.48 -21.76 -16.70
C LEU B 537 6.07 -21.02 -15.51
N VAL B 538 6.71 -19.87 -15.76
CA VAL B 538 7.26 -19.08 -14.66
C VAL B 538 6.14 -18.55 -13.78
N TRP B 539 5.00 -18.20 -14.39
CA TRP B 539 3.86 -17.75 -13.59
C TRP B 539 3.34 -18.85 -12.69
N LEU B 540 3.22 -20.06 -13.22
CA LEU B 540 2.74 -21.18 -12.39
C LEU B 540 3.73 -21.46 -11.26
N PHE B 541 5.03 -21.41 -11.56
CA PHE B 541 6.02 -21.62 -10.52
C PHE B 541 5.91 -20.54 -9.44
N SER B 542 5.70 -19.29 -9.85
CA SER B 542 5.55 -18.22 -8.87
C SER B 542 4.33 -18.44 -8.00
N GLN B 543 3.23 -18.91 -8.59
CA GLN B 543 2.05 -19.24 -7.80
C GLN B 543 2.40 -20.25 -6.72
N LEU B 544 3.03 -21.36 -7.10
CA LEU B 544 3.37 -22.39 -6.12
C LEU B 544 4.32 -21.84 -5.07
N TYR B 545 5.35 -21.13 -5.51
CA TYR B 545 6.35 -20.59 -4.60
C TYR B 545 5.72 -19.69 -3.55
N LEU B 546 4.93 -18.71 -3.99
CA LEU B 546 4.36 -17.74 -3.06
C LEU B 546 3.35 -18.39 -2.13
N TYR B 547 2.43 -19.19 -2.67
CA TYR B 547 1.43 -19.81 -1.81
C TYR B 547 2.08 -20.70 -0.76
N SER B 548 3.02 -21.55 -1.17
CA SER B 548 3.65 -22.45 -0.22
C SER B 548 4.43 -21.68 0.84
N PHE B 549 5.20 -20.66 0.43
CA PHE B 549 5.97 -19.90 1.41
C PHE B 549 5.05 -19.22 2.41
N ILE B 550 4.02 -18.53 1.92
CA ILE B 550 3.14 -17.79 2.83
C ILE B 550 2.47 -18.75 3.80
N SER B 551 1.90 -19.85 3.30
CA SER B 551 1.23 -20.77 4.19
C SER B 551 2.18 -21.32 5.25
N LEU B 552 3.31 -21.87 4.80
CA LEU B 552 4.24 -22.51 5.72
C LEU B 552 4.74 -21.53 6.78
N PHE B 553 5.11 -20.31 6.38
CA PHE B 553 5.78 -19.45 7.34
C PHE B 553 4.80 -18.68 8.22
N ILE B 554 3.67 -18.22 7.67
CA ILE B 554 2.73 -17.48 8.50
C ILE B 554 2.00 -18.43 9.46
N TYR B 555 1.47 -19.54 8.94
CA TYR B 555 0.55 -20.33 9.75
C TYR B 555 1.24 -21.38 10.60
N MET B 556 2.48 -21.76 10.29
CA MET B 556 3.13 -22.84 11.02
C MET B 556 4.40 -22.39 11.72
N VAL B 557 5.32 -21.74 11.01
CA VAL B 557 6.59 -21.33 11.63
C VAL B 557 6.36 -20.23 12.66
N LEU B 558 5.67 -19.17 12.25
CA LEU B 558 5.46 -18.03 13.14
C LEU B 558 4.56 -18.41 14.32
N SER B 559 3.58 -19.29 14.09
CA SER B 559 2.75 -19.77 15.17
C SER B 559 3.59 -20.42 16.26
N LEU B 560 4.53 -21.28 15.87
CA LEU B 560 5.38 -21.95 16.85
C LEU B 560 6.35 -20.98 17.51
N PHE B 561 6.85 -20.00 16.76
CA PHE B 561 7.70 -18.97 17.37
C PHE B 561 6.97 -18.25 18.50
N ILE B 562 5.75 -17.77 18.22
CA ILE B 562 4.97 -17.07 19.22
C ILE B 562 4.62 -18.02 20.37
N ALA B 563 4.35 -19.29 20.06
CA ALA B 563 4.03 -20.26 21.09
C ALA B 563 5.21 -20.45 22.04
N LEU B 564 6.43 -20.52 21.50
CA LEU B 564 7.60 -20.63 22.36
C LEU B 564 7.71 -19.42 23.29
N ILE B 565 7.52 -18.22 22.73
CA ILE B 565 7.67 -17.03 23.55
C ILE B 565 6.61 -16.98 24.65
N THR B 566 5.35 -17.28 24.31
CA THR B 566 4.29 -17.22 25.33
C THR B 566 4.39 -18.36 26.33
N GLY B 567 4.91 -19.52 25.93
CA GLY B 567 5.16 -20.57 26.89
C GLY B 567 6.25 -20.19 27.88
N ALA B 568 7.31 -19.56 27.39
CA ALA B 568 8.33 -19.03 28.29
C ALA B 568 7.72 -18.02 29.25
N TYR B 569 6.83 -17.17 28.76
CA TYR B 569 6.13 -16.25 29.65
C TYR B 569 5.34 -17.00 30.72
N ASP B 570 4.61 -18.04 30.30
CA ASP B 570 3.84 -18.84 31.25
C ASP B 570 4.73 -19.45 32.31
N THR B 571 5.98 -19.77 31.97
CA THR B 571 6.89 -20.36 32.94
C THR B 571 7.26 -19.39 34.05
N ILE B 572 7.41 -18.10 33.72
CA ILE B 572 7.84 -17.09 34.69
C ILE B 572 6.66 -16.25 35.19
N LYS B 573 5.44 -16.65 34.87
CA LYS B 573 4.28 -15.80 35.16
C LYS B 573 4.14 -15.53 36.66
N HIS B 574 4.33 -16.56 37.47
CA HIS B 574 4.18 -16.41 38.91
C HIS B 574 5.53 -16.52 39.62
N LEU C 89 18.22 -59.69 16.15
CA LEU C 89 17.42 -58.85 15.27
C LEU C 89 17.08 -57.53 15.94
N ARG C 90 16.73 -57.60 17.22
CA ARG C 90 16.39 -56.37 17.95
C ARG C 90 17.56 -55.40 17.94
N ARG C 91 18.79 -55.90 18.08
CA ARG C 91 19.95 -55.02 18.03
C ARG C 91 20.07 -54.34 16.68
N ARG C 92 19.87 -55.11 15.59
CA ARG C 92 19.97 -54.52 14.26
C ARG C 92 18.86 -53.50 14.01
N LEU C 93 17.64 -53.81 14.44
CA LEU C 93 16.55 -52.85 14.29
C LEU C 93 16.84 -51.58 15.08
N LYS C 94 17.37 -51.72 16.30
CA LYS C 94 17.72 -50.54 17.08
C LYS C 94 18.80 -49.73 16.38
N TYR C 95 19.81 -50.40 15.83
CA TYR C 95 20.89 -49.71 15.14
C TYR C 95 20.36 -48.95 13.93
N PHE C 96 19.40 -49.54 13.21
CA PHE C 96 18.87 -48.90 12.01
C PHE C 96 18.35 -47.50 12.29
N PHE C 97 17.86 -47.25 13.51
CA PHE C 97 17.23 -45.98 13.86
C PHE C 97 18.12 -45.07 14.69
N MET C 98 19.39 -45.42 14.87
CA MET C 98 20.29 -44.60 15.65
C MET C 98 20.74 -43.37 14.86
N SER C 99 21.10 -42.32 15.60
CA SER C 99 21.56 -41.08 14.99
C SER C 99 22.98 -41.25 14.46
N PRO C 100 23.42 -40.34 13.57
CA PRO C 100 24.77 -40.50 12.99
C PRO C 100 25.87 -40.55 14.03
N CYS C 101 25.79 -39.72 15.07
CA CYS C 101 26.80 -39.78 16.14
C CYS C 101 26.69 -41.10 16.90
N ASP C 102 25.46 -41.56 17.15
CA ASP C 102 25.28 -42.83 17.83
C ASP C 102 25.82 -43.98 16.97
N LYS C 103 25.56 -43.94 15.66
CA LYS C 103 26.08 -44.97 14.77
C LYS C 103 27.60 -44.96 14.74
N PHE C 104 28.20 -43.76 14.74
CA PHE C 104 29.65 -43.67 14.77
C PHE C 104 30.20 -44.24 16.08
N ARG C 105 29.54 -43.94 17.20
CA ARG C 105 29.97 -44.49 18.48
C ARG C 105 29.88 -46.01 18.47
N ALA C 106 28.82 -46.56 17.88
CA ALA C 106 28.63 -48.01 17.91
C ALA C 106 29.61 -48.72 16.99
N LYS C 107 29.55 -48.43 15.69
CA LYS C 107 30.34 -49.14 14.70
C LYS C 107 31.50 -48.33 14.13
N GLY C 108 31.70 -47.10 14.59
CA GLY C 108 32.72 -46.25 14.00
C GLY C 108 32.41 -45.79 12.59
N ARG C 109 31.15 -45.84 12.18
CA ARG C 109 30.78 -45.46 10.83
C ARG C 109 31.00 -43.97 10.62
N LYS C 110 31.62 -43.62 9.49
CA LYS C 110 31.84 -42.22 9.18
C LYS C 110 30.60 -41.63 8.50
N PRO C 111 30.24 -40.37 8.78
CA PRO C 111 29.02 -39.80 8.20
C PRO C 111 29.25 -39.13 6.84
N CYS C 112 29.45 -39.96 5.82
CA CYS C 112 29.71 -39.42 4.49
C CYS C 112 28.50 -38.70 3.92
N LYS C 113 27.28 -39.16 4.24
CA LYS C 113 26.08 -38.53 3.71
C LYS C 113 25.96 -37.10 4.20
N LEU C 114 26.31 -36.84 5.46
CA LEU C 114 26.22 -35.48 6.00
C LEU C 114 27.17 -34.53 5.29
N MET C 115 28.44 -34.95 5.14
CA MET C 115 29.41 -34.13 4.43
C MET C 115 28.97 -33.91 2.98
N LEU C 116 28.41 -34.95 2.37
CA LEU C 116 27.90 -34.83 1.02
C LEU C 116 26.78 -33.80 0.94
N GLN C 117 25.89 -33.79 1.93
CA GLN C 117 24.80 -32.83 1.94
C GLN C 117 25.32 -31.40 2.05
N VAL C 118 26.32 -31.19 2.91
CA VAL C 118 26.88 -29.84 3.05
C VAL C 118 27.54 -29.40 1.74
N VAL C 119 28.35 -30.29 1.16
CA VAL C 119 29.02 -29.98 -0.10
C VAL C 119 27.98 -29.70 -1.17
N LYS C 120 26.90 -30.48 -1.20
CA LYS C 120 25.86 -30.27 -2.20
C LYS C 120 25.19 -28.92 -2.03
N ILE C 121 24.90 -28.52 -0.79
CA ILE C 121 24.32 -27.20 -0.58
C ILE C 121 25.21 -26.15 -1.22
N LEU C 122 26.51 -26.20 -0.88
CA LEU C 122 27.44 -25.20 -1.39
C LEU C 122 27.46 -25.18 -2.92
N VAL C 123 27.72 -26.34 -3.53
CA VAL C 123 27.97 -26.38 -4.98
C VAL C 123 26.69 -26.09 -5.75
N VAL C 124 25.55 -26.61 -5.29
CA VAL C 124 24.29 -26.38 -5.98
C VAL C 124 23.91 -24.90 -5.93
N THR C 125 24.11 -24.25 -4.78
CA THR C 125 23.81 -22.83 -4.71
C THR C 125 24.71 -22.02 -5.64
N VAL C 126 26.01 -22.36 -5.66
CA VAL C 126 26.93 -21.64 -6.55
C VAL C 126 26.52 -21.83 -7.99
N GLN C 127 26.17 -23.07 -8.37
CA GLN C 127 25.75 -23.34 -9.73
C GLN C 127 24.50 -22.55 -10.09
N LEU C 128 23.54 -22.46 -9.16
CA LEU C 128 22.33 -21.69 -9.43
C LEU C 128 22.66 -20.23 -9.70
N ILE C 129 23.56 -19.65 -8.91
CA ILE C 129 23.92 -18.24 -9.13
C ILE C 129 24.60 -18.06 -10.48
N LEU C 130 25.54 -18.96 -10.80
CA LEU C 130 26.26 -18.85 -12.06
C LEU C 130 25.32 -18.96 -13.25
N PHE C 131 24.33 -19.86 -13.18
CA PHE C 131 23.33 -19.92 -14.23
C PHE C 131 22.50 -18.65 -14.28
N GLY C 132 22.12 -18.12 -13.12
CA GLY C 132 21.32 -16.92 -13.07
C GLY C 132 21.96 -15.77 -13.83
N LEU C 133 23.29 -15.72 -13.85
CA LEU C 133 23.96 -14.69 -14.66
C LEU C 133 23.43 -14.70 -16.11
N SER C 134 23.60 -15.83 -16.81
CA SER C 134 23.20 -15.88 -18.21
C SER C 134 21.68 -15.81 -18.38
N ASN C 135 20.93 -16.37 -17.44
CA ASN C 135 19.47 -16.27 -17.50
C ASN C 135 19.04 -14.80 -17.47
N GLN C 136 19.64 -14.02 -16.57
CA GLN C 136 19.37 -12.60 -16.50
C GLN C 136 19.75 -11.91 -17.80
N LEU C 137 20.90 -12.27 -18.37
CA LEU C 137 21.28 -11.64 -19.63
C LEU C 137 20.20 -11.83 -20.70
N ALA C 138 19.71 -13.07 -20.85
CA ALA C 138 18.71 -13.34 -21.87
C ALA C 138 17.42 -12.55 -21.61
N VAL C 139 16.92 -12.61 -20.37
CA VAL C 139 15.66 -11.95 -20.04
C VAL C 139 15.77 -10.45 -20.27
N THR C 140 16.89 -9.85 -19.84
CA THR C 140 17.08 -8.42 -20.02
C THR C 140 17.12 -8.05 -21.49
N PHE C 141 17.82 -8.83 -22.32
CA PHE C 141 17.83 -8.53 -23.74
C PHE C 141 16.41 -8.49 -24.30
N ARG C 142 15.61 -9.51 -23.99
CA ARG C 142 14.25 -9.54 -24.52
C ARG C 142 13.46 -8.31 -24.09
N GLU C 143 13.45 -8.03 -22.77
CA GLU C 143 12.60 -6.96 -22.27
C GLU C 143 13.04 -5.59 -22.77
N GLU C 144 14.35 -5.34 -22.77
CA GLU C 144 14.84 -4.04 -23.22
C GLU C 144 14.53 -3.82 -24.69
N ASN C 145 14.68 -4.86 -25.52
CA ASN C 145 14.32 -4.71 -26.93
C ASN C 145 12.83 -4.40 -27.08
N THR C 146 11.98 -5.07 -26.29
CA THR C 146 10.56 -4.81 -26.40
C THR C 146 10.22 -3.37 -26.01
N ILE C 147 10.84 -2.85 -24.95
CA ILE C 147 10.58 -1.46 -24.55
C ILE C 147 11.05 -0.50 -25.65
N ALA C 148 12.22 -0.77 -26.22
CA ALA C 148 12.70 0.08 -27.31
C ALA C 148 11.73 0.06 -28.49
N PHE C 149 11.18 -1.11 -28.81
CA PHE C 149 10.21 -1.18 -29.91
C PHE C 149 8.97 -0.36 -29.59
N ARG C 150 8.49 -0.41 -28.34
CA ARG C 150 7.33 0.39 -27.98
C ARG C 150 7.61 1.87 -28.15
N HIS C 151 8.82 2.31 -27.79
CA HIS C 151 9.15 3.72 -27.95
C HIS C 151 9.38 4.09 -29.41
N LEU C 152 9.79 3.14 -30.25
CA LEU C 152 10.07 3.46 -31.63
C LEU C 152 8.81 3.47 -32.50
N PHE C 153 7.88 2.55 -32.27
CA PHE C 153 6.81 2.31 -33.23
C PHE C 153 5.45 2.84 -32.80
N LEU C 154 5.23 3.08 -31.52
CA LEU C 154 3.94 3.56 -31.02
C LEU C 154 3.99 5.08 -30.88
N LEU C 155 3.15 5.76 -31.66
CA LEU C 155 3.18 7.22 -31.70
C LEU C 155 2.71 7.82 -30.38
N GLY C 156 3.54 8.67 -29.79
CA GLY C 156 3.18 9.32 -28.55
C GLY C 156 3.20 8.42 -27.33
N TYR C 157 3.90 7.30 -27.40
CA TYR C 157 3.96 6.37 -26.28
C TYR C 157 4.87 6.91 -25.17
N SER C 158 4.50 6.63 -23.93
CA SER C 158 5.32 6.96 -22.78
C SER C 158 5.26 5.81 -21.79
N ASP C 159 6.30 5.69 -20.97
CA ASP C 159 6.37 4.60 -20.01
C ASP C 159 5.22 4.65 -19.03
N GLY C 160 4.66 3.48 -18.72
CA GLY C 160 3.56 3.38 -17.79
C GLY C 160 2.18 3.52 -18.40
N ALA C 161 2.07 3.74 -19.71
CA ALA C 161 0.80 3.97 -20.35
C ALA C 161 0.29 2.74 -21.10
N ASP C 162 0.86 1.56 -20.86
CA ASP C 162 0.49 0.38 -21.64
C ASP C 162 -0.98 0.06 -21.48
N ASP C 163 -1.51 0.17 -20.26
CA ASP C 163 -2.88 -0.30 -20.00
C ASP C 163 -3.94 0.65 -20.52
N THR C 164 -3.60 1.92 -20.80
CA THR C 164 -4.58 2.88 -21.28
C THR C 164 -4.31 3.39 -22.68
N PHE C 165 -3.16 3.08 -23.27
CA PHE C 165 -2.81 3.57 -24.60
C PHE C 165 -3.88 3.19 -25.62
N ALA C 166 -4.49 4.19 -26.25
CA ALA C 166 -5.60 3.95 -27.16
C ALA C 166 -5.79 5.15 -28.07
N ALA C 167 -6.48 4.91 -29.19
CA ALA C 167 -6.88 5.95 -30.11
C ALA C 167 -8.37 6.22 -29.96
N TYR C 168 -8.78 7.46 -30.28
CA TYR C 168 -10.15 7.88 -30.11
C TYR C 168 -10.75 8.59 -31.31
N THR C 169 -9.95 8.96 -32.31
CA THR C 169 -10.45 9.55 -33.53
C THR C 169 -9.86 8.81 -34.72
N ARG C 170 -10.53 8.93 -35.86
CA ARG C 170 -10.03 8.31 -37.08
C ARG C 170 -8.64 8.84 -37.43
N GLU C 171 -8.44 10.14 -37.24
CA GLU C 171 -7.16 10.77 -37.55
C GLU C 171 -6.06 10.20 -36.66
N GLN C 172 -6.35 10.01 -35.37
CA GLN C 172 -5.37 9.42 -34.47
C GLN C 172 -4.97 8.03 -34.93
N LEU C 173 -5.95 7.20 -35.31
CA LEU C 173 -5.66 5.84 -35.73
C LEU C 173 -4.82 5.82 -36.99
N TYR C 174 -5.18 6.63 -37.98
CA TYR C 174 -4.39 6.69 -39.20
C TYR C 174 -2.97 7.15 -38.92
N GLN C 175 -2.82 8.17 -38.07
CA GLN C 175 -1.49 8.66 -37.74
C GLN C 175 -0.67 7.60 -37.05
N ALA C 176 -1.28 6.85 -36.12
CA ALA C 176 -0.54 5.80 -35.42
C ALA C 176 -0.07 4.71 -36.39
N ILE C 177 -0.96 4.27 -37.28
CA ILE C 177 -0.60 3.21 -38.21
C ILE C 177 0.53 3.66 -39.14
N PHE C 178 0.38 4.87 -39.71
CA PHE C 178 1.40 5.37 -40.62
C PHE C 178 2.70 5.62 -39.90
N HIS C 179 2.66 6.08 -38.64
CA HIS C 179 3.88 6.27 -37.89
C HIS C 179 4.60 4.95 -37.69
N ALA C 180 3.86 3.89 -37.36
CA ALA C 180 4.49 2.59 -37.18
C ALA C 180 5.18 2.14 -38.46
N VAL C 181 4.49 2.24 -39.60
CA VAL C 181 5.09 1.79 -40.85
C VAL C 181 6.29 2.65 -41.22
N ASP C 182 6.18 3.97 -41.05
CA ASP C 182 7.28 4.86 -41.39
C ASP C 182 8.50 4.59 -40.53
N GLN C 183 8.30 4.35 -39.24
CA GLN C 183 9.42 4.04 -38.36
C GLN C 183 10.05 2.71 -38.74
N TYR C 184 9.22 1.72 -39.12
CA TYR C 184 9.79 0.48 -39.63
C TYR C 184 10.69 0.72 -40.83
N LEU C 185 10.25 1.60 -41.74
CA LEU C 185 11.07 1.86 -42.94
C LEU C 185 12.29 2.72 -42.64
N ALA C 186 12.25 3.51 -41.57
CA ALA C 186 13.35 4.41 -41.22
C ALA C 186 14.30 3.80 -40.18
N LEU C 187 14.01 2.60 -39.70
CA LEU C 187 14.79 2.00 -38.60
C LEU C 187 16.30 2.09 -38.78
N PRO C 188 16.88 1.75 -39.93
CA PRO C 188 18.35 1.73 -40.03
C PRO C 188 18.99 3.08 -39.73
N ASP C 189 18.29 4.18 -39.98
CA ASP C 189 18.88 5.50 -39.85
C ASP C 189 18.67 6.14 -38.48
N VAL C 190 17.70 5.68 -37.70
CA VAL C 190 17.31 6.38 -36.49
C VAL C 190 17.57 5.54 -35.24
N SER C 191 17.52 4.23 -35.38
CA SER C 191 17.56 3.35 -34.21
C SER C 191 18.95 3.31 -33.60
N LEU C 192 18.99 3.18 -32.27
CA LEU C 192 20.24 2.96 -31.55
C LEU C 192 20.71 1.51 -31.61
N GLY C 193 19.80 0.56 -31.86
CA GLY C 193 20.18 -0.81 -32.09
C GLY C 193 20.46 -1.08 -33.55
N ARG C 194 21.10 -2.22 -33.80
CA ARG C 194 21.39 -2.69 -35.16
C ARG C 194 20.48 -3.87 -35.45
N TYR C 195 19.57 -3.70 -36.40
CA TYR C 195 18.58 -4.71 -36.74
C TYR C 195 18.66 -5.05 -38.21
N ALA C 196 18.36 -6.29 -38.52
CA ALA C 196 18.26 -6.76 -39.90
C ALA C 196 16.82 -7.15 -40.19
N TYR C 197 16.41 -6.92 -41.44
CA TYR C 197 15.06 -7.24 -41.87
C TYR C 197 14.94 -8.72 -42.21
N VAL C 198 13.71 -9.22 -42.11
CA VAL C 198 13.36 -10.58 -42.49
C VAL C 198 12.26 -10.52 -43.54
N ARG C 199 12.41 -11.30 -44.61
CA ARG C 199 11.47 -11.28 -45.72
C ARG C 199 10.86 -12.66 -45.93
N GLY C 200 9.63 -12.68 -46.43
CA GLY C 200 8.97 -13.93 -46.77
C GLY C 200 8.70 -14.80 -45.55
N GLY C 201 8.82 -16.11 -45.75
CA GLY C 201 8.66 -17.05 -44.66
C GLY C 201 7.24 -17.46 -44.35
N GLY C 202 6.31 -17.30 -45.30
CA GLY C 202 4.95 -17.75 -45.09
C GLY C 202 4.04 -16.66 -44.56
N ASP C 203 2.83 -17.08 -44.23
CA ASP C 203 1.81 -16.13 -43.80
C ASP C 203 2.25 -15.44 -42.50
N PRO C 204 1.91 -14.16 -42.33
CA PRO C 204 1.13 -13.30 -43.22
C PRO C 204 1.96 -12.62 -44.31
N TRP C 205 3.26 -12.89 -44.41
CA TRP C 205 4.12 -12.21 -45.36
C TRP C 205 4.19 -12.96 -46.67
N THR C 206 4.09 -12.23 -47.78
CA THR C 206 4.36 -12.79 -49.08
C THR C 206 5.86 -12.78 -49.34
N ASN C 207 6.27 -13.45 -50.42
CA ASN C 207 7.69 -13.51 -50.75
C ASN C 207 8.23 -12.11 -51.00
N GLY C 208 9.35 -11.80 -50.36
CA GLY C 208 9.98 -10.50 -50.49
C GLY C 208 9.40 -9.42 -49.61
N SER C 209 8.37 -9.71 -48.82
CA SER C 209 7.72 -8.73 -47.98
C SER C 209 8.25 -8.82 -46.55
N GLY C 210 8.49 -7.67 -45.94
CA GLY C 210 8.99 -7.62 -44.59
C GLY C 210 7.93 -7.25 -43.57
N LEU C 211 6.98 -6.41 -43.97
CA LEU C 211 5.93 -5.95 -43.07
C LEU C 211 4.57 -6.26 -43.65
N ALA C 212 3.67 -6.78 -42.81
CA ALA C 212 2.29 -7.06 -43.21
C ALA C 212 1.36 -6.17 -42.41
N LEU C 213 0.53 -5.40 -43.11
CA LEU C 213 -0.42 -4.48 -42.50
C LEU C 213 -1.82 -4.95 -42.90
N CYS C 214 -2.52 -5.62 -42.00
CA CYS C 214 -3.75 -6.31 -42.34
C CYS C 214 -4.90 -5.77 -41.51
N GLN C 215 -6.04 -5.51 -42.16
CA GLN C 215 -7.27 -5.13 -41.49
C GLN C 215 -8.30 -6.22 -41.63
N ARG C 216 -9.02 -6.49 -40.54
CA ARG C 216 -10.02 -7.55 -40.48
C ARG C 216 -11.36 -6.92 -40.15
N TYR C 217 -12.39 -7.26 -40.96
CA TYR C 217 -13.72 -6.68 -40.83
C TYR C 217 -14.78 -7.71 -41.20
N TYR C 218 -16.01 -7.43 -40.80
CA TYR C 218 -17.13 -8.33 -41.11
C TYR C 218 -17.38 -8.42 -42.61
N HIS C 219 -17.76 -9.61 -43.05
CA HIS C 219 -18.02 -9.81 -44.48
C HIS C 219 -19.17 -8.93 -44.96
N ARG C 220 -20.26 -8.87 -44.20
CA ARG C 220 -21.33 -7.91 -44.49
C ARG C 220 -21.60 -7.12 -43.22
N GLY C 221 -21.57 -5.79 -43.33
CA GLY C 221 -21.59 -4.94 -42.17
C GLY C 221 -22.54 -3.75 -42.17
N HIS C 222 -23.76 -3.90 -42.68
CA HIS C 222 -24.66 -2.74 -42.70
C HIS C 222 -25.15 -2.44 -41.28
N VAL C 223 -24.83 -1.26 -40.78
CA VAL C 223 -25.16 -0.87 -39.41
C VAL C 223 -25.84 0.49 -39.46
N ASP C 224 -27.07 0.57 -38.96
CA ASP C 224 -27.90 1.77 -39.03
C ASP C 224 -28.52 2.02 -37.66
N PRO C 225 -27.76 2.59 -36.72
CA PRO C 225 -28.35 2.88 -35.40
C PRO C 225 -29.47 3.91 -35.46
N ALA C 226 -29.49 4.77 -36.47
CA ALA C 226 -30.56 5.75 -36.59
C ALA C 226 -31.91 5.07 -36.75
N ASN C 227 -31.95 3.99 -37.53
CA ASN C 227 -33.16 3.22 -37.73
C ASN C 227 -33.22 1.98 -36.85
N ASP C 228 -32.26 1.83 -35.93
CA ASP C 228 -32.20 0.68 -35.04
C ASP C 228 -32.20 -0.62 -35.83
N THR C 229 -31.37 -0.66 -36.88
CA THR C 229 -31.33 -1.81 -37.77
C THR C 229 -29.88 -2.20 -38.05
N PHE C 230 -29.69 -3.47 -38.39
CA PHE C 230 -28.40 -3.91 -38.89
C PHE C 230 -28.57 -5.21 -39.66
N ASP C 231 -27.68 -5.39 -40.64
CA ASP C 231 -27.61 -6.60 -41.45
C ASP C 231 -26.15 -7.03 -41.45
N ILE C 232 -25.85 -8.11 -40.74
CA ILE C 232 -24.48 -8.54 -40.49
C ILE C 232 -24.30 -9.95 -41.01
N ASP C 233 -23.28 -10.13 -41.85
CA ASP C 233 -22.66 -11.43 -42.09
C ASP C 233 -21.34 -11.38 -41.35
N PRO C 234 -21.22 -12.04 -40.19
CA PRO C 234 -20.06 -11.82 -39.32
C PRO C 234 -18.83 -12.63 -39.65
N MET C 235 -18.81 -13.36 -40.77
CA MET C 235 -17.58 -13.97 -41.22
C MET C 235 -16.52 -12.90 -41.41
N VAL C 236 -15.33 -13.16 -40.90
CA VAL C 236 -14.26 -12.17 -40.88
C VAL C 236 -13.47 -12.24 -42.19
N VAL C 237 -13.25 -11.09 -42.80
CA VAL C 237 -12.47 -10.95 -44.03
C VAL C 237 -11.22 -10.17 -43.69
N THR C 238 -10.07 -10.67 -44.14
CA THR C 238 -8.76 -10.06 -43.90
C THR C 238 -8.24 -9.50 -45.21
N ASP C 239 -7.97 -8.20 -45.25
CA ASP C 239 -7.34 -7.54 -46.38
C ASP C 239 -6.00 -6.99 -45.90
N CYS C 240 -4.91 -7.42 -46.52
CA CYS C 240 -3.60 -7.17 -45.95
C CYS C 240 -2.66 -6.65 -47.02
N ILE C 241 -2.00 -5.52 -46.73
CA ILE C 241 -1.04 -4.87 -47.61
C ILE C 241 0.36 -5.31 -47.22
N GLN C 242 1.21 -5.52 -48.21
CA GLN C 242 2.58 -5.98 -48.02
C GLN C 242 3.54 -4.82 -48.27
N VAL C 243 4.48 -4.63 -47.36
CA VAL C 243 5.50 -3.59 -47.48
C VAL C 243 6.86 -4.26 -47.46
N ASP C 244 7.66 -4.00 -48.48
CA ASP C 244 9.03 -4.49 -48.51
C ASP C 244 9.95 -3.52 -47.77
N PRO C 245 10.92 -4.03 -47.02
CA PRO C 245 11.86 -3.14 -46.34
C PRO C 245 12.72 -2.38 -47.34
N PRO C 246 13.25 -1.22 -46.96
CA PRO C 246 14.04 -0.39 -47.89
C PRO C 246 15.34 -1.04 -48.33
N SER C 265 2.18 2.71 -51.04
CA SER C 265 0.94 2.01 -51.31
C SER C 265 0.18 1.72 -50.02
N TYR C 266 0.93 1.62 -48.91
CA TYR C 266 0.28 1.50 -47.61
C TYR C 266 -0.36 2.81 -47.18
N LYS C 267 0.08 3.94 -47.76
CA LYS C 267 -0.54 5.23 -47.49
C LYS C 267 -1.96 5.33 -48.04
N ASN C 268 -2.36 4.41 -48.91
CA ASN C 268 -3.71 4.38 -49.47
C ASN C 268 -4.66 3.55 -48.63
N LEU C 269 -4.25 3.15 -47.42
CA LEU C 269 -5.11 2.36 -46.56
C LEU C 269 -6.43 3.08 -46.31
N THR C 270 -7.54 2.37 -46.49
CA THR C 270 -8.87 2.90 -46.23
C THR C 270 -9.57 1.94 -45.27
N LEU C 271 -9.77 2.38 -44.05
CA LEU C 271 -10.35 1.53 -43.02
C LEU C 271 -11.88 1.52 -43.12
N LYS C 272 -12.46 0.34 -42.93
CA LYS C 272 -13.92 0.19 -42.91
C LYS C 272 -14.38 0.27 -41.46
N PHE C 273 -14.47 1.50 -40.97
CA PHE C 273 -14.59 1.74 -39.53
C PHE C 273 -15.82 1.08 -38.94
N HIS C 274 -16.95 1.16 -39.64
CA HIS C 274 -18.23 0.74 -39.05
C HIS C 274 -18.28 -0.78 -38.83
N LYS C 275 -17.52 -1.55 -39.61
CA LYS C 275 -17.48 -3.01 -39.45
C LYS C 275 -16.08 -3.52 -39.22
N LEU C 276 -15.19 -2.68 -38.69
CA LEU C 276 -13.79 -3.06 -38.51
C LEU C 276 -13.63 -3.90 -37.26
N VAL C 277 -13.01 -5.06 -37.40
CA VAL C 277 -12.74 -5.93 -36.25
C VAL C 277 -11.40 -5.58 -35.62
N ASN C 278 -10.33 -5.54 -36.40
CA ASN C 278 -9.08 -5.02 -35.86
C ASN C 278 -8.10 -4.73 -36.99
N VAL C 279 -6.97 -4.14 -36.63
CA VAL C 279 -5.85 -3.91 -37.54
C VAL C 279 -4.60 -4.45 -36.87
N THR C 280 -3.75 -5.10 -37.65
CA THR C 280 -2.50 -5.65 -37.13
C THR C 280 -1.35 -5.31 -38.07
N ILE C 281 -0.17 -5.12 -37.46
CA ILE C 281 1.09 -4.96 -38.17
C ILE C 281 2.03 -6.04 -37.68
N HIS C 282 2.55 -6.83 -38.61
CA HIS C 282 3.46 -7.93 -38.29
C HIS C 282 4.79 -7.70 -38.99
N PHE C 283 5.89 -7.82 -38.24
CA PHE C 283 7.19 -7.83 -38.91
C PHE C 283 8.22 -8.46 -37.97
N ARG C 284 9.34 -8.89 -38.55
CA ARG C 284 10.40 -9.55 -37.81
C ARG C 284 11.72 -8.80 -37.97
N LEU C 285 12.49 -8.76 -36.88
CA LEU C 285 13.79 -8.11 -36.86
C LEU C 285 14.83 -9.06 -36.28
N LYS C 286 16.03 -9.05 -36.86
CA LYS C 286 17.13 -9.86 -36.37
C LYS C 286 18.17 -8.97 -35.68
N THR C 287 18.67 -9.44 -34.54
CA THR C 287 19.69 -8.71 -33.80
C THR C 287 20.58 -9.71 -33.08
N ILE C 288 21.66 -9.20 -32.48
CA ILE C 288 22.66 -10.02 -31.83
C ILE C 288 22.84 -9.53 -30.39
N ASN C 289 22.83 -10.47 -29.44
CA ASN C 289 22.93 -10.16 -28.01
C ASN C 289 24.40 -10.08 -27.63
N LEU C 290 25.01 -8.92 -27.91
CA LEU C 290 26.43 -8.73 -27.69
C LEU C 290 26.81 -8.75 -26.21
N GLN C 291 25.88 -8.38 -25.32
CA GLN C 291 26.24 -8.29 -23.91
C GLN C 291 26.73 -9.60 -23.34
N SER C 292 26.41 -10.72 -23.98
CA SER C 292 26.92 -12.01 -23.52
C SER C 292 28.44 -12.02 -23.42
N LEU C 293 29.13 -11.20 -24.20
CA LEU C 293 30.58 -11.15 -24.14
C LEU C 293 31.07 -10.85 -22.73
N ILE C 294 30.30 -10.07 -21.95
CA ILE C 294 30.73 -9.72 -20.61
C ILE C 294 30.81 -10.95 -19.71
N ASN C 295 30.04 -11.98 -20.03
CA ASN C 295 30.04 -13.23 -19.28
C ASN C 295 30.93 -14.30 -19.92
N ASN C 296 31.80 -13.92 -20.85
CA ASN C 296 32.67 -14.86 -21.56
C ASN C 296 31.86 -15.92 -22.31
N GLU C 297 30.79 -15.48 -22.95
CA GLU C 297 29.94 -16.36 -23.75
C GLU C 297 29.81 -15.81 -25.16
N ILE C 298 29.59 -16.70 -26.11
CA ILE C 298 29.42 -16.30 -27.51
C ILE C 298 28.02 -15.72 -27.69
N PRO C 299 27.89 -14.51 -28.25
CA PRO C 299 26.55 -13.94 -28.45
C PRO C 299 25.67 -14.83 -29.33
N ASP C 300 24.38 -14.85 -29.00
CA ASP C 300 23.37 -15.57 -29.78
C ASP C 300 22.71 -14.63 -30.78
N CYS C 301 22.00 -15.23 -31.73
CA CYS C 301 21.26 -14.49 -32.75
C CYS C 301 19.77 -14.54 -32.41
N TYR C 302 19.18 -13.38 -32.15
CA TYR C 302 17.76 -13.28 -31.80
C TYR C 302 16.95 -12.82 -33.01
N THR C 303 15.79 -13.46 -33.20
CA THR C 303 14.78 -12.97 -34.10
C THR C 303 13.56 -12.57 -33.27
N PHE C 304 13.18 -11.31 -33.38
CA PHE C 304 12.01 -10.78 -32.70
C PHE C 304 10.86 -10.72 -33.70
N SER C 305 9.75 -11.37 -33.37
CA SER C 305 8.51 -11.27 -34.13
C SER C 305 7.64 -10.25 -33.42
N VAL C 306 7.40 -9.11 -34.07
CA VAL C 306 6.71 -7.97 -33.49
C VAL C 306 5.30 -7.93 -34.08
N LEU C 307 4.32 -7.83 -33.19
CA LEU C 307 2.91 -7.70 -33.54
C LEU C 307 2.35 -6.45 -32.87
N ILE C 308 1.84 -5.52 -33.67
CA ILE C 308 1.16 -4.33 -33.18
C ILE C 308 -0.32 -4.49 -33.49
N THR C 309 -1.16 -4.38 -32.45
CA THR C 309 -2.59 -4.59 -32.56
C THR C 309 -3.33 -3.29 -32.26
N PHE C 310 -4.24 -2.92 -33.14
CA PHE C 310 -5.23 -1.88 -32.93
C PHE C 310 -6.58 -2.60 -32.85
N ASP C 311 -7.12 -2.71 -31.63
CA ASP C 311 -8.23 -3.62 -31.36
C ASP C 311 -9.55 -2.86 -31.31
N ASN C 312 -10.49 -3.26 -32.17
CA ASN C 312 -11.81 -2.65 -32.22
C ASN C 312 -12.92 -3.67 -31.99
N LYS C 313 -12.63 -4.76 -31.28
CA LYS C 313 -13.63 -5.80 -31.10
C LYS C 313 -14.80 -5.35 -30.21
N ALA C 314 -14.60 -4.32 -29.39
CA ALA C 314 -15.69 -3.79 -28.58
C ALA C 314 -16.60 -2.84 -29.34
N HIS C 315 -16.12 -2.25 -30.44
CA HIS C 315 -16.91 -1.30 -31.23
C HIS C 315 -17.44 -0.18 -30.35
N SER C 316 -16.62 0.30 -29.43
CA SER C 316 -17.04 1.23 -28.39
C SER C 316 -16.57 2.65 -28.64
N GLY C 317 -15.92 2.93 -29.77
CA GLY C 317 -15.34 4.23 -30.01
C GLY C 317 -13.96 4.42 -29.42
N ARG C 318 -13.45 3.44 -28.68
CA ARG C 318 -12.10 3.46 -28.13
C ARG C 318 -11.36 2.23 -28.65
N ILE C 319 -10.23 2.47 -29.32
CA ILE C 319 -9.45 1.38 -29.91
C ILE C 319 -8.11 1.28 -29.18
N PRO C 320 -7.95 0.34 -28.26
CA PRO C 320 -6.64 0.19 -27.61
C PRO C 320 -5.58 -0.33 -28.56
N ILE C 321 -4.34 0.10 -28.29
CA ILE C 321 -3.18 -0.20 -29.13
C ILE C 321 -2.15 -0.90 -28.27
N SER C 322 -1.61 -2.00 -28.76
CA SER C 322 -0.62 -2.77 -28.00
C SER C 322 0.47 -3.28 -28.93
N LEU C 323 1.63 -3.56 -28.34
CA LEU C 323 2.77 -4.14 -29.04
C LEU C 323 3.27 -5.34 -28.25
N GLU C 324 3.43 -6.47 -28.92
CA GLU C 324 3.96 -7.69 -28.32
C GLU C 324 5.08 -8.25 -29.17
N THR C 325 5.97 -9.01 -28.53
CA THR C 325 7.10 -9.62 -29.20
C THR C 325 7.23 -11.09 -28.81
N GLN C 326 7.71 -11.89 -29.76
CA GLN C 326 8.14 -13.25 -29.51
C GLN C 326 9.60 -13.37 -29.93
N ALA C 327 10.45 -13.88 -29.04
CA ALA C 327 11.88 -13.97 -29.29
C ALA C 327 12.27 -15.41 -29.57
N HIS C 328 12.94 -15.63 -30.70
CA HIS C 328 13.49 -16.93 -31.05
C HIS C 328 15.00 -16.83 -31.09
N ILE C 329 15.68 -17.67 -30.32
CA ILE C 329 17.13 -17.66 -30.22
C ILE C 329 17.69 -18.77 -31.08
N GLN C 330 18.67 -18.44 -31.92
CA GLN C 330 19.39 -19.42 -32.71
C GLN C 330 20.88 -19.12 -32.64
N GLU C 331 21.68 -20.16 -32.87
CA GLU C 331 23.12 -19.99 -32.94
C GLU C 331 23.49 -19.27 -34.23
N CYS C 332 24.50 -18.41 -34.15
CA CYS C 332 24.95 -17.67 -35.32
C CYS C 332 25.94 -18.51 -36.11
N LYS C 333 26.14 -18.12 -37.37
CA LYS C 333 26.98 -18.90 -38.29
C LYS C 333 28.41 -18.38 -38.24
N HIS C 334 29.33 -19.25 -37.83
CA HIS C 334 30.76 -18.95 -37.79
C HIS C 334 31.05 -17.58 -37.19
N PRO C 335 30.71 -17.36 -35.92
CA PRO C 335 31.09 -16.11 -35.27
C PRO C 335 32.56 -16.14 -34.84
N SER C 336 33.10 -14.94 -34.65
CA SER C 336 34.49 -14.78 -34.24
C SER C 336 34.55 -13.87 -33.02
N VAL C 337 35.20 -14.35 -31.96
CA VAL C 337 35.49 -13.55 -30.78
C VAL C 337 36.98 -13.72 -30.48
N PHE C 338 37.71 -12.61 -30.52
CA PHE C 338 39.15 -12.63 -30.25
C PHE C 338 39.42 -13.02 -28.81
N PHE C 345 36.23 -22.85 -14.49
CA PHE C 345 35.60 -23.30 -15.72
C PHE C 345 34.25 -23.93 -15.39
N ARG C 346 33.18 -23.35 -15.94
CA ARG C 346 31.83 -23.77 -15.56
C ARG C 346 31.57 -25.24 -15.83
N LEU C 347 32.15 -25.78 -16.92
CA LEU C 347 31.87 -27.18 -17.26
C LEU C 347 32.40 -28.12 -16.18
N LEU C 348 33.60 -27.85 -15.66
CA LEU C 348 34.11 -28.68 -14.57
C LEU C 348 33.25 -28.57 -13.33
N PHE C 349 32.75 -27.37 -13.03
CA PHE C 349 31.86 -27.19 -11.88
C PHE C 349 30.57 -27.99 -12.06
N ASP C 350 30.01 -27.97 -13.26
CA ASP C 350 28.82 -28.77 -13.54
C ASP C 350 29.12 -30.26 -13.37
N VAL C 351 30.28 -30.70 -13.83
CA VAL C 351 30.66 -32.10 -13.66
C VAL C 351 30.78 -32.45 -12.18
N VAL C 352 31.33 -31.52 -11.39
CA VAL C 352 31.44 -31.75 -9.95
C VAL C 352 30.06 -31.90 -9.33
N VAL C 353 29.13 -31.03 -9.72
CA VAL C 353 27.76 -31.15 -9.21
C VAL C 353 27.18 -32.50 -9.60
N ILE C 354 27.42 -32.94 -10.84
CA ILE C 354 26.92 -34.22 -11.30
C ILE C 354 27.47 -35.34 -10.42
N LEU C 355 28.77 -35.34 -10.16
CA LEU C 355 29.38 -36.41 -9.37
C LEU C 355 28.84 -36.41 -7.94
N THR C 356 28.72 -35.23 -7.34
CA THR C 356 28.22 -35.15 -5.97
C THR C 356 26.79 -35.69 -5.88
N CYS C 357 25.93 -35.28 -6.82
CA CYS C 357 24.55 -35.74 -6.79
C CYS C 357 24.44 -37.22 -7.09
N SER C 358 25.30 -37.74 -7.98
CA SER C 358 25.28 -39.17 -8.27
C SER C 358 25.69 -39.99 -7.06
N LEU C 359 26.74 -39.56 -6.36
CA LEU C 359 27.15 -40.28 -5.16
C LEU C 359 26.07 -40.22 -4.08
N SER C 360 25.46 -39.06 -3.89
CA SER C 360 24.38 -38.95 -2.92
C SER C 360 23.22 -39.86 -3.29
N PHE C 361 22.88 -39.91 -4.57
CA PHE C 361 21.82 -40.79 -5.04
C PHE C 361 22.14 -42.25 -4.75
N LEU C 362 23.39 -42.65 -5.01
CA LEU C 362 23.77 -44.04 -4.77
C LEU C 362 23.66 -44.39 -3.29
N LEU C 363 24.16 -43.51 -2.42
CA LEU C 363 24.10 -43.78 -0.99
C LEU C 363 22.66 -43.84 -0.50
N CYS C 364 21.81 -42.92 -0.98
CA CYS C 364 20.41 -42.92 -0.55
C CYS C 364 19.71 -44.18 -1.04
N ALA C 365 19.98 -44.61 -2.26
CA ALA C 365 19.37 -45.85 -2.76
C ALA C 365 19.82 -47.05 -1.94
N ARG C 366 21.11 -47.10 -1.57
CA ARG C 366 21.59 -48.17 -0.73
C ARG C 366 20.87 -48.19 0.62
N SER C 367 20.70 -47.01 1.22
CA SER C 367 20.00 -46.94 2.50
C SER C 367 18.55 -47.40 2.36
N LEU C 368 17.88 -46.98 1.28
CA LEU C 368 16.49 -47.37 1.08
C LEU C 368 16.37 -48.88 0.89
N LEU C 369 17.29 -49.49 0.13
CA LEU C 369 17.26 -50.93 -0.04
C LEU C 369 17.49 -51.65 1.28
N ARG C 370 18.43 -51.17 2.08
CA ARG C 370 18.67 -51.79 3.39
C ARG C 370 17.42 -51.69 4.26
N GLY C 371 16.75 -50.54 4.25
CA GLY C 371 15.53 -50.40 5.02
C GLY C 371 14.45 -51.34 4.54
N PHE C 372 14.33 -51.52 3.22
CA PHE C 372 13.34 -52.44 2.68
C PHE C 372 13.62 -53.87 3.13
N LEU C 373 14.89 -54.29 3.09
CA LEU C 373 15.23 -55.63 3.55
C LEU C 373 14.92 -55.80 5.03
N LEU C 374 15.24 -54.79 5.84
CA LEU C 374 14.93 -54.88 7.27
C LEU C 374 13.42 -54.97 7.50
N GLN C 375 12.64 -54.21 6.71
CA GLN C 375 11.19 -54.29 6.81
C GLN C 375 10.70 -55.69 6.50
N ASN C 376 11.23 -56.31 5.44
CA ASN C 376 10.83 -57.68 5.12
C ASN C 376 11.19 -58.63 6.24
N GLU C 377 12.39 -58.48 6.80
CA GLU C 377 12.81 -59.36 7.90
C GLU C 377 11.88 -59.21 9.11
N PHE C 378 11.53 -57.98 9.46
CA PHE C 378 10.64 -57.76 10.59
C PHE C 378 9.26 -58.36 10.34
N VAL C 379 8.72 -58.17 9.13
CA VAL C 379 7.42 -58.72 8.80
C VAL C 379 7.45 -60.24 8.90
N GLY C 380 8.52 -60.86 8.39
CA GLY C 380 8.66 -62.30 8.54
C GLY C 380 8.73 -62.72 10.00
N PHE C 381 9.44 -61.94 10.82
CA PHE C 381 9.56 -62.27 12.24
C PHE C 381 8.20 -62.24 12.91
N MET C 382 7.37 -61.25 12.60
CA MET C 382 6.05 -61.18 13.22
C MET C 382 5.08 -62.23 12.69
N TRP C 383 5.46 -63.00 11.67
CA TRP C 383 4.64 -64.09 11.17
C TRP C 383 3.34 -63.58 10.55
N SER C 391 -0.48 -54.43 7.54
CA SER C 391 -0.26 -53.22 8.33
C SER C 391 0.64 -52.25 7.57
N LEU C 392 0.11 -51.68 6.49
CA LEU C 392 0.91 -50.78 5.66
C LEU C 392 1.41 -49.59 6.47
N TRP C 393 0.60 -49.10 7.40
CA TRP C 393 1.03 -47.97 8.22
C TRP C 393 2.26 -48.32 9.03
N GLU C 394 2.28 -49.51 9.64
CA GLU C 394 3.48 -49.97 10.32
C GLU C 394 4.59 -50.30 9.33
N ARG C 395 4.23 -50.68 8.10
CA ARG C 395 5.24 -50.98 7.09
C ARG C 395 6.06 -49.73 6.76
N LEU C 396 5.38 -48.59 6.61
CA LEU C 396 6.06 -47.37 6.20
C LEU C 396 6.98 -46.81 7.27
N GLU C 397 6.99 -47.40 8.47
CA GLU C 397 7.94 -46.97 9.49
C GLU C 397 9.38 -47.25 9.08
N PHE C 398 9.59 -48.10 8.09
CA PHE C 398 10.92 -48.42 7.60
C PHE C 398 11.31 -47.58 6.38
N VAL C 399 10.43 -46.71 5.90
CA VAL C 399 10.69 -45.88 4.74
C VAL C 399 11.22 -44.54 5.21
N ASN C 400 12.43 -44.19 4.79
CA ASN C 400 13.03 -42.89 5.12
C ASN C 400 12.54 -41.89 4.07
N GLY C 401 11.53 -41.10 4.43
CA GLY C 401 11.02 -40.10 3.51
C GLY C 401 12.05 -39.05 3.14
N TRP C 402 12.96 -38.74 4.07
CA TRP C 402 14.03 -37.80 3.76
C TRP C 402 14.89 -38.30 2.63
N TYR C 403 15.14 -39.61 2.58
CA TYR C 403 15.97 -40.15 1.50
C TYR C 403 15.23 -40.18 0.18
N ILE C 404 13.91 -40.37 0.20
CA ILE C 404 13.14 -40.22 -1.02
C ILE C 404 13.22 -38.78 -1.53
N LEU C 405 13.11 -37.81 -0.62
CA LEU C 405 13.26 -36.42 -1.01
C LEU C 405 14.65 -36.16 -1.58
N LEU C 406 15.68 -36.73 -0.95
CA LEU C 406 17.04 -36.54 -1.42
C LEU C 406 17.22 -37.11 -2.83
N VAL C 407 16.68 -38.31 -3.07
CA VAL C 407 16.78 -38.91 -4.41
C VAL C 407 16.06 -38.05 -5.43
N THR C 408 14.87 -37.57 -5.10
CA THR C 408 14.14 -36.69 -6.01
C THR C 408 14.94 -35.43 -6.32
N SER C 409 15.53 -34.82 -5.29
CA SER C 409 16.31 -33.60 -5.50
C SER C 409 17.55 -33.88 -6.35
N ASP C 410 18.17 -35.04 -6.16
CA ASP C 410 19.34 -35.39 -6.97
C ASP C 410 18.96 -35.58 -8.43
N VAL C 411 17.83 -36.24 -8.69
CA VAL C 411 17.36 -36.38 -10.07
C VAL C 411 17.09 -35.01 -10.68
N LEU C 412 16.43 -34.13 -9.92
CA LEU C 412 16.15 -32.79 -10.43
C LEU C 412 17.44 -32.04 -10.73
N THR C 413 18.41 -32.14 -9.83
CA THR C 413 19.67 -31.42 -10.02
C THR C 413 20.42 -31.93 -11.25
N ILE C 414 20.48 -33.24 -11.43
CA ILE C 414 21.18 -33.78 -12.60
C ILE C 414 20.48 -33.38 -13.88
N SER C 415 19.14 -33.44 -13.90
CA SER C 415 18.41 -33.02 -15.09
C SER C 415 18.66 -31.55 -15.39
N GLY C 416 18.62 -30.70 -14.37
CA GLY C 416 18.87 -29.28 -14.57
C GLY C 416 20.27 -29.01 -15.05
N THR C 417 21.26 -29.74 -14.52
CA THR C 417 22.64 -29.55 -14.94
C THR C 417 22.83 -29.97 -16.39
N ILE C 418 22.23 -31.08 -16.80
CA ILE C 418 22.33 -31.50 -18.20
C ILE C 418 21.67 -30.47 -19.10
N MET C 419 20.50 -29.96 -18.71
CA MET C 419 19.83 -28.94 -19.51
C MET C 419 20.68 -27.67 -19.60
N LYS C 420 21.32 -27.30 -18.49
CA LYS C 420 22.18 -26.12 -18.48
C LYS C 420 23.37 -26.30 -19.41
N ILE C 421 24.00 -27.47 -19.38
CA ILE C 421 25.12 -27.73 -20.28
C ILE C 421 24.66 -27.67 -21.72
N GLY C 422 23.49 -28.25 -22.02
CA GLY C 422 22.97 -28.19 -23.36
C GLY C 422 22.70 -26.76 -23.82
N ILE C 423 22.18 -25.93 -22.91
CA ILE C 423 21.95 -24.52 -23.26
C ILE C 423 23.27 -23.82 -23.54
N GLU C 424 24.29 -24.09 -22.71
CA GLU C 424 25.58 -23.45 -22.91
C GLU C 424 26.22 -23.88 -24.23
N ALA C 425 26.01 -25.13 -24.63
CA ALA C 425 26.51 -25.62 -25.90
C ALA C 425 25.67 -25.16 -27.08
N LYS C 426 24.61 -24.37 -26.84
CA LYS C 426 23.74 -23.82 -27.87
C LYS C 426 22.84 -24.88 -28.49
N ASN C 427 22.67 -26.02 -27.82
CA ASN C 427 21.73 -27.03 -28.28
C ASN C 427 20.30 -26.74 -27.83
N LEU C 428 20.13 -25.96 -26.76
CA LEU C 428 18.82 -25.65 -26.23
C LEU C 428 18.76 -24.17 -25.90
N ALA C 429 17.54 -23.67 -25.70
CA ALA C 429 17.33 -22.28 -25.28
C ALA C 429 16.23 -22.16 -24.24
N SER C 430 15.86 -23.25 -23.56
CA SER C 430 14.76 -23.24 -22.60
C SER C 430 15.30 -22.76 -21.25
N TYR C 431 15.53 -21.45 -21.16
CA TYR C 431 16.09 -20.88 -19.95
C TYR C 431 15.14 -21.02 -18.77
N ASP C 432 13.84 -20.83 -19.00
CA ASP C 432 12.88 -20.86 -17.90
C ASP C 432 12.78 -22.25 -17.27
N VAL C 433 12.73 -23.29 -18.10
CA VAL C 433 12.66 -24.65 -17.58
C VAL C 433 13.90 -24.98 -16.76
N CYS C 434 15.08 -24.62 -17.28
CA CYS C 434 16.32 -24.85 -16.55
C CYS C 434 16.32 -24.12 -15.23
N SER C 435 15.89 -22.86 -15.23
CA SER C 435 15.88 -22.08 -14.00
C SER C 435 14.94 -22.69 -12.98
N ILE C 436 13.77 -23.16 -13.41
CA ILE C 436 12.83 -23.76 -12.49
C ILE C 436 13.42 -25.04 -11.90
N LEU C 437 14.02 -25.88 -12.75
CA LEU C 437 14.62 -27.12 -12.26
C LEU C 437 15.69 -26.81 -11.22
N LEU C 438 16.61 -25.90 -11.54
CA LEU C 438 17.74 -25.66 -10.65
C LEU C 438 17.31 -24.96 -9.37
N GLY C 439 16.35 -24.03 -9.44
CA GLY C 439 15.88 -23.38 -8.24
C GLY C 439 15.13 -24.32 -7.32
N THR C 440 14.27 -25.17 -7.88
CA THR C 440 13.58 -26.15 -7.06
C THR C 440 14.58 -27.11 -6.42
N SER C 441 15.58 -27.55 -7.19
CA SER C 441 16.57 -28.44 -6.63
C SER C 441 17.37 -27.77 -5.52
N THR C 442 17.69 -26.48 -5.68
CA THR C 442 18.42 -25.76 -4.64
C THR C 442 17.60 -25.67 -3.37
N LEU C 443 16.31 -25.33 -3.49
CA LEU C 443 15.46 -25.27 -2.31
C LEU C 443 15.37 -26.63 -1.63
N LEU C 444 15.20 -27.70 -2.41
CA LEU C 444 15.11 -29.02 -1.82
C LEU C 444 16.42 -29.44 -1.16
N VAL C 445 17.56 -29.06 -1.75
CA VAL C 445 18.85 -29.39 -1.16
C VAL C 445 19.02 -28.69 0.18
N TRP C 446 18.62 -27.41 0.26
CA TRP C 446 18.68 -26.71 1.53
C TRP C 446 17.75 -27.35 2.55
N VAL C 447 16.55 -27.76 2.12
CA VAL C 447 15.59 -28.35 3.05
C VAL C 447 16.06 -29.70 3.56
N GLY C 448 16.71 -30.48 2.70
CA GLY C 448 17.03 -31.86 3.04
C GLY C 448 18.00 -32.03 4.19
N VAL C 449 18.71 -30.96 4.57
CA VAL C 449 19.63 -31.05 5.68
C VAL C 449 18.93 -31.13 7.03
N ILE C 450 17.62 -30.84 7.07
CA ILE C 450 16.85 -30.97 8.30
C ILE C 450 16.72 -32.42 8.76
N ARG C 451 17.02 -33.38 7.88
CA ARG C 451 16.97 -34.78 8.27
C ARG C 451 17.80 -35.05 9.52
N TYR C 452 18.90 -34.33 9.69
CA TYR C 452 19.83 -34.59 10.78
C TYR C 452 19.52 -33.83 12.05
N LEU C 453 18.55 -32.91 12.02
CA LEU C 453 18.04 -32.31 13.24
C LEU C 453 16.85 -33.05 13.83
N THR C 454 16.34 -34.06 13.12
CA THR C 454 15.18 -34.79 13.60
C THR C 454 15.50 -35.68 14.80
N PHE C 455 16.78 -35.99 15.03
CA PHE C 455 17.15 -36.87 16.13
C PHE C 455 17.13 -36.18 17.48
N PHE C 456 17.12 -34.85 17.49
CA PHE C 456 17.22 -34.07 18.73
C PHE C 456 15.93 -33.31 18.93
N HIS C 457 15.28 -33.54 20.07
CA HIS C 457 13.91 -33.05 20.27
C HIS C 457 13.86 -31.53 20.23
N ASN C 458 14.80 -30.84 20.87
CA ASN C 458 14.75 -29.39 20.95
C ASN C 458 14.98 -28.73 19.59
N TYR C 459 15.49 -29.47 18.61
CA TYR C 459 15.71 -28.94 17.27
C TYR C 459 14.68 -29.45 16.27
N ASN C 460 13.66 -30.18 16.73
CA ASN C 460 12.74 -30.86 15.84
C ASN C 460 11.29 -30.46 16.12
N ILE C 461 11.08 -29.28 16.69
CA ILE C 461 9.73 -28.85 17.03
C ILE C 461 8.87 -28.71 15.77
N LEU C 462 9.41 -28.10 14.73
CA LEU C 462 8.62 -27.79 13.54
C LEU C 462 8.13 -29.07 12.86
N ILE C 463 9.04 -30.03 12.65
CA ILE C 463 8.68 -31.25 11.94
C ILE C 463 7.74 -32.10 12.78
N ALA C 464 8.00 -32.19 14.08
CA ALA C 464 7.11 -32.97 14.96
C ALA C 464 5.70 -32.38 14.96
N THR C 465 5.59 -31.06 15.05
CA THR C 465 4.28 -30.43 15.02
C THR C 465 3.60 -30.65 13.67
N LEU C 466 4.35 -30.53 12.57
CA LEU C 466 3.80 -30.83 11.26
C LEU C 466 3.23 -32.24 11.21
N ARG C 467 3.99 -33.21 11.70
CA ARG C 467 3.57 -34.60 11.66
C ARG C 467 2.30 -34.82 12.47
N VAL C 468 2.20 -34.19 13.64
CA VAL C 468 1.02 -34.40 14.46
C VAL C 468 -0.19 -33.61 13.95
N ALA C 469 0.04 -32.50 13.25
CA ALA C 469 -1.03 -31.57 12.91
C ALA C 469 -1.62 -31.78 11.52
N LEU C 470 -0.86 -32.31 10.57
CA LEU C 470 -1.31 -32.36 9.18
C LEU C 470 -2.68 -33.02 9.00
N PRO C 471 -2.97 -34.18 9.61
CA PRO C 471 -4.28 -34.82 9.34
C PRO C 471 -5.47 -33.96 9.72
N SER C 472 -5.47 -33.42 10.94
CA SER C 472 -6.59 -32.59 11.36
C SER C 472 -6.70 -31.33 10.52
N VAL C 473 -5.57 -30.78 10.09
CA VAL C 473 -5.59 -29.60 9.23
C VAL C 473 -6.24 -29.94 7.89
N MET C 474 -5.92 -31.10 7.33
CA MET C 474 -6.53 -31.50 6.06
C MET C 474 -8.04 -31.70 6.24
N ARG C 475 -8.45 -32.33 7.34
CA ARG C 475 -9.88 -32.52 7.58
C ARG C 475 -10.60 -31.18 7.71
N PHE C 476 -9.96 -30.21 8.37
CA PHE C 476 -10.53 -28.86 8.46
C PHE C 476 -10.62 -28.20 7.08
N CYS C 477 -9.57 -28.35 6.27
CA CYS C 477 -9.57 -27.76 4.94
C CYS C 477 -10.68 -28.35 4.08
N CYS C 478 -11.04 -29.61 4.31
CA CYS C 478 -12.14 -30.20 3.56
C CYS C 478 -13.38 -29.32 3.63
N CYS C 479 -13.74 -28.87 4.84
CA CYS C 479 -14.89 -28.00 5.01
C CYS C 479 -14.60 -26.58 4.53
N VAL C 480 -13.42 -26.05 4.82
CA VAL C 480 -13.16 -24.65 4.47
C VAL C 480 -13.14 -24.43 2.96
N ALA C 481 -12.74 -25.44 2.19
CA ALA C 481 -12.50 -25.26 0.77
C ALA C 481 -13.78 -24.95 -0.01
N VAL C 482 -14.89 -25.59 0.35
CA VAL C 482 -16.13 -25.35 -0.39
C VAL C 482 -16.58 -23.90 -0.19
N ILE C 483 -16.48 -23.39 1.04
CA ILE C 483 -16.84 -22.00 1.29
C ILE C 483 -15.91 -21.07 0.51
N TYR C 484 -14.61 -21.35 0.53
CA TYR C 484 -13.66 -20.50 -0.18
C TYR C 484 -13.97 -20.48 -1.67
N LEU C 485 -14.28 -21.65 -2.26
CA LEU C 485 -14.56 -21.71 -3.69
C LEU C 485 -15.86 -21.03 -4.04
N GLY C 486 -16.89 -21.18 -3.20
CA GLY C 486 -18.12 -20.46 -3.42
C GLY C 486 -17.90 -18.96 -3.46
N TYR C 487 -17.15 -18.44 -2.49
CA TYR C 487 -16.82 -17.02 -2.49
C TYR C 487 -16.03 -16.63 -3.74
N CYS C 488 -15.06 -17.48 -4.14
CA CYS C 488 -14.25 -17.18 -5.31
C CYS C 488 -15.12 -17.02 -6.55
N PHE C 489 -16.01 -17.98 -6.80
CA PHE C 489 -16.84 -17.92 -7.99
C PHE C 489 -17.80 -16.74 -7.94
N CYS C 490 -18.47 -16.55 -6.79
CA CYS C 490 -19.40 -15.44 -6.66
C CYS C 490 -18.71 -14.11 -6.94
N GLY C 491 -17.55 -13.87 -6.30
CA GLY C 491 -16.85 -12.62 -6.51
C GLY C 491 -16.37 -12.46 -7.94
N TRP C 492 -15.80 -13.52 -8.51
CA TRP C 492 -15.31 -13.45 -9.88
C TRP C 492 -16.39 -13.01 -10.84
N ILE C 493 -17.58 -13.60 -10.73
CA ILE C 493 -18.60 -13.31 -11.74
C ILE C 493 -19.35 -12.03 -11.42
N VAL C 494 -19.65 -11.75 -10.15
CA VAL C 494 -20.49 -10.60 -9.84
C VAL C 494 -19.67 -9.31 -9.81
N LEU C 495 -18.50 -9.33 -9.20
CA LEU C 495 -17.70 -8.12 -9.03
C LEU C 495 -16.62 -7.94 -10.08
N GLY C 496 -16.30 -8.98 -10.85
CA GLY C 496 -15.23 -8.93 -11.81
C GLY C 496 -15.35 -7.80 -12.80
N PRO C 497 -16.53 -7.60 -13.37
CA PRO C 497 -16.72 -6.49 -14.32
C PRO C 497 -16.52 -5.11 -13.71
N TYR C 498 -16.63 -4.98 -12.37
CA TYR C 498 -16.53 -3.68 -11.72
C TYR C 498 -15.25 -3.49 -10.92
N HIS C 499 -14.60 -4.57 -10.50
CA HIS C 499 -13.46 -4.49 -9.60
C HIS C 499 -12.21 -4.99 -10.33
N VAL C 500 -11.16 -4.16 -10.31
CA VAL C 500 -9.92 -4.53 -10.99
C VAL C 500 -9.25 -5.74 -10.36
N LYS C 501 -9.54 -6.04 -9.11
CA LYS C 501 -8.93 -7.17 -8.42
C LYS C 501 -9.70 -8.47 -8.60
N PHE C 502 -10.84 -8.43 -9.30
CA PHE C 502 -11.69 -9.62 -9.49
C PHE C 502 -11.80 -10.00 -10.96
N ARG C 503 -10.84 -9.59 -11.80
CA ARG C 503 -10.98 -9.78 -13.24
C ARG C 503 -10.94 -11.25 -13.62
N SER C 504 -10.05 -12.03 -13.02
CA SER C 504 -9.89 -13.44 -13.35
C SER C 504 -9.96 -14.26 -12.07
N LEU C 505 -10.13 -15.58 -12.25
CA LEU C 505 -10.28 -16.47 -11.10
C LEU C 505 -9.01 -16.52 -10.25
N SER C 506 -7.85 -16.60 -10.90
CA SER C 506 -6.60 -16.59 -10.14
C SER C 506 -6.40 -15.26 -9.41
N MET C 507 -6.78 -14.16 -10.06
CA MET C 507 -6.73 -12.85 -9.41
C MET C 507 -7.68 -12.81 -8.21
N VAL C 508 -8.87 -13.38 -8.35
CA VAL C 508 -9.82 -13.41 -7.24
C VAL C 508 -9.25 -14.21 -6.07
N SER C 509 -8.63 -15.36 -6.37
CA SER C 509 -8.04 -16.17 -5.32
C SER C 509 -6.92 -15.39 -4.62
N GLU C 510 -6.07 -14.71 -5.38
CA GLU C 510 -5.02 -13.91 -4.77
C GLU C 510 -5.60 -12.82 -3.88
N CYS C 511 -6.65 -12.14 -4.35
CA CYS C 511 -7.24 -11.06 -3.57
C CYS C 511 -7.83 -11.58 -2.27
N LEU C 512 -8.57 -12.69 -2.33
CA LEU C 512 -9.20 -13.22 -1.12
C LEU C 512 -8.15 -13.75 -0.15
N PHE C 513 -7.11 -14.43 -0.66
CA PHE C 513 -6.05 -14.92 0.19
C PHE C 513 -5.31 -13.77 0.88
N SER C 514 -5.07 -12.68 0.15
CA SER C 514 -4.44 -11.52 0.77
C SER C 514 -5.35 -10.89 1.81
N LEU C 515 -6.66 -10.85 1.53
CA LEU C 515 -7.60 -10.29 2.51
C LEU C 515 -7.59 -11.10 3.80
N ILE C 516 -7.55 -12.44 3.69
CA ILE C 516 -7.51 -13.26 4.90
C ILE C 516 -6.32 -12.89 5.76
N ASN C 517 -5.20 -12.52 5.14
CA ASN C 517 -4.01 -12.09 5.85
C ASN C 517 -4.01 -10.60 6.17
N GLY C 518 -5.15 -9.93 5.98
CA GLY C 518 -5.28 -8.53 6.35
C GLY C 518 -4.61 -7.55 5.41
N ASP C 519 -4.32 -7.95 4.19
CA ASP C 519 -3.53 -7.13 3.27
C ASP C 519 -4.44 -6.47 2.23
N ASP C 520 -4.24 -5.17 2.01
CA ASP C 520 -4.87 -4.44 0.91
C ASP C 520 -6.38 -4.31 1.11
N MET C 521 -6.83 -4.27 2.36
CA MET C 521 -8.27 -4.25 2.64
C MET C 521 -8.93 -2.96 2.17
N PHE C 522 -8.36 -1.82 2.55
CA PHE C 522 -9.04 -0.56 2.30
C PHE C 522 -9.12 -0.25 0.81
N VAL C 523 -8.06 -0.54 0.05
CA VAL C 523 -8.14 -0.28 -1.39
C VAL C 523 -9.17 -1.21 -2.04
N THR C 524 -9.30 -2.43 -1.53
CA THR C 524 -10.35 -3.32 -2.02
C THR C 524 -11.73 -2.71 -1.77
N PHE C 525 -11.94 -2.12 -0.59
CA PHE C 525 -13.21 -1.44 -0.34
C PHE C 525 -13.37 -0.21 -1.24
N ALA C 526 -12.28 0.52 -1.47
CA ALA C 526 -12.35 1.82 -2.14
C ALA C 526 -12.60 1.67 -3.63
N ALA C 527 -12.13 0.57 -4.23
CA ALA C 527 -12.38 0.36 -5.65
C ALA C 527 -13.86 0.36 -5.98
N MET C 528 -14.70 -0.03 -5.02
CA MET C 528 -16.14 -0.09 -5.22
C MET C 528 -16.85 1.22 -4.90
N GLN C 529 -16.16 2.18 -4.26
CA GLN C 529 -16.80 3.44 -3.94
C GLN C 529 -17.24 4.20 -5.18
N ALA C 530 -16.58 3.98 -6.32
CA ALA C 530 -17.00 4.62 -7.56
C ALA C 530 -18.36 4.12 -8.05
N GLN C 531 -18.78 2.94 -7.63
CA GLN C 531 -20.06 2.38 -8.05
C GLN C 531 -21.22 2.78 -7.15
N GLN C 532 -20.95 3.42 -6.00
CA GLN C 532 -22.03 3.79 -5.10
C GLN C 532 -23.03 4.74 -5.74
N GLY C 533 -22.62 5.48 -6.76
CA GLY C 533 -23.51 6.37 -7.47
C GLY C 533 -24.08 5.73 -8.72
N ARG C 534 -23.24 5.00 -9.45
CA ARG C 534 -23.66 4.39 -10.71
C ARG C 534 -24.54 3.17 -10.47
N SER C 535 -24.00 2.15 -9.81
CA SER C 535 -24.69 0.89 -9.56
C SER C 535 -24.83 0.70 -8.06
N SER C 536 -25.91 1.24 -7.49
CA SER C 536 -26.09 1.19 -6.03
C SER C 536 -26.24 -0.24 -5.53
N LEU C 537 -27.01 -1.07 -6.25
CA LEU C 537 -27.27 -2.43 -5.80
C LEU C 537 -25.98 -3.25 -5.78
N VAL C 538 -25.14 -3.10 -6.81
CA VAL C 538 -23.88 -3.83 -6.84
C VAL C 538 -22.97 -3.36 -5.72
N TRP C 539 -23.01 -2.06 -5.40
CA TRP C 539 -22.21 -1.56 -4.29
C TRP C 539 -22.66 -2.17 -2.97
N LEU C 540 -23.97 -2.24 -2.74
CA LEU C 540 -24.46 -2.82 -1.50
C LEU C 540 -24.09 -4.30 -1.41
N PHE C 541 -24.22 -5.02 -2.53
CA PHE C 541 -23.82 -6.42 -2.53
C PHE C 541 -22.33 -6.57 -2.22
N SER C 542 -21.50 -5.69 -2.79
CA SER C 542 -20.07 -5.75 -2.51
C SER C 542 -19.80 -5.50 -1.03
N GLN C 543 -20.51 -4.56 -0.42
CA GLN C 543 -20.38 -4.33 1.01
C GLN C 543 -20.64 -5.62 1.78
N LEU C 544 -21.78 -6.26 1.53
CA LEU C 544 -22.11 -7.48 2.25
C LEU C 544 -21.07 -8.57 2.00
N TYR C 545 -20.70 -8.74 0.73
CA TYR C 545 -19.74 -9.77 0.35
C TYR C 545 -18.43 -9.60 1.11
N LEU C 546 -17.86 -8.40 1.04
CA LEU C 546 -16.54 -8.18 1.64
C LEU C 546 -16.60 -8.28 3.15
N TYR C 547 -17.59 -7.64 3.79
CA TYR C 547 -17.65 -7.68 5.25
C TYR C 547 -17.82 -9.12 5.74
N SER C 548 -18.75 -9.87 5.13
CA SER C 548 -18.99 -11.23 5.58
C SER C 548 -17.75 -12.10 5.37
N PHE C 549 -17.10 -11.99 4.20
CA PHE C 549 -15.92 -12.82 3.95
C PHE C 549 -14.82 -12.50 4.96
N ILE C 550 -14.51 -11.22 5.15
CA ILE C 550 -13.43 -10.85 6.04
C ILE C 550 -13.72 -11.34 7.45
N SER C 551 -14.91 -11.07 7.96
CA SER C 551 -15.23 -11.48 9.32
C SER C 551 -15.10 -12.99 9.47
N LEU C 552 -15.79 -13.74 8.60
CA LEU C 552 -15.81 -15.19 8.73
C LEU C 552 -14.42 -15.79 8.66
N PHE C 553 -13.60 -15.34 7.69
CA PHE C 553 -12.35 -16.04 7.46
C PHE C 553 -11.25 -15.57 8.40
N ILE C 554 -11.16 -14.27 8.70
CA ILE C 554 -10.11 -13.81 9.60
C ILE C 554 -10.40 -14.25 11.03
N TYR C 555 -11.63 -14.00 11.52
CA TYR C 555 -11.87 -14.16 12.95
C TYR C 555 -12.28 -15.56 13.36
N MET C 556 -12.75 -16.39 12.43
CA MET C 556 -13.25 -17.70 12.79
C MET C 556 -12.49 -18.84 12.14
N VAL C 557 -12.31 -18.80 10.82
CA VAL C 557 -11.61 -19.90 10.14
C VAL C 557 -10.13 -19.91 10.51
N LEU C 558 -9.46 -18.77 10.37
CA LEU C 558 -8.03 -18.70 10.63
C LEU C 558 -7.74 -18.93 12.11
N SER C 559 -8.61 -18.45 12.99
CA SER C 559 -8.44 -18.70 14.42
C SER C 559 -8.40 -20.20 14.71
N LEU C 560 -9.31 -20.95 14.11
CA LEU C 560 -9.35 -22.40 14.34
C LEU C 560 -8.16 -23.09 13.69
N PHE C 561 -7.72 -22.61 12.52
CA PHE C 561 -6.52 -23.16 11.89
C PHE C 561 -5.32 -23.05 12.83
N ILE C 562 -5.08 -21.83 13.34
CA ILE C 562 -3.95 -21.62 14.25
C ILE C 562 -4.15 -22.42 15.53
N ALA C 563 -5.39 -22.54 16.01
CA ALA C 563 -5.66 -23.31 17.20
C ALA C 563 -5.29 -24.78 17.01
N LEU C 564 -5.62 -25.34 15.84
CA LEU C 564 -5.24 -26.72 15.56
C LEU C 564 -3.72 -26.87 15.59
N ILE C 565 -3.01 -25.94 14.95
CA ILE C 565 -1.55 -26.06 14.89
C ILE C 565 -0.95 -25.96 16.29
N THR C 566 -1.39 -25.00 17.10
CA THR C 566 -0.81 -24.83 18.42
C THR C 566 -1.23 -25.94 19.37
N GLY C 567 -2.42 -26.53 19.19
CA GLY C 567 -2.78 -27.69 19.98
C GLY C 567 -1.91 -28.88 19.65
N ALA C 568 -1.63 -29.08 18.36
CA ALA C 568 -0.69 -30.13 17.98
C ALA C 568 0.67 -29.88 18.62
N TYR C 569 1.11 -28.63 18.65
CA TYR C 569 2.37 -28.31 19.33
C TYR C 569 2.29 -28.68 20.81
N ASP C 570 1.18 -28.33 21.46
CA ASP C 570 1.01 -28.67 22.88
C ASP C 570 1.08 -30.17 23.11
N THR C 571 0.64 -30.96 22.12
CA THR C 571 0.67 -32.42 22.28
C THR C 571 2.10 -32.95 22.31
N ILE C 572 3.01 -32.36 21.53
CA ILE C 572 4.38 -32.84 21.43
C ILE C 572 5.34 -31.99 22.24
N LYS C 573 4.83 -31.09 23.08
CA LYS C 573 5.68 -30.12 23.76
C LYS C 573 6.71 -30.81 24.65
N HIS C 574 6.29 -31.82 25.39
CA HIS C 574 7.20 -32.52 26.30
C HIS C 574 7.50 -33.93 25.80
N LEU D 89 -41.38 -45.74 18.73
CA LEU D 89 -41.15 -44.32 18.47
C LEU D 89 -39.68 -43.98 18.64
N ARG D 90 -39.05 -44.55 19.67
CA ARG D 90 -37.64 -44.28 19.90
C ARG D 90 -36.79 -44.69 18.71
N ARG D 91 -37.11 -45.84 18.10
CA ARG D 91 -36.38 -46.27 16.92
C ARG D 91 -36.54 -45.27 15.77
N ARG D 92 -37.76 -44.79 15.56
CA ARG D 92 -37.99 -43.83 14.47
C ARG D 92 -37.29 -42.52 14.73
N LEU D 93 -37.34 -42.03 15.97
CA LEU D 93 -36.62 -40.80 16.31
C LEU D 93 -35.12 -40.97 16.10
N LYS D 94 -34.58 -42.13 16.50
CA LYS D 94 -33.16 -42.39 16.29
C LYS D 94 -32.83 -42.42 14.80
N TYR D 95 -33.69 -43.05 14.01
CA TYR D 95 -33.45 -43.12 12.56
C TYR D 95 -33.47 -41.73 11.94
N PHE D 96 -34.36 -40.86 12.42
CA PHE D 96 -34.49 -39.53 11.83
C PHE D 96 -33.17 -38.77 11.88
N PHE D 97 -32.30 -39.08 12.83
CA PHE D 97 -31.05 -38.33 13.02
C PHE D 97 -29.83 -39.10 12.55
N MET D 98 -30.01 -40.24 11.89
CA MET D 98 -28.88 -41.02 11.40
C MET D 98 -28.27 -40.38 10.16
N SER D 99 -26.98 -40.65 9.95
CA SER D 99 -26.27 -40.12 8.80
C SER D 99 -26.68 -40.86 7.53
N PRO D 100 -26.41 -40.27 6.36
CA PRO D 100 -26.83 -40.95 5.12
C PRO D 100 -26.27 -42.35 4.97
N CYS D 101 -25.01 -42.57 5.34
CA CYS D 101 -24.45 -43.92 5.28
C CYS D 101 -25.16 -44.83 6.29
N ASP D 102 -25.43 -44.32 7.48
CA ASP D 102 -26.14 -45.11 8.49
C ASP D 102 -27.56 -45.42 8.03
N LYS D 103 -28.22 -44.44 7.41
CA LYS D 103 -29.57 -44.67 6.90
C LYS D 103 -29.56 -45.72 5.79
N PHE D 104 -28.56 -45.66 4.91
CA PHE D 104 -28.45 -46.68 3.87
C PHE D 104 -28.21 -48.05 4.46
N ARG D 105 -27.36 -48.13 5.49
CA ARG D 105 -27.13 -49.41 6.16
C ARG D 105 -28.41 -49.95 6.76
N ALA D 106 -29.20 -49.08 7.39
CA ALA D 106 -30.40 -49.54 8.09
C ALA D 106 -31.49 -49.95 7.09
N LYS D 107 -31.95 -49.02 6.27
CA LYS D 107 -33.08 -49.25 5.38
C LYS D 107 -32.68 -49.42 3.92
N GLY D 108 -31.40 -49.33 3.58
CA GLY D 108 -31.01 -49.38 2.19
C GLY D 108 -31.38 -48.15 1.40
N ARG D 109 -31.64 -47.02 2.05
CA ARG D 109 -32.07 -45.82 1.35
C ARG D 109 -30.93 -45.23 0.53
N LYS D 110 -31.21 -44.94 -0.73
CA LYS D 110 -30.22 -44.33 -1.60
C LYS D 110 -30.11 -42.83 -1.30
N PRO D 111 -28.90 -42.26 -1.35
CA PRO D 111 -28.73 -40.83 -1.03
C PRO D 111 -28.91 -39.92 -2.26
N CYS D 112 -30.16 -39.76 -2.70
CA CYS D 112 -30.42 -38.94 -3.87
C CYS D 112 -30.12 -37.47 -3.62
N LYS D 113 -30.36 -36.99 -2.38
CA LYS D 113 -30.12 -35.58 -2.09
C LYS D 113 -28.65 -35.22 -2.24
N LEU D 114 -27.75 -36.12 -1.83
CA LEU D 114 -26.32 -35.85 -1.95
C LEU D 114 -25.89 -35.73 -3.41
N MET D 115 -26.31 -36.69 -4.24
CA MET D 115 -25.99 -36.63 -5.66
C MET D 115 -26.60 -35.37 -6.29
N LEU D 116 -27.82 -35.02 -5.87
CA LEU D 116 -28.44 -33.80 -6.37
C LEU D 116 -27.63 -32.58 -5.99
N GLN D 117 -27.09 -32.54 -4.77
CA GLN D 117 -26.29 -31.40 -4.35
C GLN D 117 -25.03 -31.28 -5.18
N VAL D 118 -24.36 -32.40 -5.46
CA VAL D 118 -23.15 -32.35 -6.28
C VAL D 118 -23.48 -31.86 -7.69
N VAL D 119 -24.53 -32.44 -8.29
CA VAL D 119 -24.94 -32.03 -9.62
C VAL D 119 -25.29 -30.55 -9.64
N LYS D 120 -25.98 -30.08 -8.59
CA LYS D 120 -26.36 -28.68 -8.51
C LYS D 120 -25.13 -27.79 -8.44
N ILE D 121 -24.14 -28.16 -7.64
CA ILE D 121 -22.92 -27.36 -7.59
C ILE D 121 -22.37 -27.20 -9.00
N LEU D 122 -22.22 -28.33 -9.70
CA LEU D 122 -21.63 -28.27 -11.03
C LEU D 122 -22.43 -27.38 -11.98
N VAL D 123 -23.74 -27.65 -12.09
CA VAL D 123 -24.54 -26.98 -13.11
C VAL D 123 -24.73 -25.51 -12.78
N VAL D 124 -24.94 -25.19 -11.51
CA VAL D 124 -25.13 -23.81 -11.10
C VAL D 124 -23.87 -22.99 -11.34
N THR D 125 -22.70 -23.56 -11.04
CA THR D 125 -21.47 -22.83 -11.31
C THR D 125 -21.27 -22.60 -12.81
N VAL D 126 -21.55 -23.62 -13.61
CA VAL D 126 -21.40 -23.46 -15.07
C VAL D 126 -22.36 -22.39 -15.57
N GLN D 127 -23.60 -22.41 -15.09
CA GLN D 127 -24.57 -21.40 -15.50
C GLN D 127 -24.12 -20.01 -15.11
N LEU D 128 -23.56 -19.86 -13.91
CA LEU D 128 -23.07 -18.55 -13.49
C LEU D 128 -21.98 -18.05 -14.43
N ILE D 129 -21.05 -18.91 -14.81
CA ILE D 129 -19.98 -18.50 -15.72
C ILE D 129 -20.55 -18.10 -17.08
N LEU D 130 -21.47 -18.91 -17.61
CA LEU D 130 -22.04 -18.62 -18.92
C LEU D 130 -22.79 -17.30 -18.91
N PHE D 131 -23.51 -17.00 -17.83
CA PHE D 131 -24.15 -15.70 -17.71
C PHE D 131 -23.11 -14.59 -17.62
N GLY D 132 -22.05 -14.81 -16.85
CA GLY D 132 -21.01 -13.81 -16.70
C GLY D 132 -20.45 -13.36 -18.03
N LEU D 133 -20.41 -14.26 -19.02
CA LEU D 133 -19.98 -13.84 -20.35
C LEU D 133 -20.76 -12.62 -20.85
N SER D 134 -22.09 -12.75 -20.96
CA SER D 134 -22.90 -11.66 -21.50
C SER D 134 -22.95 -10.47 -20.54
N ASN D 135 -22.92 -10.72 -19.24
CA ASN D 135 -22.88 -9.62 -18.27
C ASN D 135 -21.64 -8.76 -18.50
N GLN D 136 -20.49 -9.41 -18.68
CA GLN D 136 -19.25 -8.70 -18.97
C GLN D 136 -19.36 -7.94 -20.27
N LEU D 137 -19.97 -8.53 -21.30
CA LEU D 137 -20.12 -7.81 -22.56
C LEU D 137 -20.86 -6.50 -22.36
N ALA D 138 -22.00 -6.54 -21.65
CA ALA D 138 -22.78 -5.33 -21.44
C ALA D 138 -22.00 -4.29 -20.65
N VAL D 139 -21.38 -4.70 -19.55
CA VAL D 139 -20.64 -3.75 -18.71
C VAL D 139 -19.50 -3.12 -19.51
N THR D 140 -18.76 -3.94 -20.26
CA THR D 140 -17.64 -3.42 -21.03
C THR D 140 -18.10 -2.41 -22.05
N PHE D 141 -19.23 -2.68 -22.71
CA PHE D 141 -19.74 -1.71 -23.68
C PHE D 141 -20.01 -0.37 -23.01
N ARG D 142 -20.72 -0.39 -21.88
CA ARG D 142 -21.07 0.87 -21.22
C ARG D 142 -19.83 1.66 -20.82
N GLU D 143 -18.90 1.03 -20.09
CA GLU D 143 -17.70 1.75 -19.64
C GLU D 143 -16.81 2.20 -20.79
N GLU D 144 -16.61 1.36 -21.82
CA GLU D 144 -15.75 1.78 -22.92
C GLU D 144 -16.35 2.98 -23.64
N ASN D 145 -17.67 2.97 -23.88
CA ASN D 145 -18.28 4.13 -24.51
C ASN D 145 -18.13 5.37 -23.66
N THR D 146 -18.28 5.25 -22.33
CA THR D 146 -18.14 6.42 -21.48
C THR D 146 -16.72 6.99 -21.55
N ILE D 147 -15.71 6.12 -21.54
CA ILE D 147 -14.34 6.61 -21.63
C ILE D 147 -14.10 7.31 -22.97
N ALA D 148 -14.62 6.73 -24.06
CA ALA D 148 -14.48 7.37 -25.36
C ALA D 148 -15.15 8.74 -25.36
N PHE D 149 -16.31 8.87 -24.73
CA PHE D 149 -16.97 10.17 -24.66
C PHE D 149 -16.13 11.18 -23.90
N ARG D 150 -15.51 10.75 -22.79
CA ARG D 150 -14.65 11.67 -22.04
C ARG D 150 -13.49 12.15 -22.90
N HIS D 151 -12.90 11.26 -23.70
CA HIS D 151 -11.80 11.68 -24.56
C HIS D 151 -12.27 12.53 -25.73
N LEU D 152 -13.52 12.36 -26.16
CA LEU D 152 -14.00 13.12 -27.31
C LEU D 152 -14.47 14.52 -26.95
N PHE D 153 -15.14 14.68 -25.80
CA PHE D 153 -15.87 15.91 -25.52
C PHE D 153 -15.21 16.81 -24.48
N LEU D 154 -14.31 16.30 -23.65
CA LEU D 154 -13.66 17.10 -22.62
C LEU D 154 -12.31 17.58 -23.14
N LEU D 155 -12.16 18.90 -23.25
CA LEU D 155 -10.96 19.48 -23.84
C LEU D 155 -9.76 19.25 -22.93
N GLY D 156 -8.71 18.65 -23.49
CA GLY D 156 -7.50 18.40 -22.74
C GLY D 156 -7.60 17.32 -21.69
N TYR D 157 -8.57 16.42 -21.81
CA TYR D 157 -8.74 15.35 -20.84
C TYR D 157 -7.69 14.28 -21.04
N SER D 158 -7.25 13.69 -19.92
CA SER D 158 -6.35 12.55 -19.95
C SER D 158 -6.78 11.56 -18.89
N ASP D 159 -6.41 10.29 -19.09
CA ASP D 159 -6.82 9.24 -18.17
C ASP D 159 -6.25 9.50 -16.77
N GLY D 160 -7.08 9.25 -15.76
CA GLY D 160 -6.68 9.42 -14.39
C GLY D 160 -6.90 10.80 -13.81
N ALA D 161 -7.42 11.75 -14.60
CA ALA D 161 -7.60 13.12 -14.16
C ALA D 161 -9.04 13.43 -13.79
N ASP D 162 -9.89 12.42 -13.62
CA ASP D 162 -11.31 12.66 -13.38
C ASP D 162 -11.54 13.49 -12.12
N ASP D 163 -10.79 13.21 -11.06
CA ASP D 163 -11.07 13.82 -9.76
C ASP D 163 -10.53 15.25 -9.65
N THR D 164 -9.64 15.67 -10.54
CA THR D 164 -9.10 17.03 -10.49
C THR D 164 -9.42 17.86 -11.72
N PHE D 165 -9.98 17.28 -12.77
CA PHE D 165 -10.28 18.01 -14.00
C PHE D 165 -11.17 19.23 -13.70
N ALA D 166 -10.66 20.42 -14.00
CA ALA D 166 -11.38 21.65 -13.66
C ALA D 166 -10.86 22.79 -14.51
N ALA D 167 -11.67 23.84 -14.61
CA ALA D 167 -11.30 25.09 -15.26
C ALA D 167 -11.01 26.14 -14.20
N TYR D 168 -10.14 27.10 -14.56
CA TYR D 168 -9.71 28.14 -13.63
C TYR D 168 -9.76 29.55 -14.19
N THR D 169 -9.98 29.72 -15.48
CA THR D 169 -10.15 31.03 -16.07
C THR D 169 -11.40 31.03 -16.93
N ARG D 170 -11.93 32.23 -17.18
CA ARG D 170 -13.10 32.37 -18.04
C ARG D 170 -12.83 31.81 -19.43
N GLU D 171 -11.62 32.06 -19.95
CA GLU D 171 -11.25 31.60 -21.27
C GLU D 171 -11.23 30.08 -21.32
N GLN D 172 -10.70 29.44 -20.27
CA GLN D 172 -10.70 27.98 -20.22
C GLN D 172 -12.11 27.43 -20.25
N LEU D 173 -13.02 28.01 -19.48
CA LEU D 173 -14.39 27.51 -19.42
C LEU D 173 -15.09 27.68 -20.78
N TYR D 174 -14.93 28.85 -21.40
CA TYR D 174 -15.54 29.05 -22.71
C TYR D 174 -14.98 28.05 -23.74
N GLN D 175 -13.67 27.84 -23.71
CA GLN D 175 -13.06 26.91 -24.65
C GLN D 175 -13.57 25.49 -24.43
N ALA D 176 -13.71 25.08 -23.16
CA ALA D 176 -14.20 23.74 -22.88
C ALA D 176 -15.64 23.56 -23.39
N ILE D 177 -16.50 24.54 -23.12
CA ILE D 177 -17.89 24.42 -23.54
C ILE D 177 -18.00 24.37 -25.07
N PHE D 178 -17.29 25.28 -25.75
CA PHE D 178 -17.35 25.31 -27.20
C PHE D 178 -16.71 24.05 -27.80
N HIS D 179 -15.66 23.52 -27.18
CA HIS D 179 -15.08 22.28 -27.67
C HIS D 179 -16.08 21.14 -27.57
N ALA D 180 -16.80 21.06 -26.46
CA ALA D 180 -17.80 20.00 -26.32
C ALA D 180 -18.86 20.10 -27.41
N VAL D 181 -19.39 21.30 -27.62
CA VAL D 181 -20.45 21.45 -28.64
C VAL D 181 -19.90 21.17 -30.03
N ASP D 182 -18.70 21.66 -30.34
CA ASP D 182 -18.11 21.44 -31.66
C ASP D 182 -17.86 19.96 -31.92
N GLN D 183 -17.37 19.24 -30.91
CA GLN D 183 -17.14 17.82 -31.08
C GLN D 183 -18.47 17.08 -31.25
N TYR D 184 -19.51 17.50 -30.54
CA TYR D 184 -20.83 16.92 -30.77
C TYR D 184 -21.25 17.09 -32.22
N LEU D 185 -21.01 18.27 -32.78
CA LEU D 185 -21.43 18.52 -34.16
C LEU D 185 -20.53 17.82 -35.17
N ALA D 186 -19.28 17.54 -34.81
CA ALA D 186 -18.32 16.90 -35.71
C ALA D 186 -18.27 15.38 -35.54
N LEU D 187 -19.02 14.82 -34.60
CA LEU D 187 -18.92 13.39 -34.28
C LEU D 187 -18.93 12.46 -35.49
N PRO D 188 -19.83 12.62 -36.47
CA PRO D 188 -19.87 11.63 -37.57
C PRO D 188 -18.57 11.53 -38.35
N ASP D 189 -17.78 12.60 -38.41
CA ASP D 189 -16.59 12.62 -39.24
C ASP D 189 -15.32 12.21 -38.51
N VAL D 190 -15.30 12.25 -37.18
CA VAL D 190 -14.06 12.07 -36.44
C VAL D 190 -14.09 10.83 -35.57
N SER D 191 -15.29 10.42 -35.14
CA SER D 191 -15.38 9.36 -34.15
C SER D 191 -15.07 8.00 -34.75
N LEU D 192 -14.46 7.13 -33.94
CA LEU D 192 -14.25 5.74 -34.32
C LEU D 192 -15.50 4.89 -34.16
N GLY D 193 -16.44 5.30 -33.30
CA GLY D 193 -17.71 4.63 -33.21
C GLY D 193 -18.73 5.19 -34.17
N ARG D 194 -19.82 4.45 -34.36
CA ARG D 194 -20.93 4.87 -35.20
C ARG D 194 -22.10 5.22 -34.28
N TYR D 195 -22.48 6.49 -34.27
CA TYR D 195 -23.52 6.99 -33.38
C TYR D 195 -24.60 7.68 -34.20
N ALA D 196 -25.83 7.59 -33.71
CA ALA D 196 -26.95 8.29 -34.29
C ALA D 196 -27.46 9.34 -33.29
N TYR D 197 -27.94 10.45 -33.83
CA TYR D 197 -28.47 11.53 -33.00
C TYR D 197 -29.90 11.23 -32.57
N VAL D 198 -30.28 11.85 -31.45
CA VAL D 198 -31.64 11.78 -30.92
C VAL D 198 -32.16 13.21 -30.79
N ARG D 199 -33.39 13.43 -31.24
CA ARG D 199 -34.00 14.75 -31.24
C ARG D 199 -35.28 14.76 -30.42
N GLY D 200 -35.59 15.92 -29.85
CA GLY D 200 -36.83 16.08 -29.11
C GLY D 200 -36.90 15.22 -27.87
N GLY D 201 -38.10 14.74 -27.58
CA GLY D 201 -38.31 13.84 -26.46
C GLY D 201 -38.50 14.52 -25.11
N GLY D 202 -38.91 15.78 -25.08
CA GLY D 202 -39.19 16.44 -23.83
C GLY D 202 -38.00 17.19 -23.28
N ASP D 203 -38.17 17.65 -22.04
CA ASP D 203 -37.16 18.47 -21.41
C ASP D 203 -35.87 17.67 -21.21
N PRO D 204 -34.69 18.30 -21.35
CA PRO D 204 -34.46 19.72 -21.64
C PRO D 204 -34.47 20.06 -23.13
N TRP D 205 -34.74 19.10 -24.01
CA TRP D 205 -34.67 19.33 -25.44
C TRP D 205 -36.02 19.78 -25.99
N THR D 206 -35.99 20.77 -26.87
CA THR D 206 -37.17 21.14 -27.64
C THR D 206 -37.28 20.25 -28.87
N ASN D 207 -38.41 20.36 -29.56
CA ASN D 207 -38.62 19.55 -30.74
C ASN D 207 -37.56 19.86 -31.79
N GLY D 208 -36.95 18.82 -32.32
CA GLY D 208 -35.91 18.97 -33.33
C GLY D 208 -34.53 19.26 -32.78
N SER D 209 -34.38 19.39 -31.47
CA SER D 209 -33.10 19.73 -30.85
C SER D 209 -32.42 18.47 -30.35
N GLY D 210 -31.11 18.39 -30.60
CA GLY D 210 -30.34 17.25 -30.15
C GLY D 210 -29.48 17.54 -28.94
N LEU D 211 -29.01 18.77 -28.79
CA LEU D 211 -28.14 19.15 -27.69
C LEU D 211 -28.73 20.34 -26.95
N ALA D 212 -28.72 20.27 -25.62
CA ALA D 212 -29.20 21.35 -24.77
C ALA D 212 -28.03 21.88 -23.96
N LEU D 213 -27.77 23.19 -24.07
CA LEU D 213 -26.68 23.85 -23.37
C LEU D 213 -27.30 24.88 -22.44
N CYS D 214 -27.39 24.56 -21.16
CA CYS D 214 -28.18 25.36 -20.22
C CYS D 214 -27.29 25.89 -19.11
N GLN D 215 -27.44 27.17 -18.79
CA GLN D 215 -26.76 27.79 -17.66
C GLN D 215 -27.77 28.19 -16.60
N ARG D 216 -27.45 27.91 -15.34
CA ARG D 216 -28.30 28.19 -14.20
C ARG D 216 -27.60 29.18 -13.28
N TYR D 217 -28.33 30.23 -12.91
CA TYR D 217 -27.79 31.32 -12.10
C TYR D 217 -28.88 31.89 -11.19
N TYR D 218 -28.44 32.63 -10.17
CA TYR D 218 -29.38 33.23 -9.23
C TYR D 218 -30.26 34.28 -9.91
N HIS D 219 -31.51 34.34 -9.46
CA HIS D 219 -32.45 35.29 -10.04
C HIS D 219 -31.99 36.72 -9.84
N ARG D 220 -31.54 37.07 -8.62
CA ARG D 220 -30.90 38.36 -8.39
C ARG D 220 -29.55 38.10 -7.74
N GLY D 221 -28.50 38.68 -8.32
CA GLY D 221 -27.16 38.33 -7.93
C GLY D 221 -26.18 39.46 -7.70
N HIS D 222 -26.56 40.56 -7.08
CA HIS D 222 -25.62 41.66 -6.87
C HIS D 222 -24.62 41.27 -5.79
N VAL D 223 -23.33 41.21 -6.16
CA VAL D 223 -22.27 40.77 -5.24
C VAL D 223 -21.17 41.81 -5.29
N ASP D 224 -20.84 42.41 -4.14
CA ASP D 224 -19.88 43.51 -4.05
C ASP D 224 -18.95 43.23 -2.89
N PRO D 225 -17.95 42.36 -3.07
CA PRO D 225 -17.00 42.10 -1.98
C PRO D 225 -16.19 43.33 -1.59
N ALA D 226 -16.00 44.27 -2.50
CA ALA D 226 -15.24 45.48 -2.17
C ALA D 226 -15.93 46.27 -1.05
N ASN D 227 -17.26 46.33 -1.09
CA ASN D 227 -18.04 47.00 -0.06
C ASN D 227 -18.60 46.03 0.96
N ASP D 228 -18.21 44.76 0.89
CA ASP D 228 -18.71 43.73 1.80
C ASP D 228 -20.23 43.69 1.81
N THR D 229 -20.82 43.71 0.61
CA THR D 229 -22.27 43.76 0.47
C THR D 229 -22.72 42.75 -0.57
N PHE D 230 -23.98 42.32 -0.44
CA PHE D 230 -24.60 41.56 -1.50
C PHE D 230 -26.11 41.64 -1.36
N ASP D 231 -26.78 41.49 -2.50
CA ASP D 231 -28.24 41.47 -2.60
C ASP D 231 -28.58 40.28 -3.48
N ILE D 232 -29.10 39.22 -2.87
CA ILE D 232 -29.31 37.94 -3.54
C ILE D 232 -30.78 37.57 -3.46
N ASP D 233 -31.38 37.30 -4.62
CA ASP D 233 -32.59 36.50 -4.72
C ASP D 233 -32.13 35.14 -5.23
N PRO D 234 -32.06 34.11 -4.39
CA PRO D 234 -31.38 32.87 -4.78
C PRO D 234 -32.24 31.88 -5.55
N MET D 235 -33.45 32.24 -5.95
CA MET D 235 -34.20 31.41 -6.86
C MET D 235 -33.40 31.20 -8.13
N VAL D 236 -33.31 29.95 -8.60
CA VAL D 236 -32.46 29.59 -9.72
C VAL D 236 -33.22 29.78 -11.01
N VAL D 237 -32.57 30.45 -11.97
CA VAL D 237 -33.10 30.68 -13.30
C VAL D 237 -32.24 29.90 -14.29
N THR D 238 -32.89 29.18 -15.19
CA THR D 238 -32.25 28.35 -16.20
C THR D 238 -32.48 28.98 -17.57
N ASP D 239 -31.39 29.32 -18.26
CA ASP D 239 -31.43 29.80 -19.63
C ASP D 239 -30.69 28.80 -20.49
N CYS D 240 -31.37 28.23 -21.48
CA CYS D 240 -30.84 27.07 -22.18
C CYS D 240 -30.97 27.25 -23.68
N ILE D 241 -29.85 27.07 -24.38
CA ILE D 241 -29.75 27.17 -25.83
C ILE D 241 -29.89 25.78 -26.44
N GLN D 242 -30.62 25.70 -27.56
CA GLN D 242 -30.87 24.44 -28.24
C GLN D 242 -30.02 24.37 -29.51
N VAL D 243 -29.36 23.24 -29.70
CA VAL D 243 -28.53 22.99 -30.88
C VAL D 243 -29.08 21.77 -31.59
N ASP D 244 -29.40 21.92 -32.87
CA ASP D 244 -29.81 20.79 -33.67
C ASP D 244 -28.57 20.08 -34.23
N PRO D 245 -28.59 18.75 -34.33
CA PRO D 245 -27.46 18.04 -34.91
C PRO D 245 -27.35 18.34 -36.40
N PRO D 246 -26.16 18.18 -36.99
CA PRO D 246 -25.94 18.51 -38.40
C PRO D 246 -26.72 17.61 -39.35
N SER D 265 -25.15 29.89 -33.00
CA SER D 265 -25.91 30.66 -32.02
C SER D 265 -25.47 30.32 -30.60
N TYR D 266 -24.95 29.11 -30.42
CA TYR D 266 -24.36 28.75 -29.14
C TYR D 266 -23.04 29.46 -28.90
N LYS D 267 -22.40 29.95 -29.96
CA LYS D 267 -21.18 30.73 -29.83
C LYS D 267 -21.42 32.08 -29.19
N ASN D 268 -22.66 32.53 -29.11
CA ASN D 268 -23.00 33.79 -28.47
C ASN D 268 -23.28 33.62 -26.99
N LEU D 269 -22.96 32.47 -26.41
CA LEU D 269 -23.17 32.24 -24.99
C LEU D 269 -22.44 33.30 -24.17
N THR D 270 -23.15 33.89 -23.21
CA THR D 270 -22.59 34.89 -22.31
C THR D 270 -22.88 34.43 -20.90
N LEU D 271 -21.85 34.01 -20.18
CA LEU D 271 -22.02 33.47 -18.84
C LEU D 271 -22.10 34.60 -17.82
N LYS D 272 -22.99 34.43 -16.83
CA LYS D 272 -23.13 35.39 -15.74
C LYS D 272 -22.29 34.88 -14.57
N PHE D 273 -20.99 35.14 -14.66
CA PHE D 273 -20.01 34.45 -13.82
C PHE D 273 -20.26 34.71 -12.34
N HIS D 274 -20.59 35.95 -11.98
CA HIS D 274 -20.66 36.31 -10.57
C HIS D 274 -21.81 35.63 -9.84
N LYS D 275 -22.88 35.26 -10.55
CA LYS D 275 -24.00 34.56 -9.95
C LYS D 275 -24.28 33.22 -10.63
N LEU D 276 -23.28 32.65 -11.29
CA LEU D 276 -23.47 31.40 -12.02
C LEU D 276 -23.52 30.22 -11.05
N VAL D 277 -24.58 29.42 -11.15
CA VAL D 277 -24.69 28.21 -10.34
C VAL D 277 -24.04 27.03 -11.05
N ASN D 278 -24.41 26.76 -12.29
CA ASN D 278 -23.66 25.75 -13.06
C ASN D 278 -24.01 25.85 -14.53
N VAL D 279 -23.31 25.08 -15.33
CA VAL D 279 -23.58 24.92 -16.76
C VAL D 279 -23.66 23.45 -17.06
N THR D 280 -24.63 23.05 -17.89
CA THR D 280 -24.80 21.66 -18.25
C THR D 280 -25.01 21.53 -19.76
N ILE D 281 -24.51 20.42 -20.30
CA ILE D 281 -24.73 20.02 -21.67
C ILE D 281 -25.36 18.64 -21.66
N HIS D 282 -26.52 18.51 -22.29
CA HIS D 282 -27.27 17.26 -22.35
C HIS D 282 -27.43 16.84 -23.79
N PHE D 283 -27.11 15.58 -24.09
CA PHE D 283 -27.47 15.05 -25.41
C PHE D 283 -27.49 13.53 -25.36
N ARG D 284 -28.15 12.93 -26.35
CA ARG D 284 -28.29 11.48 -26.42
C ARG D 284 -27.72 10.95 -27.71
N LEU D 285 -27.10 9.76 -27.64
CA LEU D 285 -26.51 9.09 -28.79
C LEU D 285 -27.00 7.65 -28.84
N LYS D 286 -27.26 7.15 -30.04
CA LYS D 286 -27.68 5.77 -30.22
C LYS D 286 -26.55 4.97 -30.88
N THR D 287 -26.31 3.77 -30.39
CA THR D 287 -25.28 2.90 -30.94
C THR D 287 -25.74 1.45 -30.78
N ILE D 288 -24.97 0.54 -31.38
CA ILE D 288 -25.30 -0.89 -31.39
C ILE D 288 -24.12 -1.67 -30.84
N ASN D 289 -24.40 -2.59 -29.92
CA ASN D 289 -23.36 -3.39 -29.26
C ASN D 289 -23.05 -4.62 -30.11
N LEU D 290 -22.22 -4.41 -31.14
CA LEU D 290 -21.94 -5.48 -32.10
C LEU D 290 -21.15 -6.62 -31.48
N GLN D 291 -20.37 -6.37 -30.43
CA GLN D 291 -19.52 -7.41 -29.88
C GLN D 291 -20.32 -8.62 -29.40
N SER D 292 -21.61 -8.46 -29.14
CA SER D 292 -22.44 -9.59 -28.74
C SER D 292 -22.39 -10.72 -29.76
N LEU D 293 -22.10 -10.40 -31.03
CA LEU D 293 -22.01 -11.44 -32.05
C LEU D 293 -20.99 -12.51 -31.66
N ILE D 294 -19.94 -12.13 -30.94
CA ILE D 294 -18.91 -13.10 -30.58
C ILE D 294 -19.46 -14.16 -29.64
N ASN D 295 -20.52 -13.84 -28.90
CA ASN D 295 -21.16 -14.77 -27.98
C ASN D 295 -22.38 -15.44 -28.60
N ASN D 296 -22.54 -15.34 -29.92
CA ASN D 296 -23.71 -15.91 -30.62
C ASN D 296 -25.01 -15.31 -30.10
N GLU D 297 -25.01 -14.00 -29.87
CA GLU D 297 -26.18 -13.27 -29.42
C GLU D 297 -26.49 -12.14 -30.39
N ILE D 298 -27.75 -11.75 -30.44
CA ILE D 298 -28.18 -10.65 -31.31
C ILE D 298 -27.81 -9.33 -30.63
N PRO D 299 -27.09 -8.43 -31.32
CA PRO D 299 -26.74 -7.14 -30.70
C PRO D 299 -27.97 -6.35 -30.26
N ASP D 300 -27.83 -5.65 -29.15
CA ASP D 300 -28.86 -4.76 -28.63
C ASP D 300 -28.62 -3.33 -29.11
N CYS D 301 -29.65 -2.51 -28.96
CA CYS D 301 -29.59 -1.08 -29.30
C CYS D 301 -29.46 -0.28 -28.02
N TYR D 302 -28.35 0.45 -27.87
CA TYR D 302 -28.09 1.27 -26.70
C TYR D 302 -28.37 2.74 -27.00
N THR D 303 -29.01 3.41 -26.06
CA THR D 303 -29.11 4.86 -26.05
C THR D 303 -28.34 5.37 -24.84
N PHE D 304 -27.33 6.20 -25.08
CA PHE D 304 -26.55 6.83 -24.04
C PHE D 304 -27.05 8.25 -23.86
N SER D 305 -27.43 8.58 -22.63
CA SER D 305 -27.77 9.94 -22.23
C SER D 305 -26.54 10.53 -21.56
N VAL D 306 -25.94 11.53 -22.20
CA VAL D 306 -24.67 12.12 -21.80
C VAL D 306 -24.96 13.47 -21.15
N LEU D 307 -24.42 13.66 -19.96
CA LEU D 307 -24.51 14.91 -19.21
C LEU D 307 -23.11 15.40 -18.88
N ILE D 308 -22.77 16.60 -19.34
CA ILE D 308 -21.51 17.25 -19.00
C ILE D 308 -21.82 18.41 -18.06
N THR D 309 -21.17 18.43 -16.91
CA THR D 309 -21.43 19.41 -15.86
C THR D 309 -20.18 20.26 -15.63
N PHE D 310 -20.36 21.57 -15.66
CA PHE D 310 -19.37 22.54 -15.20
C PHE D 310 -19.96 23.16 -13.93
N ASP D 311 -19.41 22.77 -12.78
CA ASP D 311 -20.05 23.02 -11.49
C ASP D 311 -19.39 24.22 -10.81
N ASN D 312 -20.20 25.24 -10.50
CA ASN D 312 -19.73 26.44 -9.82
C ASN D 312 -20.48 26.69 -8.51
N LYS D 313 -21.02 25.63 -7.89
CA LYS D 313 -21.81 25.82 -6.69
C LYS D 313 -20.98 26.29 -5.50
N ALA D 314 -19.66 26.05 -5.52
CA ALA D 314 -18.80 26.54 -4.46
C ALA D 314 -18.41 28.01 -4.61
N HIS D 315 -18.50 28.55 -5.83
CA HIS D 315 -18.13 29.95 -6.09
C HIS D 315 -16.72 30.24 -5.60
N SER D 316 -15.81 29.28 -5.81
CA SER D 316 -14.47 29.32 -5.24
C SER D 316 -13.39 29.70 -6.25
N GLY D 317 -13.77 30.04 -7.48
CA GLY D 317 -12.81 30.29 -8.52
C GLY D 317 -12.30 29.06 -9.24
N ARG D 318 -12.71 27.87 -8.82
CA ARG D 318 -12.37 26.62 -9.47
C ARG D 318 -13.66 25.91 -9.84
N ILE D 319 -13.84 25.61 -11.12
CA ILE D 319 -15.06 24.99 -11.61
C ILE D 319 -14.73 23.57 -12.09
N PRO D 320 -15.03 22.54 -11.31
CA PRO D 320 -14.79 21.17 -11.80
C PRO D 320 -15.73 20.79 -12.93
N ILE D 321 -15.22 19.93 -13.80
CA ILE D 321 -15.90 19.49 -15.01
C ILE D 321 -16.01 17.97 -14.98
N SER D 322 -17.21 17.46 -15.25
CA SER D 322 -17.43 16.02 -15.23
C SER D 322 -18.34 15.60 -16.37
N LEU D 323 -18.24 14.33 -16.74
CA LEU D 323 -19.10 13.72 -17.76
C LEU D 323 -19.68 12.43 -17.19
N GLU D 324 -20.99 12.27 -17.30
CA GLU D 324 -21.68 11.07 -16.85
C GLU D 324 -22.60 10.57 -17.95
N THR D 325 -22.89 9.26 -17.92
CA THR D 325 -23.74 8.64 -18.90
C THR D 325 -24.77 7.74 -18.23
N GLN D 326 -25.95 7.66 -18.83
CA GLN D 326 -26.96 6.68 -18.49
C GLN D 326 -27.27 5.85 -19.74
N ALA D 327 -27.21 4.52 -19.61
CA ALA D 327 -27.40 3.63 -20.74
C ALA D 327 -28.76 2.96 -20.66
N HIS D 328 -29.54 3.08 -21.72
CA HIS D 328 -30.82 2.40 -21.84
C HIS D 328 -30.73 1.40 -22.99
N ILE D 329 -31.04 0.14 -22.70
CA ILE D 329 -30.95 -0.94 -23.67
C ILE D 329 -32.34 -1.26 -24.19
N GLN D 330 -32.49 -1.32 -25.51
CA GLN D 330 -33.75 -1.73 -26.12
C GLN D 330 -33.44 -2.70 -27.26
N GLU D 331 -34.41 -3.54 -27.55
CA GLU D 331 -34.28 -4.45 -28.69
C GLU D 331 -34.37 -3.66 -30.00
N CYS D 332 -33.60 -4.08 -30.98
CA CYS D 332 -33.59 -3.43 -32.28
C CYS D 332 -34.73 -3.96 -33.14
N LYS D 333 -35.09 -3.19 -34.16
CA LYS D 333 -36.22 -3.52 -35.04
C LYS D 333 -35.74 -4.35 -36.21
N HIS D 334 -36.23 -5.59 -36.31
CA HIS D 334 -35.93 -6.49 -37.41
C HIS D 334 -34.44 -6.50 -37.77
N PRO D 335 -33.58 -6.96 -36.86
CA PRO D 335 -32.16 -7.12 -37.21
C PRO D 335 -31.94 -8.41 -37.98
N SER D 336 -30.83 -8.45 -38.70
CA SER D 336 -30.45 -9.61 -39.50
C SER D 336 -29.03 -10.02 -39.16
N VAL D 337 -28.86 -11.29 -38.81
CA VAL D 337 -27.55 -11.90 -38.61
C VAL D 337 -27.50 -13.17 -39.43
N PHE D 338 -26.60 -13.22 -40.40
CA PHE D 338 -26.44 -14.40 -41.24
C PHE D 338 -26.01 -15.60 -40.42
N PHE D 345 -26.61 -25.72 -26.02
CA PHE D 345 -27.67 -24.73 -26.11
C PHE D 345 -28.02 -24.24 -24.70
N ARG D 346 -27.85 -22.93 -24.49
CA ARG D 346 -27.99 -22.38 -23.14
C ARG D 346 -29.39 -22.60 -22.57
N LEU D 347 -30.42 -22.58 -23.42
CA LEU D 347 -31.79 -22.72 -22.92
C LEU D 347 -31.99 -24.10 -22.29
N LEU D 348 -31.48 -25.14 -22.93
CA LEU D 348 -31.59 -26.48 -22.36
C LEU D 348 -30.83 -26.57 -21.04
N PHE D 349 -29.66 -25.92 -20.96
CA PHE D 349 -28.91 -25.93 -19.71
C PHE D 349 -29.69 -25.23 -18.60
N ASP D 350 -30.33 -24.10 -18.92
CA ASP D 350 -31.16 -23.42 -17.93
C ASP D 350 -32.32 -24.30 -17.49
N VAL D 351 -32.92 -25.02 -18.44
CA VAL D 351 -34.02 -25.94 -18.08
C VAL D 351 -33.50 -27.04 -17.16
N VAL D 352 -32.28 -27.53 -17.42
CA VAL D 352 -31.70 -28.56 -16.56
C VAL D 352 -31.51 -28.02 -15.15
N VAL D 353 -30.99 -26.80 -15.04
CA VAL D 353 -30.85 -26.19 -13.72
C VAL D 353 -32.21 -26.09 -13.04
N ILE D 354 -33.23 -25.69 -13.80
CA ILE D 354 -34.58 -25.56 -13.24
C ILE D 354 -35.05 -26.90 -12.69
N LEU D 355 -34.88 -27.97 -13.47
CA LEU D 355 -35.35 -29.28 -13.02
C LEU D 355 -34.58 -29.75 -11.78
N THR D 356 -33.27 -29.56 -11.78
CA THR D 356 -32.47 -30.00 -10.63
C THR D 356 -32.91 -29.26 -9.37
N CYS D 357 -33.08 -27.94 -9.46
CA CYS D 357 -33.45 -27.17 -8.30
C CYS D 357 -34.87 -27.50 -7.85
N SER D 358 -35.78 -27.77 -8.79
CA SER D 358 -37.14 -28.13 -8.43
C SER D 358 -37.17 -29.47 -7.69
N LEU D 359 -36.41 -30.46 -8.18
CA LEU D 359 -36.37 -31.74 -7.49
C LEU D 359 -35.76 -31.61 -6.10
N SER D 360 -34.68 -30.84 -5.99
CA SER D 360 -34.08 -30.62 -4.68
C SER D 360 -35.05 -29.93 -3.73
N PHE D 361 -35.80 -28.95 -4.24
CA PHE D 361 -36.80 -28.27 -3.43
C PHE D 361 -37.87 -29.25 -2.96
N LEU D 362 -38.33 -30.12 -3.84
CA LEU D 362 -39.37 -31.07 -3.46
C LEU D 362 -38.87 -32.01 -2.37
N LEU D 363 -37.65 -32.54 -2.53
CA LEU D 363 -37.11 -33.46 -1.53
C LEU D 363 -36.91 -32.75 -0.18
N CYS D 364 -36.41 -31.51 -0.21
CA CYS D 364 -36.19 -30.78 1.03
C CYS D 364 -37.53 -30.49 1.72
N ALA D 365 -38.56 -30.13 0.95
CA ALA D 365 -39.87 -29.89 1.54
C ALA D 365 -40.43 -31.17 2.15
N ARG D 366 -40.26 -32.30 1.48
CA ARG D 366 -40.70 -33.57 2.03
C ARG D 366 -40.00 -33.86 3.36
N SER D 367 -38.68 -33.65 3.40
CA SER D 367 -37.95 -33.89 4.63
C SER D 367 -38.43 -32.96 5.74
N LEU D 368 -38.66 -31.70 5.42
CA LEU D 368 -39.12 -30.75 6.43
C LEU D 368 -40.48 -31.14 6.98
N LEU D 369 -41.39 -31.56 6.09
CA LEU D 369 -42.71 -32.00 6.56
C LEU D 369 -42.60 -33.23 7.44
N ARG D 370 -41.75 -34.20 7.07
CA ARG D 370 -41.56 -35.37 7.91
C ARG D 370 -41.03 -34.98 9.28
N GLY D 371 -40.06 -34.07 9.32
CA GLY D 371 -39.56 -33.61 10.60
C GLY D 371 -40.61 -32.93 11.44
N PHE D 372 -41.48 -32.14 10.79
CA PHE D 372 -42.56 -31.48 11.52
C PHE D 372 -43.52 -32.51 12.13
N LEU D 373 -43.87 -33.54 11.36
CA LEU D 373 -44.75 -34.57 11.88
C LEU D 373 -44.11 -35.31 13.05
N LEU D 374 -42.81 -35.62 12.94
CA LEU D 374 -42.12 -36.28 14.04
C LEU D 374 -42.09 -35.39 15.28
N GLN D 375 -41.89 -34.08 15.08
CA GLN D 375 -41.92 -33.14 16.19
C GLN D 375 -43.28 -33.17 16.88
N ASN D 376 -44.36 -33.16 16.10
CA ASN D 376 -45.69 -33.22 16.70
C ASN D 376 -45.89 -34.51 17.48
N GLU D 377 -45.45 -35.63 16.91
CA GLU D 377 -45.59 -36.91 17.58
C GLU D 377 -44.83 -36.93 18.90
N PHE D 378 -43.60 -36.42 18.91
CA PHE D 378 -42.82 -36.38 20.13
C PHE D 378 -43.48 -35.49 21.18
N VAL D 379 -43.98 -34.32 20.77
CA VAL D 379 -44.62 -33.42 21.72
C VAL D 379 -45.86 -34.09 22.31
N GLY D 380 -46.64 -34.77 21.48
CA GLY D 380 -47.77 -35.53 22.01
C GLY D 380 -47.33 -36.60 22.98
N PHE D 381 -46.23 -37.30 22.67
CA PHE D 381 -45.74 -38.35 23.56
C PHE D 381 -45.38 -37.79 24.93
N MET D 382 -44.71 -36.64 24.96
CA MET D 382 -44.33 -36.06 26.25
C MET D 382 -45.52 -35.48 27.01
N TRP D 383 -46.70 -35.43 26.41
CA TRP D 383 -47.91 -34.96 27.09
C TRP D 383 -47.80 -33.48 27.48
N SER D 391 -41.81 -25.51 24.99
CA SER D 391 -40.36 -25.63 24.86
C SER D 391 -39.94 -25.42 23.40
N LEU D 392 -40.05 -24.18 22.93
CA LEU D 392 -39.73 -23.88 21.53
C LEU D 392 -38.28 -24.24 21.21
N TRP D 393 -37.38 -24.05 22.17
CA TRP D 393 -35.98 -24.39 21.93
C TRP D 393 -35.82 -25.88 21.66
N GLU D 394 -36.50 -26.71 22.46
CA GLU D 394 -36.50 -28.14 22.18
C GLU D 394 -37.31 -28.46 20.93
N ARG D 395 -38.30 -27.63 20.61
CA ARG D 395 -39.08 -27.86 19.40
C ARG D 395 -38.21 -27.74 18.15
N LEU D 396 -37.33 -26.74 18.13
CA LEU D 396 -36.51 -26.48 16.95
C LEU D 396 -35.46 -27.55 16.71
N GLU D 397 -35.28 -28.49 17.63
CA GLU D 397 -34.35 -29.58 17.40
C GLU D 397 -34.79 -30.46 16.24
N PHE D 398 -36.05 -30.36 15.81
CA PHE D 398 -36.56 -31.12 14.68
C PHE D 398 -36.51 -30.35 13.37
N VAL D 399 -36.05 -29.09 13.39
CA VAL D 399 -35.96 -28.26 12.20
C VAL D 399 -34.57 -28.41 11.63
N ASN D 400 -34.48 -28.86 10.38
CA ASN D 400 -33.22 -28.97 9.66
C ASN D 400 -32.94 -27.61 9.01
N GLY D 401 -32.10 -26.81 9.65
CA GLY D 401 -31.77 -25.51 9.09
C GLY D 401 -31.06 -25.61 7.76
N TRP D 402 -30.29 -26.67 7.55
CA TRP D 402 -29.64 -26.88 6.27
C TRP D 402 -30.66 -27.00 5.15
N TYR D 403 -31.79 -27.65 5.42
CA TYR D 403 -32.81 -27.81 4.40
C TYR D 403 -33.56 -26.51 4.15
N ILE D 404 -33.73 -25.67 5.17
CA ILE D 404 -34.27 -24.34 4.94
C ILE D 404 -33.33 -23.54 4.04
N LEU D 405 -32.02 -23.62 4.30
CA LEU D 405 -31.05 -22.95 3.45
C LEU D 405 -31.12 -23.48 2.03
N LEU D 406 -31.26 -24.81 1.88
CA LEU D 406 -31.33 -25.41 0.55
C LEU D 406 -32.57 -24.92 -0.20
N VAL D 407 -33.71 -24.86 0.48
CA VAL D 407 -34.93 -24.38 -0.16
C VAL D 407 -34.78 -22.92 -0.58
N THR D 408 -34.20 -22.09 0.29
CA THR D 408 -33.97 -20.70 -0.06
C THR D 408 -33.07 -20.58 -1.28
N SER D 409 -31.99 -21.37 -1.32
CA SER D 409 -31.06 -21.30 -2.44
C SER D 409 -31.74 -21.79 -3.72
N ASP D 410 -32.61 -22.79 -3.63
CA ASP D 410 -33.33 -23.26 -4.81
C ASP D 410 -34.27 -22.20 -5.35
N VAL D 411 -34.98 -21.51 -4.45
CA VAL D 411 -35.86 -20.42 -4.89
C VAL D 411 -35.03 -19.33 -5.57
N LEU D 412 -33.89 -18.97 -4.97
CA LEU D 412 -33.04 -17.95 -5.57
C LEU D 412 -32.55 -18.38 -6.94
N THR D 413 -32.14 -19.65 -7.08
CA THR D 413 -31.62 -20.13 -8.35
C THR D 413 -32.70 -20.13 -9.42
N ILE D 414 -33.91 -20.57 -9.09
CA ILE D 414 -34.98 -20.58 -10.08
C ILE D 414 -35.33 -19.16 -10.50
N SER D 415 -35.42 -18.24 -9.53
CA SER D 415 -35.72 -16.85 -9.88
C SER D 415 -34.63 -16.27 -10.78
N GLY D 416 -33.37 -16.52 -10.45
CA GLY D 416 -32.28 -16.01 -11.27
C GLY D 416 -32.29 -16.62 -12.66
N THR D 417 -32.61 -17.91 -12.78
CA THR D 417 -32.65 -18.55 -14.09
C THR D 417 -33.78 -17.99 -14.93
N ILE D 418 -34.94 -17.74 -14.33
CA ILE D 418 -36.04 -17.15 -15.08
C ILE D 418 -35.68 -15.75 -15.53
N MET D 419 -35.05 -14.97 -14.65
CA MET D 419 -34.62 -13.63 -15.03
C MET D 419 -33.60 -13.67 -16.16
N LYS D 420 -32.67 -14.64 -16.11
CA LYS D 420 -31.67 -14.78 -17.15
C LYS D 420 -32.30 -15.14 -18.48
N ILE D 421 -33.28 -16.05 -18.47
CA ILE D 421 -33.97 -16.42 -19.71
C ILE D 421 -34.70 -15.19 -20.26
N GLY D 422 -35.35 -14.43 -19.39
CA GLY D 422 -36.04 -13.24 -19.84
C GLY D 422 -35.09 -12.22 -20.45
N ILE D 423 -33.89 -12.08 -19.86
CA ILE D 423 -32.90 -11.16 -20.42
C ILE D 423 -32.44 -11.65 -21.79
N GLU D 424 -32.19 -12.95 -21.91
CA GLU D 424 -31.76 -13.50 -23.20
C GLU D 424 -32.82 -13.32 -24.27
N ALA D 425 -34.10 -13.42 -23.91
CA ALA D 425 -35.19 -13.21 -24.84
C ALA D 425 -35.45 -11.74 -25.12
N LYS D 426 -34.68 -10.83 -24.51
CA LYS D 426 -34.79 -9.40 -24.72
C LYS D 426 -36.01 -8.79 -24.04
N ASN D 427 -36.62 -9.53 -23.10
CA ASN D 427 -37.73 -8.99 -22.32
C ASN D 427 -37.25 -8.15 -21.15
N LEU D 428 -36.03 -8.36 -20.68
CA LEU D 428 -35.49 -7.63 -19.54
C LEU D 428 -34.06 -7.20 -19.85
N ALA D 429 -33.57 -6.26 -19.04
CA ALA D 429 -32.17 -5.83 -19.16
C ALA D 429 -31.52 -5.62 -17.80
N SER D 430 -32.07 -6.20 -16.74
CA SER D 430 -31.56 -6.01 -15.38
C SER D 430 -30.42 -6.99 -15.13
N TYR D 431 -29.27 -6.70 -15.74
CA TYR D 431 -28.12 -7.59 -15.62
C TYR D 431 -27.63 -7.67 -14.18
N ASP D 432 -27.60 -6.55 -13.47
CA ASP D 432 -27.05 -6.54 -12.11
C ASP D 432 -27.89 -7.39 -11.16
N VAL D 433 -29.21 -7.28 -11.24
CA VAL D 433 -30.08 -8.07 -10.37
C VAL D 433 -29.89 -9.55 -10.64
N CYS D 434 -29.86 -9.93 -11.93
CA CYS D 434 -29.65 -11.33 -12.29
C CYS D 434 -28.31 -11.83 -11.77
N SER D 435 -27.25 -11.03 -11.93
CA SER D 435 -25.93 -11.44 -11.48
C SER D 435 -25.91 -11.64 -9.97
N ILE D 436 -26.56 -10.74 -9.23
CA ILE D 436 -26.58 -10.87 -7.78
C ILE D 436 -27.34 -12.13 -7.37
N LEU D 437 -28.49 -12.37 -7.99
CA LEU D 437 -29.26 -13.57 -7.68
C LEU D 437 -28.44 -14.83 -7.93
N LEU D 438 -27.83 -14.92 -9.12
CA LEU D 438 -27.13 -16.15 -9.48
C LEU D 438 -25.85 -16.33 -8.67
N GLY D 439 -25.12 -15.25 -8.39
CA GLY D 439 -23.92 -15.38 -7.56
C GLY D 439 -24.24 -15.78 -6.13
N THR D 440 -25.27 -15.16 -5.54
CA THR D 440 -25.66 -15.56 -4.19
C THR D 440 -26.11 -17.01 -4.16
N SER D 441 -26.88 -17.43 -5.18
CA SER D 441 -27.33 -18.82 -5.21
C SER D 441 -26.15 -19.76 -5.38
N THR D 442 -25.15 -19.40 -6.18
CA THR D 442 -23.97 -20.24 -6.34
C THR D 442 -23.22 -20.39 -5.03
N LEU D 443 -23.01 -19.28 -4.32
CA LEU D 443 -22.32 -19.36 -3.03
C LEU D 443 -23.11 -20.23 -2.05
N LEU D 444 -24.43 -20.07 -2.00
CA LEU D 444 -25.24 -20.88 -1.09
C LEU D 444 -25.22 -22.35 -1.48
N VAL D 445 -25.19 -22.64 -2.78
CA VAL D 445 -25.14 -24.03 -3.22
C VAL D 445 -23.82 -24.67 -2.81
N TRP D 446 -22.72 -23.95 -2.96
CA TRP D 446 -21.44 -24.47 -2.49
C TRP D 446 -21.44 -24.68 -0.98
N VAL D 447 -22.04 -23.74 -0.24
CA VAL D 447 -22.04 -23.84 1.22
C VAL D 447 -22.90 -25.01 1.69
N GLY D 448 -24.02 -25.27 0.99
CA GLY D 448 -24.99 -26.22 1.47
C GLY D 448 -24.49 -27.65 1.54
N VAL D 449 -23.39 -27.96 0.87
CA VAL D 449 -22.85 -29.31 0.91
C VAL D 449 -22.20 -29.65 2.24
N ILE D 450 -21.95 -28.64 3.09
CA ILE D 450 -21.41 -28.88 4.42
C ILE D 450 -22.38 -29.62 5.32
N ARG D 451 -23.66 -29.70 4.94
CA ARG D 451 -24.63 -30.44 5.73
C ARG D 451 -24.18 -31.87 5.98
N TYR D 452 -23.45 -32.46 5.04
CA TYR D 452 -23.09 -33.86 5.11
C TYR D 452 -21.76 -34.11 5.82
N LEU D 453 -21.02 -33.06 6.15
CA LEU D 453 -19.86 -33.20 7.01
C LEU D 453 -20.19 -33.01 8.49
N THR D 454 -21.42 -32.61 8.81
CA THR D 454 -21.80 -32.37 10.20
C THR D 454 -21.88 -33.65 11.01
N PHE D 455 -22.03 -34.80 10.36
CA PHE D 455 -22.17 -36.07 11.07
C PHE D 455 -20.85 -36.57 11.64
N PHE D 456 -19.72 -36.08 11.14
CA PHE D 456 -18.40 -36.58 11.50
C PHE D 456 -17.66 -35.49 12.26
N HIS D 457 -17.24 -35.81 13.49
CA HIS D 457 -16.75 -34.77 14.40
C HIS D 457 -15.49 -34.10 13.86
N ASN D 458 -14.56 -34.89 13.32
CA ASN D 458 -13.29 -34.32 12.86
C ASN D 458 -13.46 -33.42 11.65
N TYR D 459 -14.60 -33.47 10.97
CA TYR D 459 -14.87 -32.62 9.82
C TYR D 459 -15.85 -31.50 10.15
N ASN D 460 -16.24 -31.35 11.42
CA ASN D 460 -17.31 -30.43 11.80
C ASN D 460 -16.83 -29.43 12.85
N ILE D 461 -15.53 -29.15 12.90
CA ILE D 461 -15.01 -28.24 13.91
C ILE D 461 -15.59 -26.84 13.72
N LEU D 462 -15.61 -26.36 12.47
CA LEU D 462 -16.03 -24.98 12.20
C LEU D 462 -17.47 -24.75 12.64
N ILE D 463 -18.39 -25.63 12.22
CA ILE D 463 -19.80 -25.43 12.51
C ILE D 463 -20.07 -25.61 14.01
N ALA D 464 -19.43 -26.60 14.64
CA ALA D 464 -19.62 -26.80 16.06
C ALA D 464 -19.15 -25.58 16.85
N THR D 465 -17.98 -25.04 16.49
CA THR D 465 -17.49 -23.85 17.18
C THR D 465 -18.42 -22.65 16.94
N LEU D 466 -18.90 -22.48 15.70
CA LEU D 466 -19.87 -21.43 15.43
C LEU D 466 -21.08 -21.56 16.34
N ARG D 467 -21.63 -22.78 16.44
CA ARG D 467 -22.84 -23.00 17.23
C ARG D 467 -22.59 -22.67 18.69
N VAL D 468 -21.44 -23.05 19.23
CA VAL D 468 -21.19 -22.79 20.64
C VAL D 468 -20.81 -21.33 20.89
N ALA D 469 -20.24 -20.63 19.91
CA ALA D 469 -19.66 -19.31 20.13
C ALA D 469 -20.58 -18.16 19.79
N LEU D 470 -21.54 -18.34 18.88
CA LEU D 470 -22.33 -17.22 18.39
C LEU D 470 -23.01 -16.40 19.50
N PRO D 471 -23.66 -17.01 20.49
CA PRO D 471 -24.36 -16.18 21.49
C PRO D 471 -23.46 -15.24 22.26
N SER D 472 -22.34 -15.75 22.79
CA SER D 472 -21.43 -14.90 23.55
C SER D 472 -20.83 -13.82 22.66
N VAL D 473 -20.56 -14.15 21.40
CA VAL D 473 -20.03 -13.16 20.46
C VAL D 473 -21.05 -12.04 20.25
N MET D 474 -22.32 -12.39 20.10
CA MET D 474 -23.35 -11.36 19.95
C MET D 474 -23.45 -10.48 21.19
N ARG D 475 -23.38 -11.09 22.37
CA ARG D 475 -23.44 -10.31 23.60
C ARG D 475 -22.25 -9.36 23.70
N PHE D 476 -21.06 -9.81 23.28
CA PHE D 476 -19.89 -8.95 23.25
C PHE D 476 -20.08 -7.81 22.24
N CYS D 477 -20.63 -8.12 21.07
CA CYS D 477 -20.85 -7.10 20.06
C CYS D 477 -21.82 -6.04 20.54
N CYS D 478 -22.76 -6.41 21.40
CA CYS D 478 -23.68 -5.41 21.96
C CYS D 478 -22.90 -4.24 22.57
N CYS D 479 -21.89 -4.54 23.36
CA CYS D 479 -21.07 -3.49 23.96
C CYS D 479 -20.13 -2.85 22.95
N VAL D 480 -19.52 -3.65 22.07
CA VAL D 480 -18.52 -3.07 21.17
C VAL D 480 -19.15 -2.10 20.17
N ALA D 481 -20.42 -2.33 19.80
CA ALA D 481 -21.03 -1.57 18.72
C ALA D 481 -21.19 -0.10 19.06
N VAL D 482 -21.55 0.23 20.31
CA VAL D 482 -21.76 1.63 20.66
C VAL D 482 -20.45 2.39 20.56
N ILE D 483 -19.35 1.79 21.03
CA ILE D 483 -18.05 2.44 20.92
C ILE D 483 -17.68 2.63 19.45
N TYR D 484 -17.89 1.58 18.64
CA TYR D 484 -17.53 1.67 17.23
C TYR D 484 -18.33 2.78 16.54
N LEU D 485 -19.63 2.89 16.84
CA LEU D 485 -20.46 3.90 16.20
C LEU D 485 -20.09 5.30 16.68
N GLY D 486 -19.78 5.46 17.97
CA GLY D 486 -19.31 6.74 18.44
C GLY D 486 -18.06 7.20 17.70
N TYR D 487 -17.10 6.29 17.56
CA TYR D 487 -15.89 6.63 16.79
C TYR D 487 -16.24 6.96 15.35
N CYS D 488 -17.14 6.19 14.73
CA CYS D 488 -17.51 6.45 13.35
C CYS D 488 -18.06 7.86 13.17
N PHE D 489 -19.01 8.24 14.01
CA PHE D 489 -19.63 9.56 13.88
C PHE D 489 -18.61 10.67 14.15
N CYS D 490 -17.83 10.53 15.24
CA CYS D 490 -16.85 11.54 15.56
C CYS D 490 -15.86 11.74 14.42
N GLY D 491 -15.31 10.65 13.89
CA GLY D 491 -14.36 10.77 12.80
C GLY D 491 -14.97 11.34 11.54
N TRP D 492 -16.17 10.88 11.20
CA TRP D 492 -16.85 11.36 10.00
C TRP D 492 -17.00 12.88 10.04
N ILE D 493 -17.45 13.41 11.18
CA ILE D 493 -17.77 14.84 11.18
C ILE D 493 -16.54 15.68 11.44
N VAL D 494 -15.61 15.23 12.29
CA VAL D 494 -14.49 16.09 12.65
C VAL D 494 -13.38 16.00 11.61
N LEU D 495 -13.05 14.80 11.14
CA LEU D 495 -11.93 14.61 10.23
C LEU D 495 -12.32 14.56 8.77
N GLY D 496 -13.61 14.38 8.47
CA GLY D 496 -14.05 14.21 7.11
C GLY D 496 -13.65 15.34 6.18
N PRO D 497 -13.81 16.59 6.63
CA PRO D 497 -13.39 17.72 5.78
C PRO D 497 -11.90 17.76 5.50
N TYR D 498 -11.07 17.09 6.32
CA TYR D 498 -9.62 17.14 6.15
C TYR D 498 -9.01 15.85 5.65
N HIS D 499 -9.69 14.71 5.83
CA HIS D 499 -9.13 13.41 5.53
C HIS D 499 -9.91 12.77 4.39
N VAL D 500 -9.20 12.33 3.35
CA VAL D 500 -9.87 11.73 2.19
C VAL D 500 -10.54 10.41 2.53
N LYS D 501 -10.12 9.75 3.60
CA LYS D 501 -10.69 8.47 4.00
C LYS D 501 -11.89 8.62 4.94
N PHE D 502 -12.26 9.85 5.30
CA PHE D 502 -13.36 10.09 6.23
C PHE D 502 -14.48 10.90 5.58
N ARG D 503 -14.58 10.87 4.25
CA ARG D 503 -15.52 11.77 3.57
C ARG D 503 -16.96 11.39 3.85
N SER D 504 -17.28 10.10 3.83
CA SER D 504 -18.64 9.63 4.06
C SER D 504 -18.65 8.61 5.18
N LEU D 505 -19.85 8.29 5.67
CA LEU D 505 -19.98 7.38 6.80
C LEU D 505 -19.56 5.96 6.43
N SER D 506 -19.95 5.49 5.24
CA SER D 506 -19.52 4.17 4.80
C SER D 506 -18.00 4.13 4.60
N MET D 507 -17.43 5.20 4.07
CA MET D 507 -15.98 5.30 3.95
C MET D 507 -15.31 5.26 5.31
N VAL D 508 -15.89 5.96 6.30
CA VAL D 508 -15.32 5.95 7.64
C VAL D 508 -15.37 4.55 8.23
N SER D 509 -16.48 3.85 8.04
CA SER D 509 -16.58 2.48 8.53
C SER D 509 -15.55 1.58 7.88
N GLU D 510 -15.36 1.71 6.56
CA GLU D 510 -14.35 0.92 5.88
C GLU D 510 -12.96 1.22 6.42
N CYS D 511 -12.65 2.51 6.64
CA CYS D 511 -11.33 2.88 7.14
C CYS D 511 -11.07 2.31 8.53
N LEU D 512 -12.06 2.44 9.42
CA LEU D 512 -11.86 1.95 10.78
C LEU D 512 -11.77 0.42 10.80
N PHE D 513 -12.60 -0.26 10.02
CA PHE D 513 -12.54 -1.71 9.94
C PHE D 513 -11.19 -2.18 9.41
N SER D 514 -10.66 -1.49 8.39
CA SER D 514 -9.34 -1.84 7.88
C SER D 514 -8.26 -1.58 8.93
N LEU D 515 -8.39 -0.49 9.69
CA LEU D 515 -7.42 -0.20 10.73
C LEU D 515 -7.40 -1.28 11.79
N ILE D 516 -8.58 -1.77 12.20
CA ILE D 516 -8.61 -2.85 13.19
C ILE D 516 -7.82 -4.05 12.70
N ASN D 517 -7.84 -4.32 11.41
CA ASN D 517 -7.08 -5.40 10.82
C ASN D 517 -5.66 -4.99 10.47
N GLY D 518 -5.21 -3.82 10.91
CA GLY D 518 -3.84 -3.40 10.71
C GLY D 518 -3.51 -2.95 9.31
N ASP D 519 -4.49 -2.57 8.52
CA ASP D 519 -4.29 -2.26 7.11
C ASP D 519 -4.31 -0.75 6.89
N ASP D 520 -3.34 -0.25 6.12
CA ASP D 520 -3.32 1.13 5.65
C ASP D 520 -3.13 2.13 6.79
N MET D 521 -2.41 1.73 7.84
CA MET D 521 -2.27 2.57 9.03
C MET D 521 -1.44 3.82 8.75
N PHE D 522 -0.26 3.64 8.14
CA PHE D 522 0.65 4.76 8.02
C PHE D 522 0.12 5.83 7.07
N VAL D 523 -0.52 5.43 5.98
CA VAL D 523 -1.09 6.43 5.08
C VAL D 523 -2.22 7.18 5.76
N THR D 524 -2.99 6.49 6.61
CA THR D 524 -4.01 7.17 7.40
C THR D 524 -3.38 8.23 8.30
N PHE D 525 -2.26 7.91 8.94
CA PHE D 525 -1.55 8.91 9.74
C PHE D 525 -1.00 10.03 8.87
N ALA D 526 -0.50 9.69 7.67
CA ALA D 526 0.22 10.65 6.85
C ALA D 526 -0.71 11.66 6.19
N ALA D 527 -1.95 11.26 5.91
CA ALA D 527 -2.89 12.19 5.31
C ALA D 527 -3.09 13.43 6.18
N MET D 528 -2.94 13.28 7.50
CA MET D 528 -3.10 14.40 8.42
C MET D 528 -1.83 15.21 8.63
N GLN D 529 -0.68 14.73 8.17
CA GLN D 529 0.56 15.47 8.36
C GLN D 529 0.55 16.82 7.63
N ALA D 530 -0.31 16.96 6.61
CA ALA D 530 -0.42 18.24 5.92
C ALA D 530 -1.14 19.29 6.76
N GLN D 531 -1.91 18.87 7.77
CA GLN D 531 -2.61 19.80 8.64
C GLN D 531 -1.79 20.24 9.84
N GLN D 532 -0.63 19.63 10.09
CA GLN D 532 0.15 19.99 11.26
C GLN D 532 0.60 21.44 11.22
N GLY D 533 0.68 22.05 10.04
CA GLY D 533 1.03 23.45 9.91
C GLY D 533 -0.20 24.34 9.82
N ARG D 534 -1.20 23.90 9.06
CA ARG D 534 -2.39 24.71 8.85
C ARG D 534 -3.29 24.69 10.08
N SER D 535 -3.79 23.51 10.44
CA SER D 535 -4.72 23.34 11.56
C SER D 535 -4.07 22.47 12.63
N SER D 536 -3.33 23.12 13.53
CA SER D 536 -2.58 22.37 14.55
C SER D 536 -3.51 21.62 15.49
N LEU D 537 -4.61 22.26 15.90
CA LEU D 537 -5.52 21.63 16.85
C LEU D 537 -6.19 20.40 16.26
N VAL D 538 -6.61 20.48 15.00
CA VAL D 538 -7.22 19.34 14.34
C VAL D 538 -6.20 18.20 14.20
N TRP D 539 -4.94 18.55 13.94
CA TRP D 539 -3.91 17.53 13.86
C TRP D 539 -3.71 16.83 15.19
N LEU D 540 -3.66 17.58 16.29
CA LEU D 540 -3.51 16.96 17.60
C LEU D 540 -4.70 16.07 17.92
N PHE D 541 -5.92 16.54 17.60
CA PHE D 541 -7.09 15.71 17.83
C PHE D 541 -7.02 14.43 17.02
N SER D 542 -6.57 14.52 15.76
CA SER D 542 -6.45 13.33 14.93
C SER D 542 -5.44 12.36 15.52
N GLN D 543 -4.33 12.87 16.06
CA GLN D 543 -3.36 12.00 16.72
C GLN D 543 -4.03 11.22 17.84
N LEU D 544 -4.73 11.93 18.74
CA LEU D 544 -5.37 11.25 19.86
C LEU D 544 -6.41 10.25 19.38
N TYR D 545 -7.24 10.67 18.42
CA TYR D 545 -8.30 9.82 17.89
C TYR D 545 -7.73 8.52 17.34
N LEU D 546 -6.73 8.62 16.46
CA LEU D 546 -6.21 7.44 15.79
C LEU D 546 -5.49 6.53 16.77
N TYR D 547 -4.62 7.10 17.62
CA TYR D 547 -3.87 6.26 18.55
C TYR D 547 -4.80 5.53 19.49
N SER D 548 -5.78 6.24 20.07
CA SER D 548 -6.69 5.61 21.01
C SER D 548 -7.52 4.53 20.33
N PHE D 549 -8.05 4.82 19.13
CA PHE D 549 -8.86 3.81 18.45
C PHE D 549 -8.05 2.57 18.15
N ILE D 550 -6.86 2.74 17.57
CA ILE D 550 -6.06 1.58 17.19
C ILE D 550 -5.71 0.76 18.41
N SER D 551 -5.23 1.41 19.47
CA SER D 551 -4.85 0.64 20.66
C SER D 551 -6.03 -0.12 21.21
N LEU D 552 -7.15 0.59 21.47
CA LEU D 552 -8.29 -0.04 22.10
C LEU D 552 -8.82 -1.21 21.27
N PHE D 553 -8.94 -1.04 19.96
CA PHE D 553 -9.65 -2.05 19.19
C PHE D 553 -8.73 -3.19 18.78
N ILE D 554 -7.47 -2.93 18.43
CA ILE D 554 -6.59 -4.02 18.05
C ILE D 554 -6.19 -4.84 19.27
N TYR D 555 -5.74 -4.18 20.34
CA TYR D 555 -5.09 -4.92 21.41
C TYR D 555 -6.06 -5.42 22.48
N MET D 556 -7.26 -4.86 22.57
CA MET D 556 -8.18 -5.25 23.64
C MET D 556 -9.48 -5.83 23.11
N VAL D 557 -10.17 -5.17 22.18
CA VAL D 557 -11.44 -5.68 21.70
C VAL D 557 -11.24 -6.94 20.86
N LEU D 558 -10.34 -6.88 19.88
CA LEU D 558 -10.13 -8.01 18.99
C LEU D 558 -9.52 -9.18 19.75
N SER D 559 -8.65 -8.91 20.72
CA SER D 559 -8.09 -9.98 21.54
C SER D 559 -9.20 -10.76 22.22
N LEU D 560 -10.17 -10.06 22.82
CA LEU D 560 -11.26 -10.74 23.51
C LEU D 560 -12.18 -11.46 22.53
N PHE D 561 -12.40 -10.88 21.34
CA PHE D 561 -13.19 -11.56 20.32
C PHE D 561 -12.57 -12.92 19.98
N ILE D 562 -11.27 -12.92 19.66
CA ILE D 562 -10.58 -14.17 19.32
C ILE D 562 -10.57 -15.11 20.52
N ALA D 563 -10.43 -14.56 21.73
CA ALA D 563 -10.44 -15.39 22.92
C ALA D 563 -11.78 -16.11 23.08
N LEU D 564 -12.88 -15.40 22.83
CA LEU D 564 -14.19 -16.04 22.91
C LEU D 564 -14.29 -17.18 21.90
N ILE D 565 -13.84 -16.93 20.67
CA ILE D 565 -13.95 -17.97 19.64
C ILE D 565 -13.11 -19.19 20.00
N THR D 566 -11.87 -18.97 20.45
CA THR D 566 -11.00 -20.11 20.75
C THR D 566 -11.43 -20.82 22.03
N GLY D 567 -12.04 -20.11 22.99
CA GLY D 567 -12.60 -20.78 24.15
C GLY D 567 -13.77 -21.66 23.78
N ALA D 568 -14.64 -21.17 22.88
CA ALA D 568 -15.71 -22.01 22.37
C ALA D 568 -15.14 -23.25 21.69
N TYR D 569 -14.06 -23.09 20.93
CA TYR D 569 -13.41 -24.25 20.33
C TYR D 569 -12.92 -25.22 21.40
N ASP D 570 -12.29 -24.69 22.45
CA ASP D 570 -11.81 -25.54 23.54
C ASP D 570 -12.96 -26.31 24.18
N THR D 571 -14.16 -25.73 24.20
CA THR D 571 -15.30 -26.41 24.80
C THR D 571 -15.72 -27.65 24.01
N ILE D 572 -15.63 -27.59 22.68
CA ILE D 572 -16.07 -28.68 21.82
C ILE D 572 -14.90 -29.50 21.31
N LYS D 573 -13.70 -29.29 21.84
CA LYS D 573 -12.50 -29.92 21.28
C LYS D 573 -12.59 -31.44 21.33
N HIS D 574 -13.05 -31.99 22.44
CA HIS D 574 -13.13 -33.43 22.60
C HIS D 574 -14.59 -33.90 22.61
C1 NAG E . 12.57 34.61 4.10
C2 NAG E . 11.83 33.65 5.04
C3 NAG E . 11.67 34.30 6.41
C4 NAG E . 13.07 34.56 6.94
C5 NAG E . 13.71 35.60 6.01
C6 NAG E . 15.13 35.96 6.37
C7 NAG E . 9.48 34.01 4.33
C8 NAG E . 8.27 33.31 3.79
N2 NAG E . 10.55 33.23 4.52
O3 NAG E . 10.94 33.44 7.24
O4 NAG E . 13.00 34.92 8.30
O5 NAG E . 13.76 35.08 4.69
O6 NAG E . 15.82 34.80 6.77
O7 NAG E . 9.48 35.21 4.59
C1 NAG E . 12.36 36.19 8.56
C2 NAG E . 12.03 36.21 10.06
C3 NAG E . 11.54 37.60 10.50
C4 NAG E . 12.49 38.69 10.01
C5 NAG E . 12.68 38.52 8.50
C6 NAG E . 13.59 39.56 7.88
C7 NAG E . 11.15 34.09 11.05
C8 NAG E . 12.53 33.77 11.59
N2 NAG E . 11.01 35.24 10.35
O3 NAG E . 11.45 37.58 11.89
O4 NAG E . 11.91 39.93 10.35
O5 NAG E . 13.22 37.25 8.25
O6 NAG E . 14.79 39.64 8.62
O7 NAG E . 10.22 33.33 11.24
C1 NAG F . 31.52 2.28 -19.33
C2 NAG F . 31.21 1.87 -17.89
C3 NAG F . 32.49 1.42 -17.20
C4 NAG F . 33.01 0.22 -17.98
C5 NAG F . 33.39 0.73 -19.37
C6 NAG F . 33.92 -0.34 -20.31
C7 NAG F . 31.11 4.08 -16.78
C8 NAG F . 30.20 4.98 -15.97
N2 NAG F . 30.56 2.90 -17.13
O3 NAG F . 32.21 1.10 -15.86
O4 NAG F . 34.05 -0.40 -17.25
O5 NAG F . 32.25 1.28 -20.00
O6 NAG F . 33.17 -1.51 -20.12
O7 NAG F . 32.25 4.39 -17.06
C1 NAG F . 35.25 0.39 -17.11
C2 NAG F . 36.07 -0.26 -15.99
C3 NAG F . 37.48 0.36 -15.89
C4 NAG F . 38.14 0.41 -17.27
C5 NAG F . 37.19 1.11 -18.24
C6 NAG F . 37.74 1.25 -19.64
C7 NAG F . 34.81 -1.07 -13.99
C8 NAG F . 34.85 -2.48 -14.52
N2 NAG F . 35.40 -0.10 -14.73
O3 NAG F . 38.21 -0.42 -14.99
O4 NAG F . 39.36 1.11 -17.11
O5 NAG F . 35.99 0.38 -18.30
O6 NAG F . 38.21 0.00 -20.08
O7 NAG F . 34.26 -0.83 -12.93
C1 NAG G . -8.09 -9.71 -34.82
C2 NAG G . -7.67 -10.52 -33.58
C3 NAG G . -7.66 -12.01 -33.92
C4 NAG G . -9.08 -12.38 -34.31
C5 NAG G . -9.40 -11.61 -35.61
C6 NAG G . -10.80 -11.84 -36.14
C7 NAG G . -5.21 -10.25 -33.67
C8 NAG G . -4.04 -9.74 -32.88
N2 NAG G . -6.39 -10.11 -33.05
O3 NAG G . -7.21 -12.72 -32.81
O4 NAG G . -9.20 -13.78 -34.39
O5 NAG G . -9.29 -10.22 -35.37
O6 NAG G . -11.70 -11.89 -35.06
O7 NAG G . -5.08 -10.75 -34.77
C1 NAG G . -8.44 -14.39 -35.45
C2 NAG G . -8.37 -15.90 -35.14
C3 NAG G . -7.79 -16.69 -36.30
C4 NAG G . -8.47 -16.32 -37.62
C5 NAG G . -8.42 -14.81 -37.78
C6 NAG G . -9.05 -14.30 -39.05
C7 NAG G . -8.00 -16.51 -32.74
C8 NAG G . -9.47 -16.78 -32.56
N2 NAG G . -7.57 -16.11 -33.96
O3 NAG G . -7.94 -18.05 -36.00
O4 NAG G . -7.79 -17.00 -38.65
O5 NAG G . -9.08 -14.21 -36.69
O6 NAG G . -10.34 -14.87 -39.19
O7 NAG G . -7.23 -16.66 -31.80
C1 NAG H . -27.04 22.62 -11.39
C2 NAG H . -27.05 21.27 -10.65
C3 NAG H . -28.48 20.88 -10.31
C4 NAG H . -29.03 21.96 -9.40
C5 NAG H . -29.08 23.25 -10.22
C6 NAG H . -29.58 24.45 -9.45
C7 NAG H . -26.84 19.70 -12.56
C8 NAG H . -25.97 18.61 -13.12
N2 NAG H . -26.40 20.22 -11.40
O3 NAG H . -28.48 19.61 -9.70
O4 NAG H . -30.25 21.54 -8.84
O5 NAG H . -27.78 23.58 -10.66
O6 NAG H . -29.05 24.44 -8.16
O7 NAG H . -27.85 20.06 -13.12
C1 NAG H . -31.33 21.41 -9.78
C2 NAG H . -32.43 20.58 -9.09
C3 NAG H . -33.72 20.54 -9.91
C4 NAG H . -34.12 21.95 -10.34
C5 NAG H . -32.93 22.61 -11.05
C6 NAG H . -33.20 24.01 -11.53
C7 NAG H . -31.65 18.64 -7.71
C8 NAG H . -31.80 19.47 -6.45
N2 NAG H . -31.96 19.23 -8.88
O3 NAG H . -34.70 19.95 -9.11
O4 NAG H . -35.24 21.82 -11.19
O5 NAG H . -31.85 22.66 -10.14
O6 NAG H . -33.77 24.77 -10.49
O7 NAG H . -31.26 17.49 -7.63
C1 EUJ I . -32.53 7.57 40.51
C2 EUJ I . -31.40 6.56 40.36
C3 EUJ I . -30.64 6.41 41.66
C4 EUJ I . -31.57 6.02 42.80
C5 EUJ I . -32.69 7.04 42.95
C6 EUJ I . -33.46 7.18 41.65
O1 EUJ I . -33.30 7.59 39.27
O2 EUJ I . -31.94 5.29 39.97
O3 EUJ I . -29.63 5.36 41.50
O4 EUJ I . -30.82 5.91 44.01
O5 EUJ I . -33.62 6.59 43.99
O6 EUJ I . -34.48 8.18 41.79
P1 EUJ I . -33.05 8.67 38.10
O11 EUJ I . -33.40 8.05 36.77
O12 EUJ I . -31.71 9.32 38.28
O13 EUJ I . -34.19 9.74 38.44
P3 EUJ I . -28.38 5.46 40.49
O31 EUJ I . -28.94 5.57 39.09
O32 EUJ I . -27.57 4.19 40.68
O33 EUJ I . -27.59 6.69 40.89
P5 EUJ I . -33.36 6.84 45.56
O51 EUJ I . -32.00 6.26 45.90
O52 EUJ I . -33.41 8.34 45.76
O53 EUJ I . -34.48 6.13 46.29
C1A EUJ I . -37.03 12.21 38.41
C1B EUJ I . -36.40 14.36 41.65
C1C EUJ I . -34.02 10.63 39.59
C2A EUJ I . -37.36 12.87 37.11
C2B EUJ I . -35.27 14.45 42.65
C2C EUJ I . -35.30 11.38 39.84
C3A EUJ I . -36.87 14.28 37.01
C3B EUJ I . -35.42 15.58 43.62
C3C EUJ I . -35.15 12.46 40.88
C4A EUJ I . -37.18 14.93 35.67
C4B EUJ I . -34.42 15.52 44.75
C5A EUJ I . -38.66 15.00 35.34
C5B EUJ I . -34.64 16.56 45.83
C6A EUJ I . -38.98 15.79 34.10
C6B EUJ I . -33.67 16.45 46.99
C7A EUJ I . -38.38 15.24 32.83
C7B EUJ I . -33.65 15.12 47.69
C8A EUJ I . -38.72 16.05 31.60
C8B EUJ I . -35.01 14.67 48.21
O1A EUJ I . -37.85 11.89 39.24
O1B EUJ I . -37.31 15.15 41.61
O2C EUJ I . -35.73 11.98 38.58
O3C EUJ I . -36.31 13.33 40.81
C1 A1IVC J . 0.80 -2.65 22.11
C3 A1IVC J . 1.88 -1.59 20.17
C7 A1IVC J . 3.83 -1.38 22.69
C8 A1IVC J . 3.38 -1.20 23.98
C10 A1IVC J . 4.40 0.96 24.01
C15 A1IVC J . 3.27 4.04 23.18
C16 A1IVC J . 3.97 4.69 22.16
C19 A1IVC J . 1.33 4.08 21.78
C21 A1IVC J . 1.92 3.74 23.00
C23 A1IVC J . 0.12 3.87 24.71
C24 A1IVC J . -0.41 3.17 25.94
C25 A1IVC J . -0.93 1.78 25.60
C26 A1IVC J . 0.18 0.99 24.96
C27 A1IVC J . 0.72 1.71 23.73
C28 A1IVC J . 4.85 0.79 22.72
C17 A1IVC J . 3.37 5.01 20.98
C18 A1IVC J . 2.05 4.71 20.79
C29 A1IVC J . 4.56 -0.39 22.05
C9 A1IVC J . 3.68 -0.03 24.64
N14 A1IVC J . 3.97 3.76 24.39
N2 A1IVC J . 1.97 -2.59 21.23
N22 A1IVC J . 1.16 3.08 24.04
O12 A1IVC J . 6.11 2.71 24.69
O13 A1IVC J . 4.31 2.22 26.27
O5 A1IVC J . 4.34 -3.07 20.79
O6 A1IVC J . 3.27 -3.90 22.85
S11 A1IVC J . 4.74 2.42 24.93
S4 A1IVC J . 3.43 -2.88 21.87
CL20 A1IVC J . -0.34 3.75 21.42
H32 A1IVC J . 1.01 -3.20 22.89
H31 A1IVC J . 0.05 -3.03 21.63
H30 A1IVC J . 0.58 -1.74 22.41
H34 A1IVC J . 1.14 -0.98 20.36
H33 A1IVC J . 1.73 -2.03 19.31
H35 A1IVC J . 2.72 -1.08 20.13
H36 A1IVC J . 2.87 -1.88 24.41
H39 A1IVC J . 4.89 4.90 22.30
H42 A1IVC J . 0.49 4.74 24.96
H43 A1IVC J . -0.62 4.03 24.08
H45 A1IVC J . 0.30 3.10 26.61
H44 A1IVC J . -1.14 3.70 26.33
H47 A1IVC J . -1.25 1.33 26.40
H46 A1IVC J . -1.68 1.86 24.96
H48 A1IVC J . -0.15 0.10 24.70
H49 A1IVC J . 0.92 0.86 25.61
H50 A1IVC J . 0.02 1.73 23.05
H51 A1IVC J . 1.48 1.20 23.37
H52 A1IVC J . 5.36 1.48 22.29
H40 A1IVC J . 3.87 5.45 20.29
H41 A1IVC J . 1.62 4.93 19.96
H53 A1IVC J . 4.87 -0.52 21.16
H37 A1IVC J . 3.37 0.10 25.54
H38 A1IVC J . 3.97 4.40 24.98
C1 HEX K . -28.78 -0.84 27.09
C2 HEX K . -29.50 -0.62 28.41
C3 HEX K . -29.83 -1.92 29.12
C4 HEX K . -30.59 -1.71 30.43
C5 HEX K . -31.08 -3.01 31.07
C6 HEX K . -31.58 -2.82 32.48
C1 HEX L . -29.80 -7.61 29.93
C2 HEX L . -29.98 -7.47 28.42
C3 HEX L . -29.04 -6.46 27.80
C4 HEX L . -29.42 -6.08 26.38
C5 HEX L . -28.47 -5.08 25.74
C6 HEX L . -28.86 -4.74 24.30
C27 R16 M . 18.10 -9.00 13.73
C28 R16 M . 19.25 -8.90 12.74
C29 R16 M . 19.03 -9.73 11.49
C30 R16 M . 20.17 -9.65 10.48
C31 R16 M . 20.16 -8.37 9.65
C32 R16 M . 21.30 -8.29 8.64
C33 R16 M . 20.96 -8.94 7.30
C34 R16 M . 21.91 -8.53 6.17
C35 R16 M . 21.49 -9.08 4.81
C36 R16 M . 22.52 -8.85 3.70
C37 R16 M . 22.05 -9.38 2.35
C38 R16 M . 23.13 -9.37 1.27
C39 R16 M . 23.55 -7.97 0.83
C40 R16 M . 24.10 -7.94 -0.59
C41 R16 M . 23.03 -8.03 -1.67
C42 R16 M . 22.63 -6.66 -2.22
C1 OCT N . -14.80 4.37 32.59
C2 OCT N . -15.69 4.86 33.72
C3 OCT N . -16.13 3.75 34.65
C4 OCT N . -15.15 3.48 35.79
C5 OCT N . -15.43 2.16 36.51
C6 OCT N . -15.47 2.29 38.02
C7 OCT N . -16.73 2.99 38.54
C8 OCT N . -17.91 2.05 38.69
C1 OCT O . -12.91 9.09 33.97
C2 OCT O . -13.53 8.62 35.28
C3 OCT O . -12.48 8.19 36.30
C4 OCT O . -13.06 7.91 37.68
C5 OCT O . -12.63 6.57 38.26
C6 OCT O . -13.13 6.33 39.67
C7 OCT O . -13.04 4.87 40.11
C8 OCT O . -11.62 4.32 40.04
C1 A1IVC P . 9.69 -14.76 13.59
C3 A1IVC P . 9.55 -13.95 11.27
C7 A1IVC P . 11.11 -16.73 11.31
C8 A1IVC P . 11.95 -17.12 12.33
C10 A1IVC P . 13.80 -17.01 10.82
C15 A1IVC P . 15.93 -14.52 9.99
C16 A1IVC P . 15.94 -14.15 8.64
C19 A1IVC P . 15.19 -12.30 10.52
C21 A1IVC P . 15.56 -13.58 10.96
C23 A1IVC P . 16.57 -13.28 13.21
C24 A1IVC P . 16.64 -13.92 14.58
C25 A1IVC P . 15.28 -13.89 15.26
C26 A1IVC P . 14.28 -14.61 14.37
C27 A1IVC P . 14.23 -13.96 13.00
C28 A1IVC P . 12.96 -16.62 9.79
C17 A1IVC P . 15.56 -12.89 8.25
C18 A1IVC P . 15.19 -11.97 9.19
C29 A1IVC P . 11.61 -16.48 10.04
C9 A1IVC P . 13.30 -17.26 12.08
N14 A1IVC P . 16.35 -15.83 10.32
N2 A1IVC P . 9.27 -15.04 12.21
N22 A1IVC P . 15.56 -13.92 12.36
O12 A1IVC P . 15.66 -17.93 9.36
O13 A1IVC P . 16.07 -17.80 11.77
O5 A1IVC P . 8.67 -16.63 10.43
O6 A1IVC P . 9.07 -17.43 12.73
S11 A1IVC P . 15.53 -17.22 10.59
S4 A1IVC P . 9.40 -16.56 11.66
CL20 A1IVC P . 14.70 -11.05 11.63
H32 A1IVC P . 9.64 -15.58 14.11
H31 A1IVC P . 9.10 -14.10 13.98
H30 A1IVC P . 10.61 -14.43 13.60
H34 A1IVC P . 10.15 -13.30 11.69
H33 A1IVC P . 8.71 -13.50 11.03
H35 A1IVC P . 9.97 -14.31 10.46
H36 A1IVC P . 11.60 -17.29 13.20
H39 A1IVC P . 16.21 -14.79 7.99
H42 A1IVC P . 17.45 -13.35 12.77
H43 A1IVC P . 16.36 -12.32 13.31
H45 A1IVC P . 16.95 -14.84 14.50
H44 A1IVC P . 17.29 -13.43 15.13
H47 A1IVC P . 15.33 -14.32 16.13
H46 A1IVC P . 14.99 -12.95 15.39
H48 A1IVC P . 13.39 -14.56 14.79
H49 A1IVC P . 14.53 -15.55 14.30
H50 A1IVC P . 13.88 -13.06 13.08
H51 A1IVC P . 13.62 -14.48 12.43
H52 A1IVC P . 13.32 -16.46 8.92
H40 A1IVC P . 15.57 -12.66 7.32
H41 A1IVC P . 14.92 -11.09 8.91
H53 A1IVC P . 11.02 -16.21 9.34
H37 A1IVC P . 13.89 -17.53 12.79
H38 A1IVC P . 17.21 -15.94 10.43
C1 EUJ Q . 27.80 1.62 44.54
C2 EUJ Q . 26.85 0.57 43.98
C3 EUJ Q . 27.37 -0.83 44.26
C4 EUJ Q . 27.57 -1.04 45.75
C5 EUJ Q . 28.56 0.00 46.29
C6 EUJ Q . 28.05 1.41 46.04
O1 EUJ Q . 27.19 2.94 44.36
O2 EUJ Q . 25.57 0.74 44.57
O3 EUJ Q . 26.38 -1.81 43.79
O4 EUJ Q . 28.06 -2.36 45.99
O5 EUJ Q . 28.68 -0.19 47.74
O6 EUJ Q . 28.99 2.36 46.50
P1 EUJ Q . 27.44 3.86 43.07
O11 EUJ Q . 26.19 4.62 42.75
O12 EUJ Q . 28.10 3.04 41.98
O13 EUJ Q . 28.51 4.90 43.65
P3 EUJ Q . 26.00 -2.01 42.23
O31 EUJ Q . 25.42 -0.70 41.73
O32 EUJ Q . 24.97 -3.14 42.20
O33 EUJ Q . 27.28 -2.39 41.52
P5 EUJ Q . 30.00 -0.83 48.42
O51 EUJ Q . 30.25 -2.19 47.77
O52 EUJ Q . 31.13 0.14 48.16
O53 EUJ Q . 29.70 -0.95 49.90
C1A EUJ Q . 30.52 7.90 44.75
C1B EUJ Q . 34.09 6.37 45.45
C1C EUJ Q . 29.88 4.45 43.89
C2A EUJ Q . 30.36 9.17 43.96
C2B EUJ Q . 34.72 5.02 45.20
C2C EUJ Q . 30.62 5.51 44.68
C3A EUJ Q . 31.50 9.43 43.03
C3B EUJ Q . 36.19 5.00 45.47
C3C EUJ Q . 32.10 5.21 44.80
C4A EUJ Q . 31.32 10.70 42.22
C4B EUJ Q . 36.77 3.60 45.45
C5A EUJ Q . 31.19 11.96 43.04
C5B EUJ Q . 38.22 3.51 45.87
C6A EUJ Q . 31.18 13.24 42.23
C6B EUJ Q . 38.77 2.10 45.91
C7A EUJ Q . 30.04 13.36 41.27
C7B EUJ Q . 38.01 1.15 46.80
C8A EUJ Q . 30.06 14.64 40.46
C8B EUJ Q . 37.90 1.61 48.23
O1A EUJ Q . 30.68 7.86 45.94
O1B EUJ Q . 34.72 7.35 45.79
O2C EUJ Q . 30.44 6.78 44.00
O3C EUJ Q . 32.78 6.41 45.26
C1 HEX R . 13.52 3.75 36.95
C2 HEX R . 14.41 3.55 38.17
C3 HEX R . 13.69 2.85 39.32
C4 HEX R . 14.56 2.68 40.56
C5 HEX R . 13.81 2.14 41.76
C6 HEX R . 14.73 1.72 42.90
C1 HEX S . 9.34 0.12 41.89
C2 HEX S . 8.63 1.19 41.08
C3 HEX S . 9.17 1.30 39.65
C4 HEX S . 8.72 2.56 38.94
C5 HEX S . 9.22 2.67 37.51
C6 HEX S . 8.73 3.93 36.80
C27 R16 T . 0.04 -24.39 -1.38
C28 R16 T . -0.39 -24.58 -2.82
C29 R16 T . -1.78 -24.01 -3.10
C30 R16 T . -2.24 -24.18 -4.54
C31 R16 T . -1.60 -23.18 -5.50
C32 R16 T . -2.06 -23.33 -6.94
C33 R16 T . -3.34 -22.55 -7.27
C34 R16 T . -3.59 -22.39 -8.77
C35 R16 T . -4.79 -21.50 -9.07
C36 R16 T . -5.17 -21.47 -10.55
C37 R16 T . -6.35 -20.55 -10.83
C38 R16 T . -6.90 -20.66 -12.25
C39 R16 T . -5.96 -20.14 -13.33
C40 R16 T . -6.68 -19.67 -14.58
C41 R16 T . -7.36 -18.31 -14.43
C42 R16 T . -6.53 -17.16 -14.97
C1 OCT U . 21.05 -7.30 28.35
C2 OCT U . 22.07 -7.17 29.47
C3 OCT U . 21.62 -7.85 30.76
C4 OCT U . 22.02 -9.31 30.85
C5 OCT U . 21.28 -10.07 31.95
C6 OCT U . 22.20 -10.88 32.85
C7 OCT U . 23.07 -10.03 33.78
C8 OCT U . 22.35 -9.65 35.07
C1 OCT V . 25.79 -7.61 26.08
C2 OCT V . 26.10 -8.14 27.46
C3 OCT V . 26.31 -9.64 27.49
C4 OCT V . 26.80 -10.17 28.84
C5 OCT V . 25.98 -11.35 29.36
C6 OCT V . 26.52 -11.91 30.66
C7 OCT V . 25.53 -12.82 31.39
C8 OCT V . 25.07 -13.99 30.54
C1 A1IVC W . -5.00 -20.67 6.67
C3 A1IVC W . -5.56 -18.87 5.08
C7 A1IVC W . -7.86 -21.08 5.03
C8 A1IVC W . -7.63 -22.43 5.19
C10 A1IVC W . -8.32 -22.79 2.93
C15 A1IVC W . -6.65 -22.82 -0.02
C16 A1IVC W . -7.06 -21.87 -0.96
C19 A1IVC W . -4.50 -21.74 0.01
C21 A1IVC W . -5.34 -22.77 0.48
C23 A1IVC W . -3.86 -24.69 0.99
C24 A1IVC W . -3.66 -25.80 2.00
C25 A1IVC W . -3.29 -25.24 3.36
C26 A1IVC W . -4.38 -24.29 3.81
C27 A1IVC W . -4.59 -23.19 2.79
C28 A1IVC W . -8.56 -21.43 2.76
C17 A1IVC W . -6.22 -20.88 -1.39
C18 A1IVC W . -4.94 -20.81 -0.91
C29 A1IVC W . -8.34 -20.58 3.82
C9 A1IVC W . -7.87 -23.29 4.13
N14 A1IVC W . -7.58 -23.81 0.37
N2 A1IVC W . -5.97 -19.66 6.24
N22 A1IVC W . -4.87 -23.72 1.44
O12 A1IVC W . -9.86 -23.58 1.07
O13 A1IVC W . -8.45 -25.25 2.16
O5 A1IVC W . -8.28 -18.80 6.20
O6 A1IVC W . -7.71 -20.76 7.59
S11 A1IVC W . -8.61 -23.94 1.63
S4 A1IVC W . -7.56 -20.02 6.39
CL20 A1IVC W . -2.86 -21.56 0.56
H32 A1IVC W . -5.41 -21.27 7.31
H31 A1IVC W . -4.24 -20.23 7.08
H30 A1IVC W . -4.70 -21.17 5.89
H34 A1IVC W . -4.78 -19.29 4.66
H33 A1IVC W . -5.33 -17.96 5.37
H35 A1IVC W . -6.30 -18.82 4.44
H36 A1IVC W . -7.31 -22.77 6.02
H39 A1IVC W . -7.95 -21.92 -1.30
H42 A1IVC W . -4.14 -25.07 0.13
H43 A1IVC W . -3.01 -24.22 0.84
H45 A1IVC W . -4.48 -26.33 2.07
H44 A1IVC W . -2.94 -26.40 1.68
H47 A1IVC W . -3.19 -25.97 4.00
H46 A1IVC W . -2.44 -24.75 3.29
H48 A1IVC W . -4.13 -23.90 4.67
H49 A1IVC W . -5.22 -24.79 3.94
H50 A1IVC W . -3.78 -22.64 2.75
H51 A1IVC W . -5.34 -22.62 3.07
H52 A1IVC W . -8.89 -21.10 1.94
H40 A1IVC W . -6.53 -20.24 -2.04
H41 A1IVC W . -4.35 -20.12 -1.21
H53 A1IVC W . -8.49 -19.63 3.72
H37 A1IVC W . -7.70 -24.22 4.23
H38 A1IVC W . -7.59 -24.53 -0.13
C1 EUJ X . 25.75 -45.35 6.13
C2 EUJ X . 24.53 -44.83 6.88
C3 EUJ X . 23.53 -45.95 7.13
C4 EUJ X . 24.19 -47.10 7.89
C5 EUJ X . 25.40 -47.61 7.13
C6 EUJ X . 26.41 -46.50 6.88
O1 EUJ X . 26.72 -44.25 6.00
O2 EUJ X . 24.94 -44.25 8.12
O3 EUJ X . 22.43 -45.43 7.94
O4 EUJ X . 23.25 -48.14 8.10
O5 EUJ X . 26.06 -48.65 7.93
O6 EUJ X . 27.50 -46.99 6.14
P1 EUJ X . 26.83 -43.33 4.69
O11 EUJ X . 27.31 -41.98 5.10
O12 EUJ X . 25.58 -43.46 3.86
O13 EUJ X . 28.03 -44.06 3.92
P3 EUJ X . 21.40 -44.28 7.43
O31 EUJ X . 22.21 -43.04 7.16
O32 EUJ X . 20.40 -44.08 8.55
O33 EUJ X . 20.75 -44.84 6.18
P5 EUJ X . 25.57 -50.18 7.95
O51 EUJ X . 24.10 -50.19 8.33
O52 EUJ X . 25.79 -50.72 6.55
O53 EUJ X . 26.43 -50.90 8.97
C1A EUJ X . 31.16 -44.97 2.01
C1B EUJ X . 30.27 -48.48 0.45
C1C EUJ X . 27.78 -45.33 3.25
C2A EUJ X . 31.79 -43.89 1.19
C2B EUJ X . 29.01 -49.29 0.36
C2C EUJ X . 29.09 -45.92 2.80
C3A EUJ X . 31.52 -44.03 -0.28
C3B EUJ X . 29.15 -50.50 -0.52
C3C EUJ X . 28.92 -47.14 1.92
C4A EUJ X . 32.15 -42.93 -1.11
C4B EUJ X . 27.96 -51.43 -0.42
C5A EUJ X . 33.66 -42.83 -0.99
C5B EUJ X . 28.13 -52.74 -1.17
C6A EUJ X . 34.30 -41.84 -1.94
C6B EUJ X . 26.98 -53.70 -1.01
C7A EUJ X . 33.87 -40.42 -1.74
C7B EUJ X . 26.65 -54.08 0.41
C8A EUJ X . 34.51 -39.46 -2.71
C8B EUJ X . 27.82 -54.68 1.16
O1A EUJ X . 31.77 -45.80 2.62
O1B EUJ X . 31.28 -48.74 -0.16
O2C EUJ X . 29.82 -44.90 2.05
O3C EUJ X . 30.18 -47.42 1.27
C1 HEX Y . 23.20 -29.93 10.93
C2 HEX Y . 23.71 -31.34 11.10
C3 HEX Y . 23.75 -31.80 12.55
C4 HEX Y . 24.29 -33.21 12.72
C5 HEX Y . 24.42 -33.63 14.18
C6 HEX Y . 24.54 -35.14 14.34
C1 HEX Z . 22.78 -31.45 18.28
C2 HEX Z . 23.24 -30.04 17.89
C3 HEX Z . 22.57 -29.53 16.62
C4 HEX Z . 23.25 -28.30 16.05
C5 HEX Z . 22.57 -27.75 14.79
C6 HEX Z . 23.24 -26.49 14.26
C27 R16 AA . -21.29 -8.77 8.19
C28 R16 AA . -22.23 -7.66 7.70
C29 R16 AA . -21.91 -6.30 8.31
C30 R16 AA . -22.84 -5.20 7.84
C31 R16 AA . -22.51 -4.67 6.45
C32 R16 AA . -23.42 -3.55 5.98
C33 R16 AA . -22.97 -2.16 6.41
C34 R16 AA . -23.63 -1.03 5.63
C35 R16 AA . -23.06 0.34 5.98
C36 R16 AA . -23.83 1.50 5.35
C37 R16 AA . -23.21 2.86 5.67
C38 R16 AA . -24.09 4.05 5.28
C39 R16 AA . -24.22 4.24 3.77
C40 R16 AA . -24.51 5.69 3.37
C41 R16 AA . -23.29 6.60 3.43
C42 R16 AA . -22.61 6.76 2.08
C1 OCT BA . 9.39 -34.49 4.60
C2 OCT BA . 10.13 -35.81 4.50
C3 OCT BA . 10.23 -36.54 5.82
C4 OCT BA . 9.07 -37.46 6.11
C5 OCT BA . 9.00 -37.93 7.56
C6 OCT BA . 8.85 -39.44 7.72
C7 OCT BA . 10.12 -40.21 7.46
C8 OCT BA . 11.02 -40.31 8.68
C1 OCT CA . 7.95 -36.61 -0.02
C2 OCT CA . 8.27 -37.85 0.80
C3 OCT CA . 7.02 -38.59 1.24
C4 OCT CA . 7.30 -39.95 1.88
C5 OCT CA . 6.58 -40.16 3.20
C6 OCT CA . 6.79 -41.55 3.79
C7 OCT CA . 6.39 -41.66 5.26
C8 OCT CA . 4.96 -41.25 5.52
C1 A1IVC DA . -13.88 -8.55 15.19
C3 A1IVC DA . -13.23 -6.51 13.98
C7 A1IVC DA . -15.15 -5.72 16.41
C8 A1IVC DA . -16.20 -6.51 16.84
C10 A1IVC DA . -17.73 -4.81 16.11
C15 A1IVC DA . -19.32 -4.25 13.18
C16 A1IVC DA . -19.03 -3.03 12.56
C19 A1IVC DA . -18.36 -5.35 11.27
C21 A1IVC DA . -18.99 -5.45 12.52
C23 A1IVC DA . -20.31 -7.54 12.49
C24 A1IVC DA . -20.71 -8.71 13.36
C25 A1IVC DA . -19.50 -9.57 13.70
C26 A1IVC DA . -18.47 -8.71 14.39
C27 A1IVC DA . -18.09 -7.52 13.52
C28 A1IVC DA . -16.68 -4.02 15.69
C17 A1IVC DA . -18.42 -2.97 11.34
C18 A1IVC DA . -18.09 -4.13 10.69
C29 A1IVC DA . -15.37 -4.48 15.83
C9 A1IVC DA . -17.49 -6.04 16.69
N14 A1IVC DA . -19.96 -4.22 14.44
N2 A1IVC DA . -13.27 -7.22 15.26
N22 A1IVC DA . -19.27 -6.72 13.12
O12 A1IVC DA . -19.41 -2.94 16.40
O13 A1IVC DA . -20.21 -5.23 16.66
O5 A1IVC DA . -12.60 -5.25 16.56
O6 A1IVC DA . -13.50 -7.24 17.70
S11 A1IVC DA . -19.40 -4.30 15.97
S4 A1IVC DA . -13.52 -6.34 16.60
CL20 A1IVC DA . -17.90 -6.76 10.36
H32 A1IVC DA . -14.04 -8.89 16.09
H31 A1IVC DA . -13.29 -9.15 14.72
H30 A1IVC DA . -14.73 -8.49 14.72
H34 A1IVC DA . -13.80 -6.96 13.33
H33 A1IVC DA . -12.31 -6.49 13.65
H35 A1IVC DA . -13.54 -5.59 14.11
H36 A1IVC DA . -16.03 -7.36 17.22
H39 A1IVC DA . -19.26 -2.22 13.01
H42 A1IVC DA . -21.10 -6.98 12.32
H43 A1IVC DA . -19.99 -7.87 11.62
H45 A1IVC DA . -21.13 -8.39 14.18
H44 A1IVC DA . -21.37 -9.26 12.88
H47 A1IVC DA . -19.77 -10.31 14.27
H46 A1IVC DA . -19.12 -9.94 12.87
H48 A1IVC DA . -17.67 -9.23 14.58
H49 A1IVC DA . -18.83 -8.38 15.25
H50 A1IVC DA . -17.63 -7.85 12.72
H51 A1IVC DA . -17.47 -6.94 14.01
H52 A1IVC DA . -16.84 -3.17 15.29
H40 A1IVC DA . -18.23 -2.13 10.93
H41 A1IVC DA . -17.66 -4.10 9.83
H53 A1IVC DA . -14.64 -3.94 15.54
H37 A1IVC DA . -18.22 -6.59 16.98
H38 A1IVC DA . -20.83 -4.19 14.41
C1 EUJ EA . -34.58 -39.45 2.12
C2 EUJ EA . -33.75 -38.83 3.23
C3 EUJ EA . -34.56 -38.74 4.51
C4 EUJ EA . -35.11 -40.10 4.92
C5 EUJ EA . -35.95 -40.69 3.80
C6 EUJ EA . -35.13 -40.81 2.52
O1 EUJ EA . -33.72 -39.62 0.94
O2 EUJ EA . -32.59 -39.64 3.46
O3 EUJ EA . -33.70 -38.24 5.59
O4 EUJ EA . -35.89 -39.97 6.11
O5 EUJ EA . -36.37 -42.04 4.19
O6 EUJ EA . -35.94 -41.33 1.47
P1 EUJ EA . -33.64 -38.56 -0.26
O11 EUJ EA . -32.27 -38.61 -0.86
O12 EUJ EA . -34.21 -37.24 0.20
O13 EUJ EA . -34.66 -39.22 -1.31
P3 EUJ EA . -33.03 -36.77 5.59
O31 EUJ EA . -32.12 -36.68 4.39
O32 EUJ EA . -32.26 -36.66 6.89
O33 EUJ EA . -34.17 -35.78 5.53
P5 EUJ EA . -37.67 -42.31 5.12
O51 EUJ EA . -37.50 -41.51 6.38
O52 EUJ EA . -38.87 -41.86 4.31
O53 EUJ EA . -37.70 -43.81 5.38
C1A EUJ EA . -36.41 -40.65 -4.32
C1B EUJ EA . -40.21 -40.48 -3.33
C1C EUJ EA . -36.08 -39.14 -1.06
C2A EUJ EA . -35.94 -40.19 -5.67
C2B EUJ EA . -40.97 -39.86 -2.18
C2C EUJ EA . -36.81 -40.03 -2.04
C3A EUJ EA . -36.85 -39.18 -6.31
C3B EUJ EA . -42.45 -39.90 -2.36
C3C EUJ EA . -38.31 -39.87 -1.99
C4A EUJ EA . -36.35 -38.70 -7.66
C4B EUJ EA . -43.20 -39.49 -1.11
C5A EUJ EA . -36.19 -39.79 -8.70
C5B EUJ EA . -44.70 -39.68 -1.20
C6A EUJ EA . -35.86 -39.28 -10.08
C6B EUJ EA . -45.44 -39.34 0.07
C7A EUJ EA . -34.56 -38.53 -10.19
C7B EUJ EA . -45.00 -40.11 1.30
C8A EUJ EA . -34.26 -38.04 -11.58
C8B EUJ EA . -45.08 -41.61 1.14
O1A EUJ EA . -36.77 -41.77 -4.08
O1B EUJ EA . -40.75 -40.93 -4.30
O2C EUJ EA . -36.34 -39.70 -3.38
O3C EUJ EA . -38.88 -40.49 -3.17
C1 HEX FA . -19.07 -34.60 1.13
C2 HEX FA . -20.18 -35.61 1.41
C3 HEX FA . -19.77 -36.67 2.43
C4 HEX FA . -20.86 -37.71 2.68
C5 HEX FA . -20.41 -38.86 3.56
C6 HEX FA . -21.56 -39.73 4.04
C1 HEX GA . -16.36 -39.17 6.32
C2 HEX GA . -15.38 -38.71 5.24
C3 HEX GA . -15.64 -37.29 4.78
C4 HEX GA . -14.90 -36.94 3.50
C5 HEX GA . -15.12 -35.52 3.03
C6 HEX GA . -14.34 -35.17 1.76
C27 R16 HA . -3.24 6.64 23.29
C28 R16 HA . -2.59 8.02 23.27
C29 R16 HA . -1.11 7.96 22.90
C30 R16 HA . -0.43 9.33 22.87
C31 R16 HA . -0.75 10.13 21.61
C32 R16 HA . -0.06 11.50 21.56
C33 R16 HA . 1.34 11.46 20.97
C34 R16 HA . 1.87 12.83 20.58
C35 R16 HA . 3.22 12.77 19.86
C36 R16 HA . 3.85 14.14 19.60
C37 R16 HA . 5.18 14.03 18.86
C38 R16 HA . 5.96 15.35 18.81
C39 R16 HA . 5.30 16.41 17.93
C40 R16 HA . 6.30 17.42 17.36
C41 R16 HA . 7.11 16.88 16.19
C42 R16 HA . 6.54 17.27 14.84
C1 OCT IA . -26.47 -22.83 8.85
C2 OCT IA . -27.64 -23.80 8.75
C3 OCT IA . -27.52 -24.96 9.74
C4 OCT IA . -28.13 -24.67 11.10
C5 OCT IA . -27.72 -25.68 12.17
C6 OCT IA . -28.89 -26.23 12.96
C7 OCT IA . -29.76 -27.20 12.18
C8 OCT IA . -29.22 -28.62 12.19
C1 OCT JA . -30.74 -19.90 7.88
C2 OCT JA . -31.36 -21.10 8.61
C3 OCT JA . -31.76 -20.76 10.04
C4 OCT JA . -32.56 -21.87 10.71
C5 OCT JA . -32.02 -22.24 12.09
C6 OCT JA . -32.86 -23.29 12.80
C7 OCT JA . -32.15 -23.94 13.99
C8 OCT JA . -31.71 -22.94 15.04
#